data_2DYC
# 
_entry.id   2DYC 
# 
_audit_conform.dict_name       mmcif_pdbx.dic 
_audit_conform.dict_version    5.397 
_audit_conform.dict_location   http://mmcif.pdb.org/dictionaries/ascii/mmcif_pdbx.dic 
# 
loop_
_database_2.database_id 
_database_2.database_code 
_database_2.pdbx_database_accession 
_database_2.pdbx_DOI 
PDB   2DYC         pdb_00002dyc 10.2210/pdb2dyc/pdb 
RCSB  RCSB025995   ?            ?                   
WWPDB D_1000025995 ?            ?                   
# 
loop_
_pdbx_audit_revision_history.ordinal 
_pdbx_audit_revision_history.data_content_type 
_pdbx_audit_revision_history.major_revision 
_pdbx_audit_revision_history.minor_revision 
_pdbx_audit_revision_history.revision_date 
1 'Structure model' 1 0 2007-10-16 
2 'Structure model' 1 1 2011-07-13 
3 'Structure model' 1 2 2024-10-09 
# 
_pdbx_audit_revision_details.ordinal             1 
_pdbx_audit_revision_details.revision_ordinal    1 
_pdbx_audit_revision_details.data_content_type   'Structure model' 
_pdbx_audit_revision_details.provider            repository 
_pdbx_audit_revision_details.type                'Initial release' 
_pdbx_audit_revision_details.description         ? 
_pdbx_audit_revision_details.details             ? 
# 
loop_
_pdbx_audit_revision_group.ordinal 
_pdbx_audit_revision_group.revision_ordinal 
_pdbx_audit_revision_group.data_content_type 
_pdbx_audit_revision_group.group 
1 2 'Structure model' 'Derived calculations'      
2 2 'Structure model' 'Version format compliance' 
3 3 'Structure model' 'Data collection'           
4 3 'Structure model' 'Database references'       
5 3 'Structure model' 'Derived calculations'      
6 3 'Structure model' 'Structure summary'         
# 
loop_
_pdbx_audit_revision_category.ordinal 
_pdbx_audit_revision_category.revision_ordinal 
_pdbx_audit_revision_category.data_content_type 
_pdbx_audit_revision_category.category 
1 3 'Structure model' chem_comp_atom            
2 3 'Structure model' chem_comp_bond            
3 3 'Structure model' database_2                
4 3 'Structure model' pdbx_entry_details        
5 3 'Structure model' pdbx_modification_feature 
6 3 'Structure model' struct_conn               
7 3 'Structure model' struct_ref_seq_dif        
# 
loop_
_pdbx_audit_revision_item.ordinal 
_pdbx_audit_revision_item.revision_ordinal 
_pdbx_audit_revision_item.data_content_type 
_pdbx_audit_revision_item.item 
1 3 'Structure model' '_database_2.pdbx_DOI'                
2 3 'Structure model' '_database_2.pdbx_database_accession' 
3 3 'Structure model' '_struct_conn.pdbx_leaving_atom_flag' 
4 3 'Structure model' '_struct_ref_seq_dif.details'         
# 
_pdbx_database_status.status_code                     REL 
_pdbx_database_status.entry_id                        2DYC 
_pdbx_database_status.recvd_initial_deposition_date   2006-09-08 
_pdbx_database_status.deposit_site                    PDBJ 
_pdbx_database_status.process_site                    PDBJ 
_pdbx_database_status.status_code_sf                  REL 
_pdbx_database_status.status_code_mr                  ? 
_pdbx_database_status.SG_entry                        Y 
_pdbx_database_status.pdb_format_compatible           Y 
_pdbx_database_status.status_code_cs                  ? 
_pdbx_database_status.status_code_nmr_data            ? 
_pdbx_database_status.methods_development_category    ? 
# 
_pdbx_database_related.db_name        TargetDB 
_pdbx_database_related.db_id          mmi002019836.1 
_pdbx_database_related.details        . 
_pdbx_database_related.content_type   unspecified 
# 
loop_
_audit_author.name 
_audit_author.pdbx_ordinal 
'Kato-Murayama, M.'                                      1 
'Murayama, K.'                                           2 
'Terada, T.'                                             3 
'Shirouzu, M.'                                           4 
'Yokoyama, S.'                                           5 
'RIKEN Structural Genomics/Proteomics Initiative (RSGI)' 6 
# 
_citation.id                        primary 
_citation.title                     'Crystal structure of the N-terminal domain of mouse galectin-4' 
_citation.journal_abbrev            'To be Published' 
_citation.journal_volume            ? 
_citation.page_first                ? 
_citation.page_last                 ? 
_citation.year                      ? 
_citation.journal_id_ASTM           ? 
_citation.country                   ? 
_citation.journal_id_ISSN           ? 
_citation.journal_id_CSD            0353 
_citation.book_publisher            ? 
_citation.pdbx_database_id_PubMed   ? 
_citation.pdbx_database_id_DOI      ? 
# 
loop_
_citation_author.citation_id 
_citation_author.name 
_citation_author.ordinal 
_citation_author.identifier_ORCID 
primary 'Kato-Murayama, M.' 1 ? 
primary 'Murayama, K.'      2 ? 
primary 'Terada, T.'        3 ? 
primary 'Shirouzu, M.'      4 ? 
primary 'Yokoyama, S.'      5 ? 
# 
loop_
_entity.id 
_entity.type 
_entity.src_method 
_entity.pdbx_description 
_entity.formula_weight 
_entity.pdbx_number_of_molecules 
_entity.pdbx_ec 
_entity.pdbx_mutation 
_entity.pdbx_fragment 
_entity.details 
1 polymer man Galectin-4 18149.283 1  ? ? 'residues 9-159' ? 
2 water   nat water      18.015    81 ? ? ?                ? 
# 
_entity_name_com.entity_id   1 
_entity_name_com.name        'Lactose-binding lectin 4' 
# 
_entity_poly.entity_id                      1 
_entity_poly.type                           'polypeptide(L)' 
_entity_poly.nstd_linkage                   no 
_entity_poly.nstd_monomer                   yes 
_entity_poly.pdbx_seq_one_letter_code       
;GSSGSSGYQPTYNPTLPYKRPIPGGLSVG(MSE)SVYIQG(MSE)AKEN(MSE)RRFHVNFAVGQDDGADVAFHFNPRFD
GWDKVVFNT(MSE)QSGQWGKEEKKKS(MSE)PFQKGKHFELVF(MSE)V(MSE)PEHYKVVVNGNSFYEYGHRLPVQ
(MSE)VTHLQVDGDLELQSINFLGGQPAAAPY
;
_entity_poly.pdbx_seq_one_letter_code_can   
;GSSGSSGYQPTYNPTLPYKRPIPGGLSVGMSVYIQGMAKENMRRFHVNFAVGQDDGADVAFHFNPRFDGWDKVVFNTMQS
GQWGKEEKKKSMPFQKGKHFELVFMVMPEHYKVVVNGNSFYEYGHRLPVQMVTHLQVDGDLELQSINFLGGQPAAAPY
;
_entity_poly.pdbx_strand_id                 A 
_entity_poly.pdbx_target_identifier         mmi002019836.1 
# 
_pdbx_entity_nonpoly.entity_id   2 
_pdbx_entity_nonpoly.name        water 
_pdbx_entity_nonpoly.comp_id     HOH 
# 
loop_
_entity_poly_seq.entity_id 
_entity_poly_seq.num 
_entity_poly_seq.mon_id 
_entity_poly_seq.hetero 
1 1   GLY n 
1 2   SER n 
1 3   SER n 
1 4   GLY n 
1 5   SER n 
1 6   SER n 
1 7   GLY n 
1 8   TYR n 
1 9   GLN n 
1 10  PRO n 
1 11  THR n 
1 12  TYR n 
1 13  ASN n 
1 14  PRO n 
1 15  THR n 
1 16  LEU n 
1 17  PRO n 
1 18  TYR n 
1 19  LYS n 
1 20  ARG n 
1 21  PRO n 
1 22  ILE n 
1 23  PRO n 
1 24  GLY n 
1 25  GLY n 
1 26  LEU n 
1 27  SER n 
1 28  VAL n 
1 29  GLY n 
1 30  MSE n 
1 31  SER n 
1 32  VAL n 
1 33  TYR n 
1 34  ILE n 
1 35  GLN n 
1 36  GLY n 
1 37  MSE n 
1 38  ALA n 
1 39  LYS n 
1 40  GLU n 
1 41  ASN n 
1 42  MSE n 
1 43  ARG n 
1 44  ARG n 
1 45  PHE n 
1 46  HIS n 
1 47  VAL n 
1 48  ASN n 
1 49  PHE n 
1 50  ALA n 
1 51  VAL n 
1 52  GLY n 
1 53  GLN n 
1 54  ASP n 
1 55  ASP n 
1 56  GLY n 
1 57  ALA n 
1 58  ASP n 
1 59  VAL n 
1 60  ALA n 
1 61  PHE n 
1 62  HIS n 
1 63  PHE n 
1 64  ASN n 
1 65  PRO n 
1 66  ARG n 
1 67  PHE n 
1 68  ASP n 
1 69  GLY n 
1 70  TRP n 
1 71  ASP n 
1 72  LYS n 
1 73  VAL n 
1 74  VAL n 
1 75  PHE n 
1 76  ASN n 
1 77  THR n 
1 78  MSE n 
1 79  GLN n 
1 80  SER n 
1 81  GLY n 
1 82  GLN n 
1 83  TRP n 
1 84  GLY n 
1 85  LYS n 
1 86  GLU n 
1 87  GLU n 
1 88  LYS n 
1 89  LYS n 
1 90  LYS n 
1 91  SER n 
1 92  MSE n 
1 93  PRO n 
1 94  PHE n 
1 95  GLN n 
1 96  LYS n 
1 97  GLY n 
1 98  LYS n 
1 99  HIS n 
1 100 PHE n 
1 101 GLU n 
1 102 LEU n 
1 103 VAL n 
1 104 PHE n 
1 105 MSE n 
1 106 VAL n 
1 107 MSE n 
1 108 PRO n 
1 109 GLU n 
1 110 HIS n 
1 111 TYR n 
1 112 LYS n 
1 113 VAL n 
1 114 VAL n 
1 115 VAL n 
1 116 ASN n 
1 117 GLY n 
1 118 ASN n 
1 119 SER n 
1 120 PHE n 
1 121 TYR n 
1 122 GLU n 
1 123 TYR n 
1 124 GLY n 
1 125 HIS n 
1 126 ARG n 
1 127 LEU n 
1 128 PRO n 
1 129 VAL n 
1 130 GLN n 
1 131 MSE n 
1 132 VAL n 
1 133 THR n 
1 134 HIS n 
1 135 LEU n 
1 136 GLN n 
1 137 VAL n 
1 138 ASP n 
1 139 GLY n 
1 140 ASP n 
1 141 LEU n 
1 142 GLU n 
1 143 LEU n 
1 144 GLN n 
1 145 SER n 
1 146 ILE n 
1 147 ASN n 
1 148 PHE n 
1 149 LEU n 
1 150 GLY n 
1 151 GLY n 
1 152 GLN n 
1 153 PRO n 
1 154 ALA n 
1 155 ALA n 
1 156 ALA n 
1 157 PRO n 
1 158 TYR n 
# 
_entity_src_gen.entity_id                          1 
_entity_src_gen.pdbx_src_id                        1 
_entity_src_gen.pdbx_alt_source_flag               sample 
_entity_src_gen.pdbx_seq_type                      ? 
_entity_src_gen.pdbx_beg_seq_num                   ? 
_entity_src_gen.pdbx_end_seq_num                   ? 
_entity_src_gen.gene_src_common_name               'house mouse' 
_entity_src_gen.gene_src_genus                     Mus 
_entity_src_gen.pdbx_gene_src_gene                 ? 
_entity_src_gen.gene_src_species                   ? 
_entity_src_gen.gene_src_strain                    ? 
_entity_src_gen.gene_src_tissue                    ? 
_entity_src_gen.gene_src_tissue_fraction           ? 
_entity_src_gen.gene_src_details                   ? 
_entity_src_gen.pdbx_gene_src_fragment             ? 
_entity_src_gen.pdbx_gene_src_scientific_name      'Mus musculus' 
_entity_src_gen.pdbx_gene_src_ncbi_taxonomy_id     10090 
_entity_src_gen.pdbx_gene_src_variant              ? 
_entity_src_gen.pdbx_gene_src_cell_line            ? 
_entity_src_gen.pdbx_gene_src_atcc                 ? 
_entity_src_gen.pdbx_gene_src_organ                ? 
_entity_src_gen.pdbx_gene_src_organelle            ? 
_entity_src_gen.pdbx_gene_src_cell                 ? 
_entity_src_gen.pdbx_gene_src_cellular_location    ? 
_entity_src_gen.host_org_common_name               ? 
_entity_src_gen.pdbx_host_org_scientific_name      ? 
_entity_src_gen.pdbx_host_org_ncbi_taxonomy_id     ? 
_entity_src_gen.host_org_genus                     ? 
_entity_src_gen.pdbx_host_org_gene                 ? 
_entity_src_gen.pdbx_host_org_organ                ? 
_entity_src_gen.host_org_species                   ? 
_entity_src_gen.pdbx_host_org_tissue               ? 
_entity_src_gen.pdbx_host_org_tissue_fraction      ? 
_entity_src_gen.pdbx_host_org_strain               ? 
_entity_src_gen.pdbx_host_org_variant              ? 
_entity_src_gen.pdbx_host_org_cell_line            ? 
_entity_src_gen.pdbx_host_org_atcc                 ? 
_entity_src_gen.pdbx_host_org_culture_collection   ? 
_entity_src_gen.pdbx_host_org_cell                 ? 
_entity_src_gen.pdbx_host_org_organelle            ? 
_entity_src_gen.pdbx_host_org_cellular_location    ? 
_entity_src_gen.pdbx_host_org_vector_type          plasmid 
_entity_src_gen.pdbx_host_org_vector               ? 
_entity_src_gen.host_org_details                   ? 
_entity_src_gen.expression_system_id               ? 
_entity_src_gen.plasmid_name                       PX051128-10 
_entity_src_gen.plasmid_details                    ? 
_entity_src_gen.pdbx_description                   'cell-free protein synthesis' 
# 
loop_
_chem_comp.id 
_chem_comp.type 
_chem_comp.mon_nstd_flag 
_chem_comp.name 
_chem_comp.pdbx_synonyms 
_chem_comp.formula 
_chem_comp.formula_weight 
ALA 'L-peptide linking' y ALANINE          ? 'C3 H7 N O2'     89.093  
ARG 'L-peptide linking' y ARGININE         ? 'C6 H15 N4 O2 1' 175.209 
ASN 'L-peptide linking' y ASPARAGINE       ? 'C4 H8 N2 O3'    132.118 
ASP 'L-peptide linking' y 'ASPARTIC ACID'  ? 'C4 H7 N O4'     133.103 
GLN 'L-peptide linking' y GLUTAMINE        ? 'C5 H10 N2 O3'   146.144 
GLU 'L-peptide linking' y 'GLUTAMIC ACID'  ? 'C5 H9 N O4'     147.129 
GLY 'peptide linking'   y GLYCINE          ? 'C2 H5 N O2'     75.067  
HIS 'L-peptide linking' y HISTIDINE        ? 'C6 H10 N3 O2 1' 156.162 
HOH non-polymer         . WATER            ? 'H2 O'           18.015  
ILE 'L-peptide linking' y ISOLEUCINE       ? 'C6 H13 N O2'    131.173 
LEU 'L-peptide linking' y LEUCINE          ? 'C6 H13 N O2'    131.173 
LYS 'L-peptide linking' y LYSINE           ? 'C6 H15 N2 O2 1' 147.195 
MSE 'L-peptide linking' n SELENOMETHIONINE ? 'C5 H11 N O2 Se' 196.106 
PHE 'L-peptide linking' y PHENYLALANINE    ? 'C9 H11 N O2'    165.189 
PRO 'L-peptide linking' y PROLINE          ? 'C5 H9 N O2'     115.130 
SER 'L-peptide linking' y SERINE           ? 'C3 H7 N O3'     105.093 
THR 'L-peptide linking' y THREONINE        ? 'C4 H9 N O3'     119.119 
TRP 'L-peptide linking' y TRYPTOPHAN       ? 'C11 H12 N2 O2'  204.225 
TYR 'L-peptide linking' y TYROSINE         ? 'C9 H11 N O3'    181.189 
VAL 'L-peptide linking' y VALINE           ? 'C5 H11 N O2'    117.146 
# 
loop_
_pdbx_poly_seq_scheme.asym_id 
_pdbx_poly_seq_scheme.entity_id 
_pdbx_poly_seq_scheme.seq_id 
_pdbx_poly_seq_scheme.mon_id 
_pdbx_poly_seq_scheme.ndb_seq_num 
_pdbx_poly_seq_scheme.pdb_seq_num 
_pdbx_poly_seq_scheme.auth_seq_num 
_pdbx_poly_seq_scheme.pdb_mon_id 
_pdbx_poly_seq_scheme.auth_mon_id 
_pdbx_poly_seq_scheme.pdb_strand_id 
_pdbx_poly_seq_scheme.pdb_ins_code 
_pdbx_poly_seq_scheme.hetero 
A 1 1   GLY 1   2   ?   ?   ?   A . n 
A 1 2   SER 2   3   ?   ?   ?   A . n 
A 1 3   SER 3   4   ?   ?   ?   A . n 
A 1 4   GLY 4   5   ?   ?   ?   A . n 
A 1 5   SER 5   6   ?   ?   ?   A . n 
A 1 6   SER 6   7   ?   ?   ?   A . n 
A 1 7   GLY 7   8   ?   ?   ?   A . n 
A 1 8   TYR 8   9   ?   ?   ?   A . n 
A 1 9   GLN 9   10  ?   ?   ?   A . n 
A 1 10  PRO 10  11  ?   ?   ?   A . n 
A 1 11  THR 11  12  ?   ?   ?   A . n 
A 1 12  TYR 12  13  13  TYR TYR A . n 
A 1 13  ASN 13  14  14  ASN ASN A . n 
A 1 14  PRO 14  15  15  PRO PRO A . n 
A 1 15  THR 15  16  16  THR THR A . n 
A 1 16  LEU 16  17  17  LEU LEU A . n 
A 1 17  PRO 17  18  18  PRO PRO A . n 
A 1 18  TYR 18  19  19  TYR TYR A . n 
A 1 19  LYS 19  20  20  LYS LYS A . n 
A 1 20  ARG 20  21  21  ARG ARG A . n 
A 1 21  PRO 21  22  22  PRO PRO A . n 
A 1 22  ILE 22  23  23  ILE ILE A . n 
A 1 23  PRO 23  24  24  PRO PRO A . n 
A 1 24  GLY 24  25  25  GLY GLY A . n 
A 1 25  GLY 25  26  26  GLY GLY A . n 
A 1 26  LEU 26  27  27  LEU LEU A . n 
A 1 27  SER 27  28  28  SER SER A . n 
A 1 28  VAL 28  29  29  VAL VAL A . n 
A 1 29  GLY 29  30  30  GLY GLY A . n 
A 1 30  MSE 30  31  31  MSE MSE A . n 
A 1 31  SER 31  32  32  SER SER A . n 
A 1 32  VAL 32  33  33  VAL VAL A . n 
A 1 33  TYR 33  34  34  TYR TYR A . n 
A 1 34  ILE 34  35  35  ILE ILE A . n 
A 1 35  GLN 35  36  36  GLN GLN A . n 
A 1 36  GLY 36  37  37  GLY GLY A . n 
A 1 37  MSE 37  38  38  MSE MSE A . n 
A 1 38  ALA 38  39  39  ALA ALA A . n 
A 1 39  LYS 39  40  40  LYS LYS A . n 
A 1 40  GLU 40  41  41  GLU GLU A . n 
A 1 41  ASN 41  42  42  ASN ASN A . n 
A 1 42  MSE 42  43  43  MSE MSE A . n 
A 1 43  ARG 43  44  44  ARG ARG A . n 
A 1 44  ARG 44  45  45  ARG ARG A . n 
A 1 45  PHE 45  46  46  PHE PHE A . n 
A 1 46  HIS 46  47  47  HIS HIS A . n 
A 1 47  VAL 47  48  48  VAL VAL A . n 
A 1 48  ASN 48  49  49  ASN ASN A . n 
A 1 49  PHE 49  50  50  PHE PHE A . n 
A 1 50  ALA 50  51  51  ALA ALA A . n 
A 1 51  VAL 51  52  52  VAL VAL A . n 
A 1 52  GLY 52  53  53  GLY GLY A . n 
A 1 53  GLN 53  54  54  GLN GLN A . n 
A 1 54  ASP 54  55  55  ASP ASP A . n 
A 1 55  ASP 55  56  56  ASP ASP A . n 
A 1 56  GLY 56  57  57  GLY GLY A . n 
A 1 57  ALA 57  58  58  ALA ALA A . n 
A 1 58  ASP 58  59  59  ASP ASP A . n 
A 1 59  VAL 59  60  60  VAL VAL A . n 
A 1 60  ALA 60  61  61  ALA ALA A . n 
A 1 61  PHE 61  62  62  PHE PHE A . n 
A 1 62  HIS 62  63  63  HIS HIS A . n 
A 1 63  PHE 63  64  64  PHE PHE A . n 
A 1 64  ASN 64  65  65  ASN ASN A . n 
A 1 65  PRO 65  66  66  PRO PRO A . n 
A 1 66  ARG 66  67  67  ARG ARG A . n 
A 1 67  PHE 67  68  68  PHE PHE A . n 
A 1 68  ASP 68  69  69  ASP ASP A . n 
A 1 69  GLY 69  70  70  GLY GLY A . n 
A 1 70  TRP 70  71  71  TRP TRP A . n 
A 1 71  ASP 71  72  72  ASP ASP A . n 
A 1 72  LYS 72  73  73  LYS LYS A . n 
A 1 73  VAL 73  74  74  VAL VAL A . n 
A 1 74  VAL 74  75  75  VAL VAL A . n 
A 1 75  PHE 75  76  76  PHE PHE A . n 
A 1 76  ASN 76  77  77  ASN ASN A . n 
A 1 77  THR 77  78  78  THR THR A . n 
A 1 78  MSE 78  79  79  MSE MSE A . n 
A 1 79  GLN 79  80  80  GLN GLN A . n 
A 1 80  SER 80  81  81  SER SER A . n 
A 1 81  GLY 81  82  82  GLY GLY A . n 
A 1 82  GLN 82  83  83  GLN GLN A . n 
A 1 83  TRP 83  84  84  TRP TRP A . n 
A 1 84  GLY 84  85  85  GLY GLY A . n 
A 1 85  LYS 85  86  86  LYS LYS A . n 
A 1 86  GLU 86  87  87  GLU GLU A . n 
A 1 87  GLU 87  88  88  GLU GLU A . n 
A 1 88  LYS 88  89  89  LYS LYS A . n 
A 1 89  LYS 89  90  90  LYS LYS A . n 
A 1 90  LYS 90  91  91  LYS LYS A . n 
A 1 91  SER 91  92  92  SER SER A . n 
A 1 92  MSE 92  93  93  MSE MSE A . n 
A 1 93  PRO 93  94  94  PRO PRO A . n 
A 1 94  PHE 94  95  95  PHE PHE A . n 
A 1 95  GLN 95  96  96  GLN GLN A . n 
A 1 96  LYS 96  97  97  LYS LYS A . n 
A 1 97  GLY 97  98  98  GLY GLY A . n 
A 1 98  LYS 98  99  99  LYS LYS A . n 
A 1 99  HIS 99  100 100 HIS HIS A . n 
A 1 100 PHE 100 101 101 PHE PHE A . n 
A 1 101 GLU 101 102 102 GLU GLU A . n 
A 1 102 LEU 102 103 103 LEU LEU A . n 
A 1 103 VAL 103 104 104 VAL VAL A . n 
A 1 104 PHE 104 105 105 PHE PHE A . n 
A 1 105 MSE 105 106 106 MSE MSE A . n 
A 1 106 VAL 106 107 107 VAL VAL A . n 
A 1 107 MSE 107 108 108 MSE MSE A . n 
A 1 108 PRO 108 109 109 PRO PRO A . n 
A 1 109 GLU 109 110 110 GLU GLU A . n 
A 1 110 HIS 110 111 111 HIS HIS A . n 
A 1 111 TYR 111 112 112 TYR TYR A . n 
A 1 112 LYS 112 113 113 LYS LYS A . n 
A 1 113 VAL 113 114 114 VAL VAL A . n 
A 1 114 VAL 114 115 115 VAL VAL A . n 
A 1 115 VAL 115 116 116 VAL VAL A . n 
A 1 116 ASN 116 117 117 ASN ASN A . n 
A 1 117 GLY 117 118 118 GLY GLY A . n 
A 1 118 ASN 118 119 119 ASN ASN A . n 
A 1 119 SER 119 120 120 SER SER A . n 
A 1 120 PHE 120 121 121 PHE PHE A . n 
A 1 121 TYR 121 122 122 TYR TYR A . n 
A 1 122 GLU 122 123 123 GLU GLU A . n 
A 1 123 TYR 123 124 124 TYR TYR A . n 
A 1 124 GLY 124 125 125 GLY GLY A . n 
A 1 125 HIS 125 126 126 HIS HIS A . n 
A 1 126 ARG 126 127 127 ARG ARG A . n 
A 1 127 LEU 127 128 128 LEU LEU A . n 
A 1 128 PRO 128 129 129 PRO PRO A . n 
A 1 129 VAL 129 130 130 VAL VAL A . n 
A 1 130 GLN 130 131 131 GLN GLN A . n 
A 1 131 MSE 131 132 132 MSE MSE A . n 
A 1 132 VAL 132 133 133 VAL VAL A . n 
A 1 133 THR 133 134 134 THR THR A . n 
A 1 134 HIS 134 135 135 HIS HIS A . n 
A 1 135 LEU 135 136 136 LEU LEU A . n 
A 1 136 GLN 136 137 137 GLN GLN A . n 
A 1 137 VAL 137 138 138 VAL VAL A . n 
A 1 138 ASP 138 139 139 ASP ASP A . n 
A 1 139 GLY 139 140 140 GLY GLY A . n 
A 1 140 ASP 140 141 141 ASP ASP A . n 
A 1 141 LEU 141 142 142 LEU LEU A . n 
A 1 142 GLU 142 143 143 GLU GLU A . n 
A 1 143 LEU 143 144 144 LEU LEU A . n 
A 1 144 GLN 144 145 145 GLN GLN A . n 
A 1 145 SER 145 146 146 SER SER A . n 
A 1 146 ILE 146 147 147 ILE ILE A . n 
A 1 147 ASN 147 148 148 ASN ASN A . n 
A 1 148 PHE 148 149 149 PHE PHE A . n 
A 1 149 LEU 149 150 150 LEU LEU A . n 
A 1 150 GLY 150 151 151 GLY GLY A . n 
A 1 151 GLY 151 152 152 GLY GLY A . n 
A 1 152 GLN 152 153 153 GLN GLN A . n 
A 1 153 PRO 153 154 154 PRO PRO A . n 
A 1 154 ALA 154 155 155 ALA ALA A . n 
A 1 155 ALA 155 156 156 ALA ALA A . n 
A 1 156 ALA 156 157 157 ALA ALA A . n 
A 1 157 PRO 157 158 158 PRO PRO A . n 
A 1 158 TYR 158 159 159 TYR TYR A . n 
# 
loop_
_pdbx_nonpoly_scheme.asym_id 
_pdbx_nonpoly_scheme.entity_id 
_pdbx_nonpoly_scheme.mon_id 
_pdbx_nonpoly_scheme.ndb_seq_num 
_pdbx_nonpoly_scheme.pdb_seq_num 
_pdbx_nonpoly_scheme.auth_seq_num 
_pdbx_nonpoly_scheme.pdb_mon_id 
_pdbx_nonpoly_scheme.auth_mon_id 
_pdbx_nonpoly_scheme.pdb_strand_id 
_pdbx_nonpoly_scheme.pdb_ins_code 
B 2 HOH 1  160 1  HOH TIP A . 
B 2 HOH 2  161 2  HOH TIP A . 
B 2 HOH 3  162 3  HOH TIP A . 
B 2 HOH 4  163 4  HOH TIP A . 
B 2 HOH 5  164 5  HOH TIP A . 
B 2 HOH 6  165 6  HOH TIP A . 
B 2 HOH 7  166 7  HOH TIP A . 
B 2 HOH 8  167 8  HOH TIP A . 
B 2 HOH 9  168 9  HOH TIP A . 
B 2 HOH 10 169 10 HOH TIP A . 
B 2 HOH 11 170 11 HOH TIP A . 
B 2 HOH 12 171 12 HOH TIP A . 
B 2 HOH 13 172 13 HOH TIP A . 
B 2 HOH 14 173 14 HOH TIP A . 
B 2 HOH 15 174 15 HOH TIP A . 
B 2 HOH 16 175 16 HOH TIP A . 
B 2 HOH 17 176 17 HOH TIP A . 
B 2 HOH 18 177 18 HOH TIP A . 
B 2 HOH 19 178 19 HOH TIP A . 
B 2 HOH 20 179 20 HOH TIP A . 
B 2 HOH 21 180 21 HOH TIP A . 
B 2 HOH 22 181 22 HOH TIP A . 
B 2 HOH 23 182 23 HOH TIP A . 
B 2 HOH 24 183 24 HOH TIP A . 
B 2 HOH 25 184 25 HOH TIP A . 
B 2 HOH 26 185 26 HOH TIP A . 
B 2 HOH 27 186 27 HOH TIP A . 
B 2 HOH 28 187 28 HOH TIP A . 
B 2 HOH 29 188 29 HOH TIP A . 
B 2 HOH 30 189 30 HOH TIP A . 
B 2 HOH 31 190 31 HOH TIP A . 
B 2 HOH 32 191 32 HOH TIP A . 
B 2 HOH 33 192 33 HOH TIP A . 
B 2 HOH 34 193 34 HOH TIP A . 
B 2 HOH 35 194 35 HOH TIP A . 
B 2 HOH 36 195 36 HOH TIP A . 
B 2 HOH 37 196 37 HOH TIP A . 
B 2 HOH 38 197 38 HOH TIP A . 
B 2 HOH 39 198 39 HOH TIP A . 
B 2 HOH 40 199 40 HOH TIP A . 
B 2 HOH 41 200 41 HOH TIP A . 
B 2 HOH 42 201 42 HOH TIP A . 
B 2 HOH 43 202 43 HOH TIP A . 
B 2 HOH 44 203 44 HOH TIP A . 
B 2 HOH 45 204 45 HOH TIP A . 
B 2 HOH 46 205 46 HOH TIP A . 
B 2 HOH 47 206 47 HOH TIP A . 
B 2 HOH 48 207 48 HOH TIP A . 
B 2 HOH 49 208 49 HOH TIP A . 
B 2 HOH 50 209 50 HOH TIP A . 
B 2 HOH 51 210 51 HOH TIP A . 
B 2 HOH 52 211 52 HOH TIP A . 
B 2 HOH 53 212 53 HOH TIP A . 
B 2 HOH 54 213 54 HOH TIP A . 
B 2 HOH 55 214 55 HOH TIP A . 
B 2 HOH 56 215 56 HOH TIP A . 
B 2 HOH 57 216 57 HOH TIP A . 
B 2 HOH 58 217 58 HOH TIP A . 
B 2 HOH 59 218 59 HOH TIP A . 
B 2 HOH 60 219 60 HOH TIP A . 
B 2 HOH 61 220 61 HOH TIP A . 
B 2 HOH 62 221 62 HOH TIP A . 
B 2 HOH 63 222 63 HOH TIP A . 
B 2 HOH 64 223 64 HOH TIP A . 
B 2 HOH 65 224 65 HOH TIP A . 
B 2 HOH 66 225 66 HOH TIP A . 
B 2 HOH 67 226 67 HOH TIP A . 
B 2 HOH 68 227 68 HOH TIP A . 
B 2 HOH 69 228 69 HOH TIP A . 
B 2 HOH 70 229 70 HOH TIP A . 
B 2 HOH 71 230 71 HOH TIP A . 
B 2 HOH 72 231 72 HOH TIP A . 
B 2 HOH 73 232 73 HOH TIP A . 
B 2 HOH 74 233 74 HOH TIP A . 
B 2 HOH 75 234 75 HOH TIP A . 
B 2 HOH 76 235 76 HOH TIP A . 
B 2 HOH 77 236 77 HOH TIP A . 
B 2 HOH 78 237 78 HOH TIP A . 
B 2 HOH 79 238 79 HOH TIP A . 
B 2 HOH 80 239 80 HOH TIP A . 
B 2 HOH 81 240 81 HOH TIP A . 
# 
loop_
_software.name 
_software.classification 
_software.version 
_software.citation_id 
_software.pdbx_ordinal 
CNS      refinement        1.1 ? 1 
BSS      'data collection' .   ? 2 
HKL-2000 'data reduction'  .   ? 3 
HKL-2000 'data scaling'    .   ? 4 
SOLVE    phasing           .   ? 5 
# 
_cell.entry_id           2DYC 
_cell.length_a           92.053 
_cell.length_b           92.053 
_cell.length_c           132.908 
_cell.angle_alpha        90.00 
_cell.angle_beta         90.00 
_cell.angle_gamma        90.00 
_cell.Z_PDB              16 
_cell.pdbx_unique_axis   ? 
_cell.length_a_esd       ? 
_cell.length_b_esd       ? 
_cell.length_c_esd       ? 
_cell.angle_alpha_esd    ? 
_cell.angle_beta_esd     ? 
_cell.angle_gamma_esd    ? 
# 
_symmetry.entry_id                         2DYC 
_symmetry.space_group_name_H-M             'I 4 2 2' 
_symmetry.pdbx_full_space_group_name_H-M   ? 
_symmetry.cell_setting                     ? 
_symmetry.Int_Tables_number                97 
_symmetry.space_group_name_Hall            ? 
# 
_exptl.entry_id          2DYC 
_exptl.method            'X-RAY DIFFRACTION' 
_exptl.crystals_number   1 
# 
_exptl_crystal.id                    1 
_exptl_crystal.density_meas          ? 
_exptl_crystal.density_Matthews      3.88 
_exptl_crystal.density_percent_sol   68.27 
_exptl_crystal.description           ? 
_exptl_crystal.F_000                 ? 
_exptl_crystal.preparation           ? 
# 
_exptl_crystal_grow.crystal_id      1 
_exptl_crystal_grow.method          'VAPOR DIFFUSION, HANGING DROP' 
_exptl_crystal_grow.temp            293 
_exptl_crystal_grow.temp_details    ? 
_exptl_crystal_grow.pH              7.5 
_exptl_crystal_grow.pdbx_details    
'1.4M Ammonium Sulfate, 12% Glycerol, Tris, pH 7.5, VAPOR DIFFUSION, HANGING DROP, temperature 293K' 
_exptl_crystal_grow.pdbx_pH_range   . 
# 
_diffrn.id                     1 
_diffrn.ambient_temp           100 
_diffrn.ambient_temp_details   ? 
_diffrn.crystal_id             1 
# 
_diffrn_detector.diffrn_id              1 
_diffrn_detector.detector               CCD 
_diffrn_detector.type                   'RIGAKU JUPITER 210' 
_diffrn_detector.pdbx_collection_date   2006-03-07 
_diffrn_detector.details                ? 
# 
_diffrn_radiation.diffrn_id                        1 
_diffrn_radiation.wavelength_id                    1 
_diffrn_radiation.pdbx_monochromatic_or_laue_m_l   M 
_diffrn_radiation.monochromator                    'Si 111 CHANNEL' 
_diffrn_radiation.pdbx_diffrn_protocol             MAD 
_diffrn_radiation.pdbx_scattering_type             x-ray 
# 
loop_
_diffrn_radiation_wavelength.id 
_diffrn_radiation_wavelength.wavelength 
_diffrn_radiation_wavelength.wt 
1 0.9790 1.0 
2 0.9794 1.0 
3 0.970  1.0 
# 
_diffrn_source.diffrn_id                   1 
_diffrn_source.source                      SYNCHROTRON 
_diffrn_source.type                        'SPRING-8 BEAMLINE BL26B2' 
_diffrn_source.pdbx_synchrotron_site       SPring-8 
_diffrn_source.pdbx_synchrotron_beamline   BL26B2 
_diffrn_source.pdbx_wavelength             ? 
_diffrn_source.pdbx_wavelength_list        '0.9790, 0.9794, 0.970' 
# 
_reflns.entry_id                     2DYC 
_reflns.observed_criterion_sigma_I   -3.0 
_reflns.observed_criterion_sigma_F   ? 
_reflns.d_resolution_low             50.00 
_reflns.d_resolution_high            2.40 
_reflns.number_obs                   11598 
_reflns.number_all                   ? 
_reflns.percent_possible_obs         99.8 
_reflns.pdbx_Rmerge_I_obs            ? 
_reflns.pdbx_Rsym_value              0.109 
_reflns.pdbx_netI_over_sigmaI        17.2 
_reflns.B_iso_Wilson_estimate        21.5 
_reflns.pdbx_redundancy              9.0 
_reflns.R_free_details               ? 
_reflns.limit_h_max                  ? 
_reflns.limit_h_min                  ? 
_reflns.limit_k_max                  ? 
_reflns.limit_k_min                  ? 
_reflns.limit_l_max                  ? 
_reflns.limit_l_min                  ? 
_reflns.observed_criterion_F_max     ? 
_reflns.observed_criterion_F_min     ? 
_reflns.pdbx_chi_squared             ? 
_reflns.pdbx_scaling_rejects         ? 
_reflns.pdbx_ordinal                 1 
_reflns.pdbx_diffrn_id               1 
# 
_reflns_shell.d_res_high             2.40 
_reflns_shell.d_res_low              2.49 
_reflns_shell.percent_possible_all   100 
_reflns_shell.Rmerge_I_obs           ? 
_reflns_shell.pdbx_Rsym_value        0.363 
_reflns_shell.meanI_over_sigI_obs    ? 
_reflns_shell.pdbx_redundancy        ? 
_reflns_shell.percent_possible_obs   ? 
_reflns_shell.number_unique_all      ? 
_reflns_shell.number_measured_all    ? 
_reflns_shell.number_measured_obs    ? 
_reflns_shell.number_unique_obs      ? 
_reflns_shell.pdbx_chi_squared       ? 
_reflns_shell.pdbx_ordinal           1 
_reflns_shell.pdbx_diffrn_id         1 
# 
_refine.entry_id                                 2DYC 
_refine.ls_number_reflns_obs                     11514 
_refine.ls_number_reflns_all                     ? 
_refine.pdbx_ls_sigma_I                          ? 
_refine.pdbx_ls_sigma_F                          0.0 
_refine.pdbx_data_cutoff_high_absF               2219713.47 
_refine.pdbx_data_cutoff_low_absF                0.000000 
_refine.pdbx_data_cutoff_high_rms_absF           ? 
_refine.ls_d_res_low                             46.50 
_refine.ls_d_res_high                            2.40 
_refine.ls_percent_reflns_obs                    99.8 
_refine.ls_R_factor_obs                          0.22 
_refine.ls_R_factor_all                          ? 
_refine.ls_R_factor_R_work                       0.22 
_refine.ls_R_factor_R_free                       0.249 
_refine.ls_R_factor_R_free_error                 0.007 
_refine.ls_R_factor_R_free_error_details         ? 
_refine.ls_percent_reflns_R_free                 10.3 
_refine.ls_number_reflns_R_free                  1190 
_refine.ls_number_parameters                     ? 
_refine.ls_number_restraints                     ? 
_refine.occupancy_min                            ? 
_refine.occupancy_max                            ? 
_refine.correlation_coeff_Fo_to_Fc               ? 
_refine.correlation_coeff_Fo_to_Fc_free          ? 
_refine.B_iso_mean                               27.7 
_refine.aniso_B[1][1]                            0.06 
_refine.aniso_B[2][2]                            0.06 
_refine.aniso_B[3][3]                            -0.11 
_refine.aniso_B[1][2]                            0.00 
_refine.aniso_B[1][3]                            0.00 
_refine.aniso_B[2][3]                            0.00 
_refine.solvent_model_details                    'FLAT MODEL' 
_refine.solvent_model_param_ksol                 0.37361 
_refine.solvent_model_param_bsol                 36.2163 
_refine.pdbx_solvent_vdw_probe_radii             ? 
_refine.pdbx_solvent_ion_probe_radii             ? 
_refine.pdbx_solvent_shrinkage_radii             ? 
_refine.pdbx_ls_cross_valid_method               THROUGHOUT 
_refine.details                                  ? 
_refine.pdbx_starting_model                      ? 
_refine.pdbx_method_to_determine_struct          MAD 
_refine.pdbx_isotropic_thermal_model             RESTRAINED 
_refine.pdbx_stereochemistry_target_values       ? 
_refine.pdbx_stereochem_target_val_spec_case     ? 
_refine.pdbx_R_Free_selection_details            RANDOM 
_refine.pdbx_overall_ESU_R                       ? 
_refine.pdbx_overall_ESU_R_Free                  ? 
_refine.overall_SU_ML                            ? 
_refine.overall_SU_B                             ? 
_refine.ls_redundancy_reflns_obs                 ? 
_refine.B_iso_min                                ? 
_refine.B_iso_max                                ? 
_refine.overall_SU_R_Cruickshank_DPI             ? 
_refine.overall_SU_R_free                        ? 
_refine.ls_wR_factor_R_free                      ? 
_refine.ls_wR_factor_R_work                      ? 
_refine.overall_FOM_free_R_set                   ? 
_refine.overall_FOM_work_R_set                   ? 
_refine.pdbx_refine_id                           'X-RAY DIFFRACTION' 
_refine.pdbx_diffrn_id                           1 
_refine.pdbx_TLS_residual_ADP_flag               ? 
_refine.pdbx_overall_phase_error                 ? 
_refine.pdbx_overall_SU_R_free_Cruickshank_DPI   ? 
_refine.pdbx_overall_SU_R_Blow_DPI               ? 
_refine.pdbx_overall_SU_R_free_Blow_DPI          ? 
# 
_refine_analyze.entry_id                        2DYC 
_refine_analyze.Luzzati_coordinate_error_obs    0.28 
_refine_analyze.Luzzati_sigma_a_obs             0.23 
_refine_analyze.Luzzati_d_res_low_obs           5.00 
_refine_analyze.Luzzati_coordinate_error_free   0.34 
_refine_analyze.Luzzati_sigma_a_free            0.31 
_refine_analyze.Luzzati_d_res_low_free          ? 
_refine_analyze.number_disordered_residues      ? 
_refine_analyze.occupancy_sum_hydrogen          ? 
_refine_analyze.occupancy_sum_non_hydrogen      ? 
_refine_analyze.pdbx_Luzzati_d_res_high_obs     ? 
_refine_analyze.pdbx_refine_id                  'X-RAY DIFFRACTION' 
# 
_refine_hist.pdbx_refine_id                   'X-RAY DIFFRACTION' 
_refine_hist.cycle_id                         LAST 
_refine_hist.pdbx_number_atoms_protein        1182 
_refine_hist.pdbx_number_atoms_nucleic_acid   0 
_refine_hist.pdbx_number_atoms_ligand         0 
_refine_hist.number_atoms_solvent             81 
_refine_hist.number_atoms_total               1263 
_refine_hist.d_res_high                       2.40 
_refine_hist.d_res_low                        46.50 
# 
loop_
_refine_ls_restr.type 
_refine_ls_restr.dev_ideal 
_refine_ls_restr.dev_ideal_target 
_refine_ls_restr.weight 
_refine_ls_restr.number 
_refine_ls_restr.pdbx_refine_id 
_refine_ls_restr.pdbx_restraint_function 
c_bond_d                0.006 ?    ? ? 'X-RAY DIFFRACTION' ? 
c_bond_d_na             ?     ?    ? ? 'X-RAY DIFFRACTION' ? 
c_bond_d_prot           ?     ?    ? ? 'X-RAY DIFFRACTION' ? 
c_angle_d               ?     ?    ? ? 'X-RAY DIFFRACTION' ? 
c_angle_d_na            ?     ?    ? ? 'X-RAY DIFFRACTION' ? 
c_angle_d_prot          ?     ?    ? ? 'X-RAY DIFFRACTION' ? 
c_angle_deg             1.5   ?    ? ? 'X-RAY DIFFRACTION' ? 
c_angle_deg_na          ?     ?    ? ? 'X-RAY DIFFRACTION' ? 
c_angle_deg_prot        ?     ?    ? ? 'X-RAY DIFFRACTION' ? 
c_dihedral_angle_d      27.3  ?    ? ? 'X-RAY DIFFRACTION' ? 
c_dihedral_angle_d_na   ?     ?    ? ? 'X-RAY DIFFRACTION' ? 
c_dihedral_angle_d_prot ?     ?    ? ? 'X-RAY DIFFRACTION' ? 
c_improper_angle_d      0.73  ?    ? ? 'X-RAY DIFFRACTION' ? 
c_improper_angle_d_na   ?     ?    ? ? 'X-RAY DIFFRACTION' ? 
c_improper_angle_d_prot ?     ?    ? ? 'X-RAY DIFFRACTION' ? 
c_mcbond_it             1.58  1.50 ? ? 'X-RAY DIFFRACTION' ? 
c_mcangle_it            2.67  2.00 ? ? 'X-RAY DIFFRACTION' ? 
c_scbond_it             2.43  2.00 ? ? 'X-RAY DIFFRACTION' ? 
c_scangle_it            3.61  2.50 ? ? 'X-RAY DIFFRACTION' ? 
# 
_refine_ls_shell.pdbx_total_number_of_bins_used   6 
_refine_ls_shell.d_res_high                       2.40 
_refine_ls_shell.d_res_low                        2.55 
_refine_ls_shell.number_reflns_R_work             1697 
_refine_ls_shell.R_factor_R_work                  0.234 
_refine_ls_shell.percent_reflns_obs               100.0 
_refine_ls_shell.R_factor_R_free                  0.292 
_refine_ls_shell.R_factor_R_free_error            0.022 
_refine_ls_shell.percent_reflns_R_free            9.4 
_refine_ls_shell.number_reflns_R_free             176 
_refine_ls_shell.number_reflns_all                ? 
_refine_ls_shell.R_factor_all                     ? 
_refine_ls_shell.number_reflns_obs                ? 
_refine_ls_shell.redundancy_reflns_obs            ? 
_refine_ls_shell.pdbx_refine_id                   'X-RAY DIFFRACTION' 
# 
loop_
_pdbx_xplor_file.serial_no 
_pdbx_xplor_file.param_file 
_pdbx_xplor_file.topol_file 
_pdbx_xplor_file.pdbx_refine_id 
1 protein_rep.param protein.top   'X-RAY DIFFRACTION' 
2 water_rep.param   water_rep.top 'X-RAY DIFFRACTION' 
# 
_struct.entry_id                  2DYC 
_struct.title                     'Crystal structure of the N-terminal domain of mouse galectin-4' 
_struct.pdbx_model_details        ? 
_struct.pdbx_CASP_flag            ? 
_struct.pdbx_model_type_details   ? 
# 
_struct_keywords.entry_id        2DYC 
_struct_keywords.pdbx_keywords   'SUGAR BINDING PROTEIN' 
_struct_keywords.text            
;GAL-BIND LECTIN, GALECTIN, SUGAR BINDING, Structural Genomics, NPPSFA, National Project on Protein Structural and Functional Analyses, RIKEN Structural Genomics/Proteomics Initiative, RSGI, SUGAR BINDING PROTEIN
;
# 
loop_
_struct_asym.id 
_struct_asym.pdbx_blank_PDB_chainid_flag 
_struct_asym.pdbx_modified 
_struct_asym.entity_id 
_struct_asym.details 
A N N 1 ? 
B N N 2 ? 
# 
_struct_ref.id                         1 
_struct_ref.db_name                    UNP 
_struct_ref.db_code                    LEG4_MOUSE 
_struct_ref.pdbx_db_accession          Q8K419 
_struct_ref.entity_id                  1 
_struct_ref.pdbx_seq_one_letter_code   
;YQPTYNPTLPYKRPIPGGLSVGMSVYIQGMAKENMRRFHVNFAVGQDDGADVAFHFNPRFDGWDKVVFNTMQSGQWGKEE
KKKSMPFQKGKHFELVFMVMPEHYKVVVNGNSFYEYGHRLPVQMVTHLQVDGDLELQSINFLGGQPAAAPY
;
_struct_ref.pdbx_align_begin           9 
_struct_ref.pdbx_db_isoform            ? 
# 
_struct_ref_seq.align_id                      1 
_struct_ref_seq.ref_id                        1 
_struct_ref_seq.pdbx_PDB_id_code              2DYC 
_struct_ref_seq.pdbx_strand_id                A 
_struct_ref_seq.seq_align_beg                 8 
_struct_ref_seq.pdbx_seq_align_beg_ins_code   ? 
_struct_ref_seq.seq_align_end                 158 
_struct_ref_seq.pdbx_seq_align_end_ins_code   ? 
_struct_ref_seq.pdbx_db_accession             Q8K419 
_struct_ref_seq.db_align_beg                  9 
_struct_ref_seq.pdbx_db_align_beg_ins_code    ? 
_struct_ref_seq.db_align_end                  159 
_struct_ref_seq.pdbx_db_align_end_ins_code    ? 
_struct_ref_seq.pdbx_auth_seq_align_beg       9 
_struct_ref_seq.pdbx_auth_seq_align_end       159 
# 
loop_
_struct_ref_seq_dif.align_id 
_struct_ref_seq_dif.pdbx_pdb_id_code 
_struct_ref_seq_dif.mon_id 
_struct_ref_seq_dif.pdbx_pdb_strand_id 
_struct_ref_seq_dif.seq_num 
_struct_ref_seq_dif.pdbx_pdb_ins_code 
_struct_ref_seq_dif.pdbx_seq_db_name 
_struct_ref_seq_dif.pdbx_seq_db_accession_code 
_struct_ref_seq_dif.db_mon_id 
_struct_ref_seq_dif.pdbx_seq_db_seq_num 
_struct_ref_seq_dif.details 
_struct_ref_seq_dif.pdbx_auth_seq_num 
_struct_ref_seq_dif.pdbx_ordinal 
1 2DYC GLY A 1 ? UNP Q8K419 ? ? 'expression tag' 2 1 
1 2DYC SER A 2 ? UNP Q8K419 ? ? 'expression tag' 3 2 
1 2DYC SER A 3 ? UNP Q8K419 ? ? 'expression tag' 4 3 
1 2DYC GLY A 4 ? UNP Q8K419 ? ? 'expression tag' 5 4 
1 2DYC SER A 5 ? UNP Q8K419 ? ? 'expression tag' 6 5 
1 2DYC SER A 6 ? UNP Q8K419 ? ? 'expression tag' 7 6 
1 2DYC GLY A 7 ? UNP Q8K419 ? ? 'expression tag' 8 7 
# 
loop_
_pdbx_struct_assembly.id 
_pdbx_struct_assembly.details 
_pdbx_struct_assembly.method_details 
_pdbx_struct_assembly.oligomeric_details 
_pdbx_struct_assembly.oligomeric_count 
1 author_defined_assembly   ?        monomeric 1 
2 software_defined_assembly PISA,PQS octameric 8 
# 
loop_
_pdbx_struct_assembly_prop.biol_id 
_pdbx_struct_assembly_prop.type 
_pdbx_struct_assembly_prop.value 
_pdbx_struct_assembly_prop.details 
2 'ABSA (A^2)' 16820 ? 
2 MORE         -85   ? 
2 'SSA (A^2)'  46180 ? 
# 
loop_
_pdbx_struct_assembly_gen.assembly_id 
_pdbx_struct_assembly_gen.oper_expression 
_pdbx_struct_assembly_gen.asym_id_list 
1 1               A,B 
2 1,2,3,4,5,6,7,8 A,B 
# 
loop_
_pdbx_struct_oper_list.id 
_pdbx_struct_oper_list.type 
_pdbx_struct_oper_list.name 
_pdbx_struct_oper_list.symmetry_operation 
_pdbx_struct_oper_list.matrix[1][1] 
_pdbx_struct_oper_list.matrix[1][2] 
_pdbx_struct_oper_list.matrix[1][3] 
_pdbx_struct_oper_list.vector[1] 
_pdbx_struct_oper_list.matrix[2][1] 
_pdbx_struct_oper_list.matrix[2][2] 
_pdbx_struct_oper_list.matrix[2][3] 
_pdbx_struct_oper_list.vector[2] 
_pdbx_struct_oper_list.matrix[3][1] 
_pdbx_struct_oper_list.matrix[3][2] 
_pdbx_struct_oper_list.matrix[3][3] 
_pdbx_struct_oper_list.vector[3] 
1 'identity operation'         1_555 x,y,z        1.0000000000  0.0000000000  0.0000000000  0.0000000000   0.0000000000  1.0000000000  0.0000000000  0.0000000000   0.0000000000  0.0000000000  1.0000000000  0.0000000000   
2 'crystal symmetry operation' 2_665 -x+1,-y+1,z  -0.3694429740 -0.7443856942 -0.5562390020 -34.3433787747 -0.7443856942 -0.1212371938 0.6566517198  -25.6157315834 -0.5562390020 0.6566517198  -0.5093198323 -4.6517317898  
3 'crystal symmetry operation' 3_655 -y+1,x,z     0.3152785130  0.1231253172  -0.9409780101 -12.3694408145 -0.8675110114 0.4393814031  -0.2331708124 -22.6192814170 0.3847390081  0.8898225322  0.2453400839  16.2481085529  
4 'crystal symmetry operation' 4_565 y,-x+1,z     0.3152785130  -0.8675110114 0.3847390081  -21.9739379603 0.1231253172  0.4393814031  0.8898225322  -2.9964501664  -0.9409780101 -0.2331708124 0.2453400839  -20.8998403427 
5 'crystal symmetry operation' 5_655 -x+1,y,-z    0.3649775092  0.6854820908  0.6300045405  -19.5643310895 0.6854820908  -0.6557557223 0.3163838427  13.6175539193  0.6300045405  0.3163838427  -0.7092217869 27.5716784112  
6 'crystal symmetry operation' 6_565 x,-y+1,-z    -0.9955345352 0.0589036034  -0.0737655385 -52.5886293228 0.0589036034  -0.2230070839 -0.9730355626 5.4017126194   -0.0737655385 -0.9730355626 0.2185416192  1.1298997874   
7 'crystal symmetry operation' 7_555 y,x,-z       -0.2372063734 0.9067182900  -0.3487048595 -29.3476289431 0.9067182900  0.0777988026  -0.4144988407 25.1118860120  -0.3487048595 -0.4144988407 -0.8405924292 1.0989867785   
8 'crystal symmetry operation' 8_665 -y+1,-x+1,-z -0.3933506526 -0.1623325958 0.9049438615  -42.8053314692 -0.1623325958 -0.9565616088 -0.2421528791 -6.0926194733  0.9049438615  -0.2421528791 0.3499122614  27.6025914201 
# 
_struct_biol.id        1 
_struct_biol.details   ? 
# 
_struct_conf.conf_type_id            HELX_P 
_struct_conf.id                      HELX_P1 
_struct_conf.pdbx_PDB_helix_id       1 
_struct_conf.beg_label_comp_id       PRO 
_struct_conf.beg_label_asym_id       A 
_struct_conf.beg_label_seq_id        128 
_struct_conf.pdbx_beg_PDB_ins_code   ? 
_struct_conf.end_label_comp_id       VAL 
_struct_conf.end_label_asym_id       A 
_struct_conf.end_label_seq_id        132 
_struct_conf.pdbx_end_PDB_ins_code   ? 
_struct_conf.beg_auth_comp_id        PRO 
_struct_conf.beg_auth_asym_id        A 
_struct_conf.beg_auth_seq_id         129 
_struct_conf.end_auth_comp_id        VAL 
_struct_conf.end_auth_asym_id        A 
_struct_conf.end_auth_seq_id         133 
_struct_conf.pdbx_PDB_helix_class    5 
_struct_conf.details                 ? 
_struct_conf.pdbx_PDB_helix_length   5 
# 
_struct_conf_type.id          HELX_P 
_struct_conf_type.criteria    ? 
_struct_conf_type.reference   ? 
# 
loop_
_struct_conn.id 
_struct_conn.conn_type_id 
_struct_conn.pdbx_leaving_atom_flag 
_struct_conn.pdbx_PDB_id 
_struct_conn.ptnr1_label_asym_id 
_struct_conn.ptnr1_label_comp_id 
_struct_conn.ptnr1_label_seq_id 
_struct_conn.ptnr1_label_atom_id 
_struct_conn.pdbx_ptnr1_label_alt_id 
_struct_conn.pdbx_ptnr1_PDB_ins_code 
_struct_conn.pdbx_ptnr1_standard_comp_id 
_struct_conn.ptnr1_symmetry 
_struct_conn.ptnr2_label_asym_id 
_struct_conn.ptnr2_label_comp_id 
_struct_conn.ptnr2_label_seq_id 
_struct_conn.ptnr2_label_atom_id 
_struct_conn.pdbx_ptnr2_label_alt_id 
_struct_conn.pdbx_ptnr2_PDB_ins_code 
_struct_conn.ptnr1_auth_asym_id 
_struct_conn.ptnr1_auth_comp_id 
_struct_conn.ptnr1_auth_seq_id 
_struct_conn.ptnr2_auth_asym_id 
_struct_conn.ptnr2_auth_comp_id 
_struct_conn.ptnr2_auth_seq_id 
_struct_conn.ptnr2_symmetry 
_struct_conn.pdbx_ptnr3_label_atom_id 
_struct_conn.pdbx_ptnr3_label_seq_id 
_struct_conn.pdbx_ptnr3_label_comp_id 
_struct_conn.pdbx_ptnr3_label_asym_id 
_struct_conn.pdbx_ptnr3_label_alt_id 
_struct_conn.pdbx_ptnr3_PDB_ins_code 
_struct_conn.details 
_struct_conn.pdbx_dist_value 
_struct_conn.pdbx_value_order 
_struct_conn.pdbx_role 
covale1  covale both ? A GLY 29  C ? ? ? 1_555 A MSE 30  N ? ? A GLY 30  A MSE 31  1_555 ? ? ? ? ? ? ? 1.326 ? ? 
covale2  covale both ? A MSE 30  C ? ? ? 1_555 A SER 31  N ? ? A MSE 31  A SER 32  1_555 ? ? ? ? ? ? ? 1.324 ? ? 
covale3  covale both ? A GLY 36  C ? ? ? 1_555 A MSE 37  N ? ? A GLY 37  A MSE 38  1_555 ? ? ? ? ? ? ? 1.327 ? ? 
covale4  covale both ? A MSE 37  C ? ? ? 1_555 A ALA 38  N ? ? A MSE 38  A ALA 39  1_555 ? ? ? ? ? ? ? 1.328 ? ? 
covale5  covale both ? A ASN 41  C ? ? ? 1_555 A MSE 42  N ? ? A ASN 42  A MSE 43  1_555 ? ? ? ? ? ? ? 1.327 ? ? 
covale6  covale both ? A MSE 42  C ? ? ? 1_555 A ARG 43  N ? ? A MSE 43  A ARG 44  1_555 ? ? ? ? ? ? ? 1.328 ? ? 
covale7  covale both ? A THR 77  C ? ? ? 1_555 A MSE 78  N ? ? A THR 78  A MSE 79  1_555 ? ? ? ? ? ? ? 1.329 ? ? 
covale8  covale both ? A MSE 78  C ? ? ? 1_555 A GLN 79  N ? ? A MSE 79  A GLN 80  1_555 ? ? ? ? ? ? ? 1.329 ? ? 
covale9  covale both ? A SER 91  C ? ? ? 1_555 A MSE 92  N ? ? A SER 92  A MSE 93  1_555 ? ? ? ? ? ? ? 1.330 ? ? 
covale10 covale both ? A MSE 92  C ? ? ? 1_555 A PRO 93  N ? ? A MSE 93  A PRO 94  1_555 ? ? ? ? ? ? ? 1.342 ? ? 
covale11 covale both ? A PHE 104 C ? ? ? 1_555 A MSE 105 N ? ? A PHE 105 A MSE 106 1_555 ? ? ? ? ? ? ? 1.328 ? ? 
covale12 covale both ? A MSE 105 C ? ? ? 1_555 A VAL 106 N ? ? A MSE 106 A VAL 107 1_555 ? ? ? ? ? ? ? 1.327 ? ? 
covale13 covale both ? A VAL 106 C ? ? ? 1_555 A MSE 107 N ? ? A VAL 107 A MSE 108 1_555 ? ? ? ? ? ? ? 1.317 ? ? 
covale14 covale both ? A MSE 107 C ? ? ? 1_555 A PRO 108 N ? ? A MSE 108 A PRO 109 1_555 ? ? ? ? ? ? ? 1.336 ? ? 
covale15 covale both ? A GLN 130 C ? ? ? 1_555 A MSE 131 N ? ? A GLN 131 A MSE 132 1_555 ? ? ? ? ? ? ? 1.324 ? ? 
covale16 covale both ? A MSE 131 C ? ? ? 1_555 A VAL 132 N ? ? A MSE 132 A VAL 133 1_555 ? ? ? ? ? ? ? 1.329 ? ? 
# 
_struct_conn_type.id          covale 
_struct_conn_type.criteria    ? 
_struct_conn_type.reference   ? 
# 
loop_
_pdbx_modification_feature.ordinal 
_pdbx_modification_feature.label_comp_id 
_pdbx_modification_feature.label_asym_id 
_pdbx_modification_feature.label_seq_id 
_pdbx_modification_feature.label_alt_id 
_pdbx_modification_feature.modified_residue_label_comp_id 
_pdbx_modification_feature.modified_residue_label_asym_id 
_pdbx_modification_feature.modified_residue_label_seq_id 
_pdbx_modification_feature.modified_residue_label_alt_id 
_pdbx_modification_feature.auth_comp_id 
_pdbx_modification_feature.auth_asym_id 
_pdbx_modification_feature.auth_seq_id 
_pdbx_modification_feature.PDB_ins_code 
_pdbx_modification_feature.symmetry 
_pdbx_modification_feature.modified_residue_auth_comp_id 
_pdbx_modification_feature.modified_residue_auth_asym_id 
_pdbx_modification_feature.modified_residue_auth_seq_id 
_pdbx_modification_feature.modified_residue_PDB_ins_code 
_pdbx_modification_feature.modified_residue_symmetry 
_pdbx_modification_feature.comp_id_linking_atom 
_pdbx_modification_feature.modified_residue_id_linking_atom 
_pdbx_modification_feature.modified_residue_id 
_pdbx_modification_feature.ref_pcm_id 
_pdbx_modification_feature.ref_comp_id 
_pdbx_modification_feature.type 
_pdbx_modification_feature.category 
1 MSE A 30  ? . . . . MSE A 31  ? 1_555 . . . . . . . MET 1 MSE Selenomethionine 'Named protein modification' 
2 MSE A 37  ? . . . . MSE A 38  ? 1_555 . . . . . . . MET 1 MSE Selenomethionine 'Named protein modification' 
3 MSE A 42  ? . . . . MSE A 43  ? 1_555 . . . . . . . MET 1 MSE Selenomethionine 'Named protein modification' 
4 MSE A 78  ? . . . . MSE A 79  ? 1_555 . . . . . . . MET 1 MSE Selenomethionine 'Named protein modification' 
5 MSE A 92  ? . . . . MSE A 93  ? 1_555 . . . . . . . MET 1 MSE Selenomethionine 'Named protein modification' 
6 MSE A 105 ? . . . . MSE A 106 ? 1_555 . . . . . . . MET 1 MSE Selenomethionine 'Named protein modification' 
7 MSE A 107 ? . . . . MSE A 108 ? 1_555 . . . . . . . MET 1 MSE Selenomethionine 'Named protein modification' 
8 MSE A 131 ? . . . . MSE A 132 ? 1_555 . . . . . . . MET 1 MSE Selenomethionine 'Named protein modification' 
# 
_struct_mon_prot_cis.pdbx_id                1 
_struct_mon_prot_cis.label_comp_id          LEU 
_struct_mon_prot_cis.label_seq_id           16 
_struct_mon_prot_cis.label_asym_id          A 
_struct_mon_prot_cis.label_alt_id           . 
_struct_mon_prot_cis.pdbx_PDB_ins_code      ? 
_struct_mon_prot_cis.auth_comp_id           LEU 
_struct_mon_prot_cis.auth_seq_id            17 
_struct_mon_prot_cis.auth_asym_id           A 
_struct_mon_prot_cis.pdbx_label_comp_id_2   PRO 
_struct_mon_prot_cis.pdbx_label_seq_id_2    17 
_struct_mon_prot_cis.pdbx_label_asym_id_2   A 
_struct_mon_prot_cis.pdbx_PDB_ins_code_2    ? 
_struct_mon_prot_cis.pdbx_auth_comp_id_2    PRO 
_struct_mon_prot_cis.pdbx_auth_seq_id_2     18 
_struct_mon_prot_cis.pdbx_auth_asym_id_2    A 
_struct_mon_prot_cis.pdbx_PDB_model_num     1 
_struct_mon_prot_cis.pdbx_omega_angle       0.12 
# 
loop_
_struct_sheet.id 
_struct_sheet.type 
_struct_sheet.number_strands 
_struct_sheet.details 
A ? 6 ? 
B ? 6 ? 
C ? 5 ? 
# 
loop_
_struct_sheet_order.sheet_id 
_struct_sheet_order.range_id_1 
_struct_sheet_order.range_id_2 
_struct_sheet_order.offset 
_struct_sheet_order.sense 
A 1 2 ? anti-parallel 
A 2 3 ? anti-parallel 
A 3 4 ? anti-parallel 
A 4 5 ? anti-parallel 
A 5 6 ? anti-parallel 
B 1 2 ? anti-parallel 
B 2 3 ? anti-parallel 
B 3 4 ? anti-parallel 
B 4 5 ? anti-parallel 
B 5 6 ? anti-parallel 
C 1 2 ? anti-parallel 
C 2 3 ? anti-parallel 
C 3 4 ? anti-parallel 
C 4 5 ? anti-parallel 
# 
loop_
_struct_sheet_range.sheet_id 
_struct_sheet_range.id 
_struct_sheet_range.beg_label_comp_id 
_struct_sheet_range.beg_label_asym_id 
_struct_sheet_range.beg_label_seq_id 
_struct_sheet_range.pdbx_beg_PDB_ins_code 
_struct_sheet_range.end_label_comp_id 
_struct_sheet_range.end_label_asym_id 
_struct_sheet_range.end_label_seq_id 
_struct_sheet_range.pdbx_end_PDB_ins_code 
_struct_sheet_range.beg_auth_comp_id 
_struct_sheet_range.beg_auth_asym_id 
_struct_sheet_range.beg_auth_seq_id 
_struct_sheet_range.end_auth_comp_id 
_struct_sheet_range.end_auth_asym_id 
_struct_sheet_range.end_auth_seq_id 
A 1 TYR A 18  ? PRO A 21  ? TYR A 19  PRO A 22  
A 2 HIS A 134 ? GLY A 139 ? HIS A 135 GLY A 140 
A 3 PHE A 45  ? ALA A 50  ? PHE A 46  ALA A 51  
A 4 VAL A 59  ? ARG A 66  ? VAL A 60  ARG A 67  
A 5 LYS A 72  ? GLN A 79  ? LYS A 73  GLN A 80  
A 6 GLN A 82  ? TRP A 83  ? GLN A 83  TRP A 84  
B 1 TYR A 18  ? PRO A 21  ? TYR A 19  PRO A 22  
B 2 HIS A 134 ? GLY A 139 ? HIS A 135 GLY A 140 
B 3 PHE A 45  ? ALA A 50  ? PHE A 46  ALA A 51  
B 4 VAL A 59  ? ARG A 66  ? VAL A 60  ARG A 67  
B 5 LYS A 72  ? GLN A 79  ? LYS A 73  GLN A 80  
B 6 GLU A 87  ? LYS A 89  ? GLU A 88  LYS A 90  
C 1 ASN A 118 ? GLY A 124 ? ASN A 119 GLY A 125 
C 2 HIS A 110 ? VAL A 115 ? HIS A 111 VAL A 116 
C 3 HIS A 99  ? VAL A 106 ? HIS A 100 VAL A 107 
C 4 SER A 31  ? ALA A 38  ? SER A 32  ALA A 39  
C 5 LEU A 141 ? LEU A 149 ? LEU A 142 LEU A 150 
# 
loop_
_pdbx_struct_sheet_hbond.sheet_id 
_pdbx_struct_sheet_hbond.range_id_1 
_pdbx_struct_sheet_hbond.range_id_2 
_pdbx_struct_sheet_hbond.range_1_label_atom_id 
_pdbx_struct_sheet_hbond.range_1_label_comp_id 
_pdbx_struct_sheet_hbond.range_1_label_asym_id 
_pdbx_struct_sheet_hbond.range_1_label_seq_id 
_pdbx_struct_sheet_hbond.range_1_PDB_ins_code 
_pdbx_struct_sheet_hbond.range_1_auth_atom_id 
_pdbx_struct_sheet_hbond.range_1_auth_comp_id 
_pdbx_struct_sheet_hbond.range_1_auth_asym_id 
_pdbx_struct_sheet_hbond.range_1_auth_seq_id 
_pdbx_struct_sheet_hbond.range_2_label_atom_id 
_pdbx_struct_sheet_hbond.range_2_label_comp_id 
_pdbx_struct_sheet_hbond.range_2_label_asym_id 
_pdbx_struct_sheet_hbond.range_2_label_seq_id 
_pdbx_struct_sheet_hbond.range_2_PDB_ins_code 
_pdbx_struct_sheet_hbond.range_2_auth_atom_id 
_pdbx_struct_sheet_hbond.range_2_auth_comp_id 
_pdbx_struct_sheet_hbond.range_2_auth_asym_id 
_pdbx_struct_sheet_hbond.range_2_auth_seq_id 
A 1 2 N TYR A 18  ? N TYR A 19  O VAL A 137 ? O VAL A 138 
A 2 3 O GLN A 136 ? O GLN A 137 N ASN A 48  ? N ASN A 49  
A 3 4 N VAL A 47  ? N VAL A 48  O PHE A 63  ? O PHE A 64  
A 4 5 N ARG A 66  ? N ARG A 67  O LYS A 72  ? O LYS A 73  
A 5 6 N GLN A 79  ? N GLN A 80  O GLN A 82  ? O GLN A 83  
B 1 2 N TYR A 18  ? N TYR A 19  O VAL A 137 ? O VAL A 138 
B 2 3 O GLN A 136 ? O GLN A 137 N ASN A 48  ? N ASN A 49  
B 3 4 N VAL A 47  ? N VAL A 48  O PHE A 63  ? O PHE A 64  
B 4 5 N ARG A 66  ? N ARG A 67  O LYS A 72  ? O LYS A 73  
B 5 6 N PHE A 75  ? N PHE A 76  O GLU A 87  ? O GLU A 88  
C 1 2 O PHE A 120 ? O PHE A 121 N VAL A 113 ? N VAL A 114 
C 2 3 O LYS A 112 ? O LYS A 113 N MSE A 105 ? N MSE A 106 
C 3 4 O LEU A 102 ? O LEU A 103 N ILE A 34  ? N ILE A 35  
C 4 5 N TYR A 33  ? N TYR A 34  O ASN A 147 ? O ASN A 148 
# 
_pdbx_entry_details.entry_id                   2DYC 
_pdbx_entry_details.compound_details           ? 
_pdbx_entry_details.source_details             ? 
_pdbx_entry_details.nonpolymer_details         ? 
_pdbx_entry_details.sequence_details           ? 
_pdbx_entry_details.has_ligand_of_interest     ? 
_pdbx_entry_details.has_protein_modification   Y 
# 
loop_
_pdbx_validate_torsion.id 
_pdbx_validate_torsion.PDB_model_num 
_pdbx_validate_torsion.auth_comp_id 
_pdbx_validate_torsion.auth_asym_id 
_pdbx_validate_torsion.auth_seq_id 
_pdbx_validate_torsion.PDB_ins_code 
_pdbx_validate_torsion.label_alt_id 
_pdbx_validate_torsion.phi 
_pdbx_validate_torsion.psi 
1 1 ASN A 14  ? ? 73.97  45.71   
2 1 PRO A 15  ? ? -60.10 -178.44 
3 1 THR A 16  ? ? -84.27 -125.65 
4 1 LEU A 17  ? ? 172.67 133.36  
5 1 ALA A 155 ? ? 48.01  -110.66 
# 
_pdbx_SG_project.id                    1 
_pdbx_SG_project.project_name          'NPPSFA, National Project on Protein Structural and Functional Analyses' 
_pdbx_SG_project.full_name_of_center   'RIKEN Structural Genomics/Proteomics Initiative' 
_pdbx_SG_project.initial_of_center     RSGI 
# 
loop_
_pdbx_struct_mod_residue.id 
_pdbx_struct_mod_residue.label_asym_id 
_pdbx_struct_mod_residue.label_comp_id 
_pdbx_struct_mod_residue.label_seq_id 
_pdbx_struct_mod_residue.auth_asym_id 
_pdbx_struct_mod_residue.auth_comp_id 
_pdbx_struct_mod_residue.auth_seq_id 
_pdbx_struct_mod_residue.PDB_ins_code 
_pdbx_struct_mod_residue.parent_comp_id 
_pdbx_struct_mod_residue.details 
1 A MSE 30  A MSE 31  ? MET SELENOMETHIONINE 
2 A MSE 37  A MSE 38  ? MET SELENOMETHIONINE 
3 A MSE 42  A MSE 43  ? MET SELENOMETHIONINE 
4 A MSE 78  A MSE 79  ? MET SELENOMETHIONINE 
5 A MSE 92  A MSE 93  ? MET SELENOMETHIONINE 
6 A MSE 105 A MSE 106 ? MET SELENOMETHIONINE 
7 A MSE 107 A MSE 108 ? MET SELENOMETHIONINE 
8 A MSE 131 A MSE 132 ? MET SELENOMETHIONINE 
# 
loop_
_pdbx_unobs_or_zero_occ_residues.id 
_pdbx_unobs_or_zero_occ_residues.PDB_model_num 
_pdbx_unobs_or_zero_occ_residues.polymer_flag 
_pdbx_unobs_or_zero_occ_residues.occupancy_flag 
_pdbx_unobs_or_zero_occ_residues.auth_asym_id 
_pdbx_unobs_or_zero_occ_residues.auth_comp_id 
_pdbx_unobs_or_zero_occ_residues.auth_seq_id 
_pdbx_unobs_or_zero_occ_residues.PDB_ins_code 
_pdbx_unobs_or_zero_occ_residues.label_asym_id 
_pdbx_unobs_or_zero_occ_residues.label_comp_id 
_pdbx_unobs_or_zero_occ_residues.label_seq_id 
1  1 Y 1 A GLY 2  ? A GLY 1  
2  1 Y 1 A SER 3  ? A SER 2  
3  1 Y 1 A SER 4  ? A SER 3  
4  1 Y 1 A GLY 5  ? A GLY 4  
5  1 Y 1 A SER 6  ? A SER 5  
6  1 Y 1 A SER 7  ? A SER 6  
7  1 Y 1 A GLY 8  ? A GLY 7  
8  1 Y 1 A TYR 9  ? A TYR 8  
9  1 Y 1 A GLN 10 ? A GLN 9  
10 1 Y 1 A PRO 11 ? A PRO 10 
11 1 Y 1 A THR 12 ? A THR 11 
# 
loop_
_chem_comp_atom.comp_id 
_chem_comp_atom.atom_id 
_chem_comp_atom.type_symbol 
_chem_comp_atom.pdbx_aromatic_flag 
_chem_comp_atom.pdbx_stereo_config 
_chem_comp_atom.pdbx_ordinal 
ALA N    N  N N 1   
ALA CA   C  N S 2   
ALA C    C  N N 3   
ALA O    O  N N 4   
ALA CB   C  N N 5   
ALA OXT  O  N N 6   
ALA H    H  N N 7   
ALA H2   H  N N 8   
ALA HA   H  N N 9   
ALA HB1  H  N N 10  
ALA HB2  H  N N 11  
ALA HB3  H  N N 12  
ALA HXT  H  N N 13  
ARG N    N  N N 14  
ARG CA   C  N S 15  
ARG C    C  N N 16  
ARG O    O  N N 17  
ARG CB   C  N N 18  
ARG CG   C  N N 19  
ARG CD   C  N N 20  
ARG NE   N  N N 21  
ARG CZ   C  N N 22  
ARG NH1  N  N N 23  
ARG NH2  N  N N 24  
ARG OXT  O  N N 25  
ARG H    H  N N 26  
ARG H2   H  N N 27  
ARG HA   H  N N 28  
ARG HB2  H  N N 29  
ARG HB3  H  N N 30  
ARG HG2  H  N N 31  
ARG HG3  H  N N 32  
ARG HD2  H  N N 33  
ARG HD3  H  N N 34  
ARG HE   H  N N 35  
ARG HH11 H  N N 36  
ARG HH12 H  N N 37  
ARG HH21 H  N N 38  
ARG HH22 H  N N 39  
ARG HXT  H  N N 40  
ASN N    N  N N 41  
ASN CA   C  N S 42  
ASN C    C  N N 43  
ASN O    O  N N 44  
ASN CB   C  N N 45  
ASN CG   C  N N 46  
ASN OD1  O  N N 47  
ASN ND2  N  N N 48  
ASN OXT  O  N N 49  
ASN H    H  N N 50  
ASN H2   H  N N 51  
ASN HA   H  N N 52  
ASN HB2  H  N N 53  
ASN HB3  H  N N 54  
ASN HD21 H  N N 55  
ASN HD22 H  N N 56  
ASN HXT  H  N N 57  
ASP N    N  N N 58  
ASP CA   C  N S 59  
ASP C    C  N N 60  
ASP O    O  N N 61  
ASP CB   C  N N 62  
ASP CG   C  N N 63  
ASP OD1  O  N N 64  
ASP OD2  O  N N 65  
ASP OXT  O  N N 66  
ASP H    H  N N 67  
ASP H2   H  N N 68  
ASP HA   H  N N 69  
ASP HB2  H  N N 70  
ASP HB3  H  N N 71  
ASP HD2  H  N N 72  
ASP HXT  H  N N 73  
GLN N    N  N N 74  
GLN CA   C  N S 75  
GLN C    C  N N 76  
GLN O    O  N N 77  
GLN CB   C  N N 78  
GLN CG   C  N N 79  
GLN CD   C  N N 80  
GLN OE1  O  N N 81  
GLN NE2  N  N N 82  
GLN OXT  O  N N 83  
GLN H    H  N N 84  
GLN H2   H  N N 85  
GLN HA   H  N N 86  
GLN HB2  H  N N 87  
GLN HB3  H  N N 88  
GLN HG2  H  N N 89  
GLN HG3  H  N N 90  
GLN HE21 H  N N 91  
GLN HE22 H  N N 92  
GLN HXT  H  N N 93  
GLU N    N  N N 94  
GLU CA   C  N S 95  
GLU C    C  N N 96  
GLU O    O  N N 97  
GLU CB   C  N N 98  
GLU CG   C  N N 99  
GLU CD   C  N N 100 
GLU OE1  O  N N 101 
GLU OE2  O  N N 102 
GLU OXT  O  N N 103 
GLU H    H  N N 104 
GLU H2   H  N N 105 
GLU HA   H  N N 106 
GLU HB2  H  N N 107 
GLU HB3  H  N N 108 
GLU HG2  H  N N 109 
GLU HG3  H  N N 110 
GLU HE2  H  N N 111 
GLU HXT  H  N N 112 
GLY N    N  N N 113 
GLY CA   C  N N 114 
GLY C    C  N N 115 
GLY O    O  N N 116 
GLY OXT  O  N N 117 
GLY H    H  N N 118 
GLY H2   H  N N 119 
GLY HA2  H  N N 120 
GLY HA3  H  N N 121 
GLY HXT  H  N N 122 
HIS N    N  N N 123 
HIS CA   C  N S 124 
HIS C    C  N N 125 
HIS O    O  N N 126 
HIS CB   C  N N 127 
HIS CG   C  Y N 128 
HIS ND1  N  Y N 129 
HIS CD2  C  Y N 130 
HIS CE1  C  Y N 131 
HIS NE2  N  Y N 132 
HIS OXT  O  N N 133 
HIS H    H  N N 134 
HIS H2   H  N N 135 
HIS HA   H  N N 136 
HIS HB2  H  N N 137 
HIS HB3  H  N N 138 
HIS HD1  H  N N 139 
HIS HD2  H  N N 140 
HIS HE1  H  N N 141 
HIS HE2  H  N N 142 
HIS HXT  H  N N 143 
HOH O    O  N N 144 
HOH H1   H  N N 145 
HOH H2   H  N N 146 
ILE N    N  N N 147 
ILE CA   C  N S 148 
ILE C    C  N N 149 
ILE O    O  N N 150 
ILE CB   C  N S 151 
ILE CG1  C  N N 152 
ILE CG2  C  N N 153 
ILE CD1  C  N N 154 
ILE OXT  O  N N 155 
ILE H    H  N N 156 
ILE H2   H  N N 157 
ILE HA   H  N N 158 
ILE HB   H  N N 159 
ILE HG12 H  N N 160 
ILE HG13 H  N N 161 
ILE HG21 H  N N 162 
ILE HG22 H  N N 163 
ILE HG23 H  N N 164 
ILE HD11 H  N N 165 
ILE HD12 H  N N 166 
ILE HD13 H  N N 167 
ILE HXT  H  N N 168 
LEU N    N  N N 169 
LEU CA   C  N S 170 
LEU C    C  N N 171 
LEU O    O  N N 172 
LEU CB   C  N N 173 
LEU CG   C  N N 174 
LEU CD1  C  N N 175 
LEU CD2  C  N N 176 
LEU OXT  O  N N 177 
LEU H    H  N N 178 
LEU H2   H  N N 179 
LEU HA   H  N N 180 
LEU HB2  H  N N 181 
LEU HB3  H  N N 182 
LEU HG   H  N N 183 
LEU HD11 H  N N 184 
LEU HD12 H  N N 185 
LEU HD13 H  N N 186 
LEU HD21 H  N N 187 
LEU HD22 H  N N 188 
LEU HD23 H  N N 189 
LEU HXT  H  N N 190 
LYS N    N  N N 191 
LYS CA   C  N S 192 
LYS C    C  N N 193 
LYS O    O  N N 194 
LYS CB   C  N N 195 
LYS CG   C  N N 196 
LYS CD   C  N N 197 
LYS CE   C  N N 198 
LYS NZ   N  N N 199 
LYS OXT  O  N N 200 
LYS H    H  N N 201 
LYS H2   H  N N 202 
LYS HA   H  N N 203 
LYS HB2  H  N N 204 
LYS HB3  H  N N 205 
LYS HG2  H  N N 206 
LYS HG3  H  N N 207 
LYS HD2  H  N N 208 
LYS HD3  H  N N 209 
LYS HE2  H  N N 210 
LYS HE3  H  N N 211 
LYS HZ1  H  N N 212 
LYS HZ2  H  N N 213 
LYS HZ3  H  N N 214 
LYS HXT  H  N N 215 
MSE N    N  N N 216 
MSE CA   C  N S 217 
MSE C    C  N N 218 
MSE O    O  N N 219 
MSE OXT  O  N N 220 
MSE CB   C  N N 221 
MSE CG   C  N N 222 
MSE SE   SE N N 223 
MSE CE   C  N N 224 
MSE H    H  N N 225 
MSE H2   H  N N 226 
MSE HA   H  N N 227 
MSE HXT  H  N N 228 
MSE HB2  H  N N 229 
MSE HB3  H  N N 230 
MSE HG2  H  N N 231 
MSE HG3  H  N N 232 
MSE HE1  H  N N 233 
MSE HE2  H  N N 234 
MSE HE3  H  N N 235 
PHE N    N  N N 236 
PHE CA   C  N S 237 
PHE C    C  N N 238 
PHE O    O  N N 239 
PHE CB   C  N N 240 
PHE CG   C  Y N 241 
PHE CD1  C  Y N 242 
PHE CD2  C  Y N 243 
PHE CE1  C  Y N 244 
PHE CE2  C  Y N 245 
PHE CZ   C  Y N 246 
PHE OXT  O  N N 247 
PHE H    H  N N 248 
PHE H2   H  N N 249 
PHE HA   H  N N 250 
PHE HB2  H  N N 251 
PHE HB3  H  N N 252 
PHE HD1  H  N N 253 
PHE HD2  H  N N 254 
PHE HE1  H  N N 255 
PHE HE2  H  N N 256 
PHE HZ   H  N N 257 
PHE HXT  H  N N 258 
PRO N    N  N N 259 
PRO CA   C  N S 260 
PRO C    C  N N 261 
PRO O    O  N N 262 
PRO CB   C  N N 263 
PRO CG   C  N N 264 
PRO CD   C  N N 265 
PRO OXT  O  N N 266 
PRO H    H  N N 267 
PRO HA   H  N N 268 
PRO HB2  H  N N 269 
PRO HB3  H  N N 270 
PRO HG2  H  N N 271 
PRO HG3  H  N N 272 
PRO HD2  H  N N 273 
PRO HD3  H  N N 274 
PRO HXT  H  N N 275 
SER N    N  N N 276 
SER CA   C  N S 277 
SER C    C  N N 278 
SER O    O  N N 279 
SER CB   C  N N 280 
SER OG   O  N N 281 
SER OXT  O  N N 282 
SER H    H  N N 283 
SER H2   H  N N 284 
SER HA   H  N N 285 
SER HB2  H  N N 286 
SER HB3  H  N N 287 
SER HG   H  N N 288 
SER HXT  H  N N 289 
THR N    N  N N 290 
THR CA   C  N S 291 
THR C    C  N N 292 
THR O    O  N N 293 
THR CB   C  N R 294 
THR OG1  O  N N 295 
THR CG2  C  N N 296 
THR OXT  O  N N 297 
THR H    H  N N 298 
THR H2   H  N N 299 
THR HA   H  N N 300 
THR HB   H  N N 301 
THR HG1  H  N N 302 
THR HG21 H  N N 303 
THR HG22 H  N N 304 
THR HG23 H  N N 305 
THR HXT  H  N N 306 
TRP N    N  N N 307 
TRP CA   C  N S 308 
TRP C    C  N N 309 
TRP O    O  N N 310 
TRP CB   C  N N 311 
TRP CG   C  Y N 312 
TRP CD1  C  Y N 313 
TRP CD2  C  Y N 314 
TRP NE1  N  Y N 315 
TRP CE2  C  Y N 316 
TRP CE3  C  Y N 317 
TRP CZ2  C  Y N 318 
TRP CZ3  C  Y N 319 
TRP CH2  C  Y N 320 
TRP OXT  O  N N 321 
TRP H    H  N N 322 
TRP H2   H  N N 323 
TRP HA   H  N N 324 
TRP HB2  H  N N 325 
TRP HB3  H  N N 326 
TRP HD1  H  N N 327 
TRP HE1  H  N N 328 
TRP HE3  H  N N 329 
TRP HZ2  H  N N 330 
TRP HZ3  H  N N 331 
TRP HH2  H  N N 332 
TRP HXT  H  N N 333 
TYR N    N  N N 334 
TYR CA   C  N S 335 
TYR C    C  N N 336 
TYR O    O  N N 337 
TYR CB   C  N N 338 
TYR CG   C  Y N 339 
TYR CD1  C  Y N 340 
TYR CD2  C  Y N 341 
TYR CE1  C  Y N 342 
TYR CE2  C  Y N 343 
TYR CZ   C  Y N 344 
TYR OH   O  N N 345 
TYR OXT  O  N N 346 
TYR H    H  N N 347 
TYR H2   H  N N 348 
TYR HA   H  N N 349 
TYR HB2  H  N N 350 
TYR HB3  H  N N 351 
TYR HD1  H  N N 352 
TYR HD2  H  N N 353 
TYR HE1  H  N N 354 
TYR HE2  H  N N 355 
TYR HH   H  N N 356 
TYR HXT  H  N N 357 
VAL N    N  N N 358 
VAL CA   C  N S 359 
VAL C    C  N N 360 
VAL O    O  N N 361 
VAL CB   C  N N 362 
VAL CG1  C  N N 363 
VAL CG2  C  N N 364 
VAL OXT  O  N N 365 
VAL H    H  N N 366 
VAL H2   H  N N 367 
VAL HA   H  N N 368 
VAL HB   H  N N 369 
VAL HG11 H  N N 370 
VAL HG12 H  N N 371 
VAL HG13 H  N N 372 
VAL HG21 H  N N 373 
VAL HG22 H  N N 374 
VAL HG23 H  N N 375 
VAL HXT  H  N N 376 
# 
loop_
_chem_comp_bond.comp_id 
_chem_comp_bond.atom_id_1 
_chem_comp_bond.atom_id_2 
_chem_comp_bond.value_order 
_chem_comp_bond.pdbx_aromatic_flag 
_chem_comp_bond.pdbx_stereo_config 
_chem_comp_bond.pdbx_ordinal 
ALA N   CA   sing N N 1   
ALA N   H    sing N N 2   
ALA N   H2   sing N N 3   
ALA CA  C    sing N N 4   
ALA CA  CB   sing N N 5   
ALA CA  HA   sing N N 6   
ALA C   O    doub N N 7   
ALA C   OXT  sing N N 8   
ALA CB  HB1  sing N N 9   
ALA CB  HB2  sing N N 10  
ALA CB  HB3  sing N N 11  
ALA OXT HXT  sing N N 12  
ARG N   CA   sing N N 13  
ARG N   H    sing N N 14  
ARG N   H2   sing N N 15  
ARG CA  C    sing N N 16  
ARG CA  CB   sing N N 17  
ARG CA  HA   sing N N 18  
ARG C   O    doub N N 19  
ARG C   OXT  sing N N 20  
ARG CB  CG   sing N N 21  
ARG CB  HB2  sing N N 22  
ARG CB  HB3  sing N N 23  
ARG CG  CD   sing N N 24  
ARG CG  HG2  sing N N 25  
ARG CG  HG3  sing N N 26  
ARG CD  NE   sing N N 27  
ARG CD  HD2  sing N N 28  
ARG CD  HD3  sing N N 29  
ARG NE  CZ   sing N N 30  
ARG NE  HE   sing N N 31  
ARG CZ  NH1  sing N N 32  
ARG CZ  NH2  doub N N 33  
ARG NH1 HH11 sing N N 34  
ARG NH1 HH12 sing N N 35  
ARG NH2 HH21 sing N N 36  
ARG NH2 HH22 sing N N 37  
ARG OXT HXT  sing N N 38  
ASN N   CA   sing N N 39  
ASN N   H    sing N N 40  
ASN N   H2   sing N N 41  
ASN CA  C    sing N N 42  
ASN CA  CB   sing N N 43  
ASN CA  HA   sing N N 44  
ASN C   O    doub N N 45  
ASN C   OXT  sing N N 46  
ASN CB  CG   sing N N 47  
ASN CB  HB2  sing N N 48  
ASN CB  HB3  sing N N 49  
ASN CG  OD1  doub N N 50  
ASN CG  ND2  sing N N 51  
ASN ND2 HD21 sing N N 52  
ASN ND2 HD22 sing N N 53  
ASN OXT HXT  sing N N 54  
ASP N   CA   sing N N 55  
ASP N   H    sing N N 56  
ASP N   H2   sing N N 57  
ASP CA  C    sing N N 58  
ASP CA  CB   sing N N 59  
ASP CA  HA   sing N N 60  
ASP C   O    doub N N 61  
ASP C   OXT  sing N N 62  
ASP CB  CG   sing N N 63  
ASP CB  HB2  sing N N 64  
ASP CB  HB3  sing N N 65  
ASP CG  OD1  doub N N 66  
ASP CG  OD2  sing N N 67  
ASP OD2 HD2  sing N N 68  
ASP OXT HXT  sing N N 69  
GLN N   CA   sing N N 70  
GLN N   H    sing N N 71  
GLN N   H2   sing N N 72  
GLN CA  C    sing N N 73  
GLN CA  CB   sing N N 74  
GLN CA  HA   sing N N 75  
GLN C   O    doub N N 76  
GLN C   OXT  sing N N 77  
GLN CB  CG   sing N N 78  
GLN CB  HB2  sing N N 79  
GLN CB  HB3  sing N N 80  
GLN CG  CD   sing N N 81  
GLN CG  HG2  sing N N 82  
GLN CG  HG3  sing N N 83  
GLN CD  OE1  doub N N 84  
GLN CD  NE2  sing N N 85  
GLN NE2 HE21 sing N N 86  
GLN NE2 HE22 sing N N 87  
GLN OXT HXT  sing N N 88  
GLU N   CA   sing N N 89  
GLU N   H    sing N N 90  
GLU N   H2   sing N N 91  
GLU CA  C    sing N N 92  
GLU CA  CB   sing N N 93  
GLU CA  HA   sing N N 94  
GLU C   O    doub N N 95  
GLU C   OXT  sing N N 96  
GLU CB  CG   sing N N 97  
GLU CB  HB2  sing N N 98  
GLU CB  HB3  sing N N 99  
GLU CG  CD   sing N N 100 
GLU CG  HG2  sing N N 101 
GLU CG  HG3  sing N N 102 
GLU CD  OE1  doub N N 103 
GLU CD  OE2  sing N N 104 
GLU OE2 HE2  sing N N 105 
GLU OXT HXT  sing N N 106 
GLY N   CA   sing N N 107 
GLY N   H    sing N N 108 
GLY N   H2   sing N N 109 
GLY CA  C    sing N N 110 
GLY CA  HA2  sing N N 111 
GLY CA  HA3  sing N N 112 
GLY C   O    doub N N 113 
GLY C   OXT  sing N N 114 
GLY OXT HXT  sing N N 115 
HIS N   CA   sing N N 116 
HIS N   H    sing N N 117 
HIS N   H2   sing N N 118 
HIS CA  C    sing N N 119 
HIS CA  CB   sing N N 120 
HIS CA  HA   sing N N 121 
HIS C   O    doub N N 122 
HIS C   OXT  sing N N 123 
HIS CB  CG   sing N N 124 
HIS CB  HB2  sing N N 125 
HIS CB  HB3  sing N N 126 
HIS CG  ND1  sing Y N 127 
HIS CG  CD2  doub Y N 128 
HIS ND1 CE1  doub Y N 129 
HIS ND1 HD1  sing N N 130 
HIS CD2 NE2  sing Y N 131 
HIS CD2 HD2  sing N N 132 
HIS CE1 NE2  sing Y N 133 
HIS CE1 HE1  sing N N 134 
HIS NE2 HE2  sing N N 135 
HIS OXT HXT  sing N N 136 
HOH O   H1   sing N N 137 
HOH O   H2   sing N N 138 
ILE N   CA   sing N N 139 
ILE N   H    sing N N 140 
ILE N   H2   sing N N 141 
ILE CA  C    sing N N 142 
ILE CA  CB   sing N N 143 
ILE CA  HA   sing N N 144 
ILE C   O    doub N N 145 
ILE C   OXT  sing N N 146 
ILE CB  CG1  sing N N 147 
ILE CB  CG2  sing N N 148 
ILE CB  HB   sing N N 149 
ILE CG1 CD1  sing N N 150 
ILE CG1 HG12 sing N N 151 
ILE CG1 HG13 sing N N 152 
ILE CG2 HG21 sing N N 153 
ILE CG2 HG22 sing N N 154 
ILE CG2 HG23 sing N N 155 
ILE CD1 HD11 sing N N 156 
ILE CD1 HD12 sing N N 157 
ILE CD1 HD13 sing N N 158 
ILE OXT HXT  sing N N 159 
LEU N   CA   sing N N 160 
LEU N   H    sing N N 161 
LEU N   H2   sing N N 162 
LEU CA  C    sing N N 163 
LEU CA  CB   sing N N 164 
LEU CA  HA   sing N N 165 
LEU C   O    doub N N 166 
LEU C   OXT  sing N N 167 
LEU CB  CG   sing N N 168 
LEU CB  HB2  sing N N 169 
LEU CB  HB3  sing N N 170 
LEU CG  CD1  sing N N 171 
LEU CG  CD2  sing N N 172 
LEU CG  HG   sing N N 173 
LEU CD1 HD11 sing N N 174 
LEU CD1 HD12 sing N N 175 
LEU CD1 HD13 sing N N 176 
LEU CD2 HD21 sing N N 177 
LEU CD2 HD22 sing N N 178 
LEU CD2 HD23 sing N N 179 
LEU OXT HXT  sing N N 180 
LYS N   CA   sing N N 181 
LYS N   H    sing N N 182 
LYS N   H2   sing N N 183 
LYS CA  C    sing N N 184 
LYS CA  CB   sing N N 185 
LYS CA  HA   sing N N 186 
LYS C   O    doub N N 187 
LYS C   OXT  sing N N 188 
LYS CB  CG   sing N N 189 
LYS CB  HB2  sing N N 190 
LYS CB  HB3  sing N N 191 
LYS CG  CD   sing N N 192 
LYS CG  HG2  sing N N 193 
LYS CG  HG3  sing N N 194 
LYS CD  CE   sing N N 195 
LYS CD  HD2  sing N N 196 
LYS CD  HD3  sing N N 197 
LYS CE  NZ   sing N N 198 
LYS CE  HE2  sing N N 199 
LYS CE  HE3  sing N N 200 
LYS NZ  HZ1  sing N N 201 
LYS NZ  HZ2  sing N N 202 
LYS NZ  HZ3  sing N N 203 
LYS OXT HXT  sing N N 204 
MSE N   CA   sing N N 205 
MSE N   H    sing N N 206 
MSE N   H2   sing N N 207 
MSE CA  C    sing N N 208 
MSE CA  CB   sing N N 209 
MSE CA  HA   sing N N 210 
MSE C   O    doub N N 211 
MSE C   OXT  sing N N 212 
MSE OXT HXT  sing N N 213 
MSE CB  CG   sing N N 214 
MSE CB  HB2  sing N N 215 
MSE CB  HB3  sing N N 216 
MSE CG  SE   sing N N 217 
MSE CG  HG2  sing N N 218 
MSE CG  HG3  sing N N 219 
MSE SE  CE   sing N N 220 
MSE CE  HE1  sing N N 221 
MSE CE  HE2  sing N N 222 
MSE CE  HE3  sing N N 223 
PHE N   CA   sing N N 224 
PHE N   H    sing N N 225 
PHE N   H2   sing N N 226 
PHE CA  C    sing N N 227 
PHE CA  CB   sing N N 228 
PHE CA  HA   sing N N 229 
PHE C   O    doub N N 230 
PHE C   OXT  sing N N 231 
PHE CB  CG   sing N N 232 
PHE CB  HB2  sing N N 233 
PHE CB  HB3  sing N N 234 
PHE CG  CD1  doub Y N 235 
PHE CG  CD2  sing Y N 236 
PHE CD1 CE1  sing Y N 237 
PHE CD1 HD1  sing N N 238 
PHE CD2 CE2  doub Y N 239 
PHE CD2 HD2  sing N N 240 
PHE CE1 CZ   doub Y N 241 
PHE CE1 HE1  sing N N 242 
PHE CE2 CZ   sing Y N 243 
PHE CE2 HE2  sing N N 244 
PHE CZ  HZ   sing N N 245 
PHE OXT HXT  sing N N 246 
PRO N   CA   sing N N 247 
PRO N   CD   sing N N 248 
PRO N   H    sing N N 249 
PRO CA  C    sing N N 250 
PRO CA  CB   sing N N 251 
PRO CA  HA   sing N N 252 
PRO C   O    doub N N 253 
PRO C   OXT  sing N N 254 
PRO CB  CG   sing N N 255 
PRO CB  HB2  sing N N 256 
PRO CB  HB3  sing N N 257 
PRO CG  CD   sing N N 258 
PRO CG  HG2  sing N N 259 
PRO CG  HG3  sing N N 260 
PRO CD  HD2  sing N N 261 
PRO CD  HD3  sing N N 262 
PRO OXT HXT  sing N N 263 
SER N   CA   sing N N 264 
SER N   H    sing N N 265 
SER N   H2   sing N N 266 
SER CA  C    sing N N 267 
SER CA  CB   sing N N 268 
SER CA  HA   sing N N 269 
SER C   O    doub N N 270 
SER C   OXT  sing N N 271 
SER CB  OG   sing N N 272 
SER CB  HB2  sing N N 273 
SER CB  HB3  sing N N 274 
SER OG  HG   sing N N 275 
SER OXT HXT  sing N N 276 
THR N   CA   sing N N 277 
THR N   H    sing N N 278 
THR N   H2   sing N N 279 
THR CA  C    sing N N 280 
THR CA  CB   sing N N 281 
THR CA  HA   sing N N 282 
THR C   O    doub N N 283 
THR C   OXT  sing N N 284 
THR CB  OG1  sing N N 285 
THR CB  CG2  sing N N 286 
THR CB  HB   sing N N 287 
THR OG1 HG1  sing N N 288 
THR CG2 HG21 sing N N 289 
THR CG2 HG22 sing N N 290 
THR CG2 HG23 sing N N 291 
THR OXT HXT  sing N N 292 
TRP N   CA   sing N N 293 
TRP N   H    sing N N 294 
TRP N   H2   sing N N 295 
TRP CA  C    sing N N 296 
TRP CA  CB   sing N N 297 
TRP CA  HA   sing N N 298 
TRP C   O    doub N N 299 
TRP C   OXT  sing N N 300 
TRP CB  CG   sing N N 301 
TRP CB  HB2  sing N N 302 
TRP CB  HB3  sing N N 303 
TRP CG  CD1  doub Y N 304 
TRP CG  CD2  sing Y N 305 
TRP CD1 NE1  sing Y N 306 
TRP CD1 HD1  sing N N 307 
TRP CD2 CE2  doub Y N 308 
TRP CD2 CE3  sing Y N 309 
TRP NE1 CE2  sing Y N 310 
TRP NE1 HE1  sing N N 311 
TRP CE2 CZ2  sing Y N 312 
TRP CE3 CZ3  doub Y N 313 
TRP CE3 HE3  sing N N 314 
TRP CZ2 CH2  doub Y N 315 
TRP CZ2 HZ2  sing N N 316 
TRP CZ3 CH2  sing Y N 317 
TRP CZ3 HZ3  sing N N 318 
TRP CH2 HH2  sing N N 319 
TRP OXT HXT  sing N N 320 
TYR N   CA   sing N N 321 
TYR N   H    sing N N 322 
TYR N   H2   sing N N 323 
TYR CA  C    sing N N 324 
TYR CA  CB   sing N N 325 
TYR CA  HA   sing N N 326 
TYR C   O    doub N N 327 
TYR C   OXT  sing N N 328 
TYR CB  CG   sing N N 329 
TYR CB  HB2  sing N N 330 
TYR CB  HB3  sing N N 331 
TYR CG  CD1  doub Y N 332 
TYR CG  CD2  sing Y N 333 
TYR CD1 CE1  sing Y N 334 
TYR CD1 HD1  sing N N 335 
TYR CD2 CE2  doub Y N 336 
TYR CD2 HD2  sing N N 337 
TYR CE1 CZ   doub Y N 338 
TYR CE1 HE1  sing N N 339 
TYR CE2 CZ   sing Y N 340 
TYR CE2 HE2  sing N N 341 
TYR CZ  OH   sing N N 342 
TYR OH  HH   sing N N 343 
TYR OXT HXT  sing N N 344 
VAL N   CA   sing N N 345 
VAL N   H    sing N N 346 
VAL N   H2   sing N N 347 
VAL CA  C    sing N N 348 
VAL CA  CB   sing N N 349 
VAL CA  HA   sing N N 350 
VAL C   O    doub N N 351 
VAL C   OXT  sing N N 352 
VAL CB  CG1  sing N N 353 
VAL CB  CG2  sing N N 354 
VAL CB  HB   sing N N 355 
VAL CG1 HG11 sing N N 356 
VAL CG1 HG12 sing N N 357 
VAL CG1 HG13 sing N N 358 
VAL CG2 HG21 sing N N 359 
VAL CG2 HG22 sing N N 360 
VAL CG2 HG23 sing N N 361 
VAL OXT HXT  sing N N 362 
# 
_atom_sites.entry_id                    2DYC 
_atom_sites.fract_transf_matrix[1][1]   -0.00051330 
_atom_sites.fract_transf_matrix[1][2]   -0.00677085 
_atom_sites.fract_transf_matrix[1][3]   0.00847920 
_atom_sites.fract_transf_matrix[2][1]   -0.00897424 
_atom_sites.fract_transf_matrix[2][2]   -0.00450680 
_atom_sites.fract_transf_matrix[2][3]   -0.00414205 
_atom_sites.fract_transf_matrix[3][1]   0.00422470 
_atom_sites.fract_transf_matrix[3][2]   -0.00498735 
_atom_sites.fract_transf_matrix[3][3]   -0.00372677 
_atom_sites.fract_transf_vector[1]      0.424173 
_atom_sites.fract_transf_vector[2]      0.278527 
_atom_sites.fract_transf_vector[3]      0.126661 
# 
loop_
_atom_type.symbol 
C  
N  
O  
SE 
# 
loop_
_atom_site.group_PDB 
_atom_site.id 
_atom_site.type_symbol 
_atom_site.label_atom_id 
_atom_site.label_alt_id 
_atom_site.label_comp_id 
_atom_site.label_asym_id 
_atom_site.label_entity_id 
_atom_site.label_seq_id 
_atom_site.pdbx_PDB_ins_code 
_atom_site.Cartn_x 
_atom_site.Cartn_y 
_atom_site.Cartn_z 
_atom_site.occupancy 
_atom_site.B_iso_or_equiv 
_atom_site.pdbx_formal_charge 
_atom_site.auth_seq_id 
_atom_site.auth_comp_id 
_atom_site.auth_asym_id 
_atom_site.auth_atom_id 
_atom_site.pdbx_PDB_model_num 
ATOM   1    N  N   . TYR A 1 12  ? -2.404  15.981  0.694   1.00 77.08 ? 13  TYR A N   1 
ATOM   2    C  CA  . TYR A 1 12  ? -2.409  16.465  -0.717  1.00 77.62 ? 13  TYR A CA  1 
ATOM   3    C  C   . TYR A 1 12  ? -1.009  16.941  -1.090  1.00 76.93 ? 13  TYR A C   1 
ATOM   4    O  O   . TYR A 1 12  ? -0.667  18.110  -0.910  1.00 76.63 ? 13  TYR A O   1 
ATOM   5    C  CB  . TYR A 1 12  ? -3.416  17.606  -0.878  1.00 79.76 ? 13  TYR A CB  1 
ATOM   6    C  CG  . TYR A 1 12  ? -4.799  17.264  -0.364  1.00 82.00 ? 13  TYR A CG  1 
ATOM   7    C  CD1 . TYR A 1 12  ? -5.044  17.127  1.006   1.00 82.94 ? 13  TYR A CD1 1 
ATOM   8    C  CD2 . TYR A 1 12  ? -5.859  17.051  -1.247  1.00 82.96 ? 13  TYR A CD2 1 
ATOM   9    C  CE1 . TYR A 1 12  ? -6.312  16.784  1.484   1.00 84.18 ? 13  TYR A CE1 1 
ATOM   10   C  CE2 . TYR A 1 12  ? -7.132  16.706  -0.782  1.00 83.99 ? 13  TYR A CE2 1 
ATOM   11   C  CZ  . TYR A 1 12  ? -7.351  16.574  0.583   1.00 84.44 ? 13  TYR A CZ  1 
ATOM   12   O  OH  . TYR A 1 12  ? -8.601  16.224  1.043   1.00 84.57 ? 13  TYR A OH  1 
ATOM   13   N  N   . ASN A 1 13  ? -0.214  16.013  -1.617  1.00 75.83 ? 14  ASN A N   1 
ATOM   14   C  CA  . ASN A 1 13  ? 1.173   16.258  -2.008  1.00 73.85 ? 14  ASN A CA  1 
ATOM   15   C  C   . ASN A 1 13  ? 2.024   16.359  -0.738  1.00 71.62 ? 14  ASN A C   1 
ATOM   16   O  O   . ASN A 1 13  ? 2.862   17.254  -0.610  1.00 71.55 ? 14  ASN A O   1 
ATOM   17   C  CB  . ASN A 1 13  ? 1.285   17.551  -2.820  1.00 74.40 ? 14  ASN A CB  1 
ATOM   18   C  CG  . ASN A 1 13  ? 2.509   17.571  -3.709  1.00 74.89 ? 14  ASN A CG  1 
ATOM   19   O  OD1 . ASN A 1 13  ? 2.562   16.876  -4.726  1.00 75.13 ? 14  ASN A OD1 1 
ATOM   20   N  ND2 . ASN A 1 13  ? 3.505   18.360  -3.328  1.00 75.88 ? 14  ASN A ND2 1 
ATOM   21   N  N   . PRO A 1 14  ? 1.825   15.423  0.212   1.00 69.39 ? 15  PRO A N   1 
ATOM   22   C  CA  . PRO A 1 14  ? 2.530   15.351  1.498   1.00 67.02 ? 15  PRO A CA  1 
ATOM   23   C  C   . PRO A 1 14  ? 4.038   15.194  1.437   1.00 64.64 ? 15  PRO A C   1 
ATOM   24   O  O   . PRO A 1 14  ? 4.638   15.157  0.364   1.00 64.29 ? 15  PRO A O   1 
ATOM   25   C  CB  . PRO A 1 14  ? 1.877   14.152  2.185   1.00 67.64 ? 15  PRO A CB  1 
ATOM   26   C  CG  . PRO A 1 14  ? 0.513   14.099  1.564   1.00 68.73 ? 15  PRO A CG  1 
ATOM   27   C  CD  . PRO A 1 14  ? 0.840   14.331  0.122   1.00 68.78 ? 15  PRO A CD  1 
ATOM   28   N  N   . THR A 1 15  ? 4.632   15.101  2.623   1.00 62.61 ? 16  THR A N   1 
ATOM   29   C  CA  . THR A 1 15  ? 6.071   14.931  2.785   1.00 60.77 ? 16  THR A CA  1 
ATOM   30   C  C   . THR A 1 15  ? 6.356   13.441  2.659   1.00 58.32 ? 16  THR A C   1 
ATOM   31   O  O   . THR A 1 15  ? 5.968   12.822  1.674   1.00 59.87 ? 16  THR A O   1 
ATOM   32   C  CB  . THR A 1 15  ? 6.528   15.418  4.181   1.00 62.05 ? 16  THR A CB  1 
ATOM   33   O  OG1 . THR A 1 15  ? 6.044   16.749  4.404   1.00 64.16 ? 16  THR A OG1 1 
ATOM   34   C  CG2 . THR A 1 15  ? 8.051   15.417  4.285   1.00 62.12 ? 16  THR A CG2 1 
ATOM   35   N  N   . LEU A 1 16  ? 7.023   12.884  3.665   1.00 54.63 ? 17  LEU A N   1 
ATOM   36   C  CA  . LEU A 1 16  ? 7.370   11.467  3.742   1.00 51.82 ? 17  LEU A CA  1 
ATOM   37   C  C   . LEU A 1 16  ? 8.277   11.304  4.949   1.00 49.84 ? 17  LEU A C   1 
ATOM   38   O  O   . LEU A 1 16  ? 9.215   12.075  5.126   1.00 49.93 ? 17  LEU A O   1 
ATOM   39   C  CB  . LEU A 1 16  ? 8.111   10.977  2.488   1.00 51.28 ? 17  LEU A CB  1 
ATOM   40   C  CG  . LEU A 1 16  ? 7.348   10.654  1.195   1.00 50.89 ? 17  LEU A CG  1 
ATOM   41   C  CD1 . LEU A 1 16  ? 8.262   9.894   0.245   1.00 51.28 ? 17  LEU A CD1 1 
ATOM   42   C  CD2 . LEU A 1 16  ? 6.117   9.820   1.505   1.00 49.89 ? 17  LEU A CD2 1 
ATOM   43   N  N   . PRO A 1 17  ? 8.017   10.294  5.797   1.00 48.63 ? 18  PRO A N   1 
ATOM   44   C  CA  . PRO A 1 17  ? 6.942   9.299   5.707   1.00 46.85 ? 18  PRO A CA  1 
ATOM   45   C  C   . PRO A 1 17  ? 5.551   9.904   5.831   1.00 45.49 ? 18  PRO A C   1 
ATOM   46   O  O   . PRO A 1 17  ? 5.368   10.939  6.464   1.00 45.09 ? 18  PRO A O   1 
ATOM   47   C  CB  . PRO A 1 17  ? 7.242   8.357   6.872   1.00 46.91 ? 18  PRO A CB  1 
ATOM   48   C  CG  . PRO A 1 17  ? 8.703   8.516   7.083   1.00 48.01 ? 18  PRO A CG  1 
ATOM   49   C  CD  . PRO A 1 17  ? 8.885   9.997   6.944   1.00 47.86 ? 18  PRO A CD  1 
ATOM   50   N  N   . TYR A 1 18  ? 4.573   9.250   5.217   1.00 44.21 ? 19  TYR A N   1 
ATOM   51   C  CA  . TYR A 1 18  ? 3.203   9.718   5.284   1.00 42.62 ? 19  TYR A CA  1 
ATOM   52   C  C   . TYR A 1 18  ? 2.367   8.649   5.960   1.00 41.25 ? 19  TYR A C   1 
ATOM   53   O  O   . TYR A 1 18  ? 2.432   7.474   5.606   1.00 39.79 ? 19  TYR A O   1 
ATOM   54   C  CB  . TYR A 1 18  ? 2.649   9.998   3.891   1.00 44.72 ? 19  TYR A CB  1 
ATOM   55   C  CG  . TYR A 1 18  ? 1.307   10.689  3.920   1.00 48.01 ? 19  TYR A CG  1 
ATOM   56   C  CD1 . TYR A 1 18  ? 1.142   11.896  4.606   1.00 49.51 ? 19  TYR A CD1 1 
ATOM   57   C  CD2 . TYR A 1 18  ? 0.206   10.153  3.251   1.00 48.91 ? 19  TYR A CD2 1 
ATOM   58   C  CE1 . TYR A 1 18  ? -0.088  12.556  4.622   1.00 50.83 ? 19  TYR A CE1 1 
ATOM   59   C  CE2 . TYR A 1 18  ? -1.028  10.803  3.256   1.00 50.51 ? 19  TYR A CE2 1 
ATOM   60   C  CZ  . TYR A 1 18  ? -1.169  12.006  3.942   1.00 51.85 ? 19  TYR A CZ  1 
ATOM   61   O  OH  . TYR A 1 18  ? -2.381  12.664  3.936   1.00 53.14 ? 19  TYR A OH  1 
ATOM   62   N  N   . LYS A 1 19  ? 1.589   9.077   6.945   1.00 39.84 ? 20  LYS A N   1 
ATOM   63   C  CA  . LYS A 1 19  ? 0.727   8.198   7.719   1.00 39.29 ? 20  LYS A CA  1 
ATOM   64   C  C   . LYS A 1 19  ? -0.653  8.849   7.672   1.00 39.13 ? 20  LYS A C   1 
ATOM   65   O  O   . LYS A 1 19  ? -0.805  10.014  8.042   1.00 39.71 ? 20  LYS A O   1 
ATOM   66   C  CB  . LYS A 1 19  ? 1.227   8.146   9.162   1.00 40.16 ? 20  LYS A CB  1 
ATOM   67   C  CG  . LYS A 1 19  ? 0.694   7.014   10.012  1.00 44.03 ? 20  LYS A CG  1 
ATOM   68   C  CD  . LYS A 1 19  ? 1.532   5.759   9.828   1.00 45.37 ? 20  LYS A CD  1 
ATOM   69   C  CE  . LYS A 1 19  ? 1.192   4.701   10.873  1.00 46.03 ? 20  LYS A CE  1 
ATOM   70   N  NZ  . LYS A 1 19  ? 2.032   3.471   10.724  1.00 47.39 ? 20  LYS A NZ  1 
ATOM   71   N  N   . ARG A 1 20  ? -1.656  8.116   7.205   1.00 37.11 ? 21  ARG A N   1 
ATOM   72   C  CA  . ARG A 1 20  ? -3.001  8.673   7.135   1.00 34.16 ? 21  ARG A CA  1 
ATOM   73   C  C   . ARG A 1 20  ? -4.061  7.736   7.717   1.00 31.38 ? 21  ARG A C   1 
ATOM   74   O  O   . ARG A 1 20  ? -4.214  6.606   7.263   1.00 31.49 ? 21  ARG A O   1 
ATOM   75   C  CB  . ARG A 1 20  ? -3.366  9.006   5.682   1.00 33.64 ? 21  ARG A CB  1 
ATOM   76   C  CG  . ARG A 1 20  ? -4.647  9.794   5.585   1.00 32.80 ? 21  ARG A CG  1 
ATOM   77   C  CD  . ARG A 1 20  ? -5.198  9.965   4.174   1.00 30.93 ? 21  ARG A CD  1 
ATOM   78   N  NE  . ARG A 1 20  ? -6.478  10.662  4.284   1.00 31.22 ? 21  ARG A NE  1 
ATOM   79   C  CZ  . ARG A 1 20  ? -7.464  10.633  3.393   1.00 31.58 ? 21  ARG A CZ  1 
ATOM   80   N  NH1 . ARG A 1 20  ? -7.347  9.937   2.266   1.00 29.31 ? 21  ARG A NH1 1 
ATOM   81   N  NH2 . ARG A 1 20  ? -8.594  11.278  3.658   1.00 28.75 ? 21  ARG A NH2 1 
ATOM   82   N  N   . PRO A 1 21  ? -4.798  8.191   8.744   1.00 29.43 ? 22  PRO A N   1 
ATOM   83   C  CA  . PRO A 1 21  ? -5.837  7.340   9.331   1.00 26.90 ? 22  PRO A CA  1 
ATOM   84   C  C   . PRO A 1 21  ? -6.901  7.092   8.267   1.00 24.79 ? 22  PRO A C   1 
ATOM   85   O  O   . PRO A 1 21  ? -7.175  7.967   7.449   1.00 24.07 ? 22  PRO A O   1 
ATOM   86   C  CB  . PRO A 1 21  ? -6.382  8.193   10.475  1.00 26.01 ? 22  PRO A CB  1 
ATOM   87   C  CG  . PRO A 1 21  ? -5.236  9.055   10.841  1.00 27.44 ? 22  PRO A CG  1 
ATOM   88   C  CD  . PRO A 1 21  ? -4.676  9.448   9.499   1.00 28.83 ? 22  PRO A CD  1 
ATOM   89   N  N   . ILE A 1 22  ? -7.489  5.903   8.262   1.00 23.89 ? 23  ILE A N   1 
ATOM   90   C  CA  . ILE A 1 22  ? -8.532  5.592   7.287   1.00 22.92 ? 23  ILE A CA  1 
ATOM   91   C  C   . ILE A 1 22  ? -9.866  5.997   7.924   1.00 22.08 ? 23  ILE A C   1 
ATOM   92   O  O   . ILE A 1 22  ? -10.345 5.334   8.845   1.00 24.90 ? 23  ILE A O   1 
ATOM   93   C  CB  . ILE A 1 22  ? -8.542  4.083   6.958   1.00 22.38 ? 23  ILE A CB  1 
ATOM   94   C  CG1 . ILE A 1 22  ? -7.144  3.644   6.497   1.00 22.84 ? 23  ILE A CG1 1 
ATOM   95   C  CG2 . ILE A 1 22  ? -9.594  3.792   5.902   1.00 22.48 ? 23  ILE A CG2 1 
ATOM   96   C  CD1 . ILE A 1 22  ? -6.979  2.143   6.307   1.00 20.66 ? 23  ILE A CD1 1 
ATOM   97   N  N   . PRO A 1 23  ? -10.480 7.095   7.451   1.00 20.94 ? 24  PRO A N   1 
ATOM   98   C  CA  . PRO A 1 23  ? -11.755 7.538   8.025   1.00 20.21 ? 24  PRO A CA  1 
ATOM   99   C  C   . PRO A 1 23  ? -12.805 6.435   8.051   1.00 19.04 ? 24  PRO A C   1 
ATOM   100  O  O   . PRO A 1 23  ? -13.187 5.925   7.006   1.00 20.20 ? 24  PRO A O   1 
ATOM   101  C  CB  . PRO A 1 23  ? -12.166 8.693   7.114   1.00 19.48 ? 24  PRO A CB  1 
ATOM   102  C  CG  . PRO A 1 23  ? -10.861 9.223   6.630   1.00 18.22 ? 24  PRO A CG  1 
ATOM   103  C  CD  . PRO A 1 23  ? -10.103 7.954   6.315   1.00 18.92 ? 24  PRO A CD  1 
ATOM   104  N  N   . GLY A 1 24  ? -13.260 6.074   9.248   1.00 17.86 ? 25  GLY A N   1 
ATOM   105  C  CA  . GLY A 1 24  ? -14.267 5.041   9.386   1.00 16.52 ? 25  GLY A CA  1 
ATOM   106  C  C   . GLY A 1 24  ? -13.737 3.621   9.357   1.00 16.99 ? 25  GLY A C   1 
ATOM   107  O  O   . GLY A 1 24  ? -14.518 2.673   9.396   1.00 17.70 ? 25  GLY A O   1 
ATOM   108  N  N   . GLY A 1 25  ? -12.418 3.463   9.285   1.00 15.60 ? 26  GLY A N   1 
ATOM   109  C  CA  . GLY A 1 25  ? -11.846 2.128   9.243   1.00 15.23 ? 26  GLY A CA  1 
ATOM   110  C  C   . GLY A 1 25  ? -11.854 1.521   7.849   1.00 15.07 ? 26  GLY A C   1 
ATOM   111  O  O   . GLY A 1 25  ? -12.498 2.038   6.934   1.00 15.38 ? 26  GLY A O   1 
ATOM   112  N  N   . LEU A 1 26  ? -11.135 0.416   7.685   1.00 15.27 ? 27  LEU A N   1 
ATOM   113  C  CA  . LEU A 1 26  ? -11.052 -0.268  6.400   1.00 14.96 ? 27  LEU A CA  1 
ATOM   114  C  C   . LEU A 1 26  ? -12.027 -1.444  6.376   1.00 15.22 ? 27  LEU A C   1 
ATOM   115  O  O   . LEU A 1 26  ? -12.096 -2.215  7.322   1.00 15.95 ? 27  LEU A O   1 
ATOM   116  C  CB  . LEU A 1 26  ? -9.617  -0.767  6.159   1.00 13.38 ? 27  LEU A CB  1 
ATOM   117  C  CG  . LEU A 1 26  ? -9.274  -1.409  4.805   1.00 14.45 ? 27  LEU A CG  1 
ATOM   118  C  CD1 . LEU A 1 26  ? -9.513  -0.395  3.686   1.00 10.06 ? 27  LEU A CD1 1 
ATOM   119  C  CD2 . LEU A 1 26  ? -7.816  -1.894  4.799   1.00 10.94 ? 27  LEU A CD2 1 
ATOM   120  N  N   . SER A 1 27  ? -12.781 -1.571  5.290   1.00 16.53 ? 28  SER A N   1 
ATOM   121  C  CA  . SER A 1 27  ? -13.744 -2.659  5.146   1.00 16.44 ? 28  SER A CA  1 
ATOM   122  C  C   . SER A 1 27  ? -13.680 -3.279  3.757   1.00 16.78 ? 28  SER A C   1 
ATOM   123  O  O   . SER A 1 27  ? -13.198 -2.661  2.809   1.00 18.10 ? 28  SER A O   1 
ATOM   124  C  CB  . SER A 1 27  ? -15.157 -2.137  5.390   1.00 17.70 ? 28  SER A CB  1 
ATOM   125  O  OG  . SER A 1 27  ? -15.434 -1.021  4.561   1.00 18.11 ? 28  SER A OG  1 
ATOM   126  N  N   . VAL A 1 28  ? -14.174 -4.505  3.644   1.00 16.19 ? 29  VAL A N   1 
ATOM   127  C  CA  . VAL A 1 28  ? -14.204 -5.199  2.371   1.00 12.46 ? 29  VAL A CA  1 
ATOM   128  C  C   . VAL A 1 28  ? -15.069 -4.362  1.443   1.00 12.69 ? 29  VAL A C   1 
ATOM   129  O  O   . VAL A 1 28  ? -16.125 -3.876  1.847   1.00 13.38 ? 29  VAL A O   1 
ATOM   130  C  CB  . VAL A 1 28  ? -14.812 -6.614  2.520   1.00 11.05 ? 29  VAL A CB  1 
ATOM   131  C  CG1 . VAL A 1 28  ? -14.943 -7.281  1.151   1.00 9.11  ? 29  VAL A CG1 1 
ATOM   132  C  CG2 . VAL A 1 28  ? -13.926 -7.460  3.423   1.00 7.66  ? 29  VAL A CG2 1 
ATOM   133  N  N   . GLY A 1 29  ? -14.613 -4.184  0.205   1.00 12.61 ? 30  GLY A N   1 
ATOM   134  C  CA  . GLY A 1 29  ? -15.366 -3.388  -0.749  1.00 9.90  ? 30  GLY A CA  1 
ATOM   135  C  C   . GLY A 1 29  ? -14.688 -2.060  -1.047  1.00 11.33 ? 30  GLY A C   1 
ATOM   136  O  O   . GLY A 1 29  ? -14.838 -1.508  -2.138  1.00 13.50 ? 30  GLY A O   1 
HETATM 137  N  N   . MSE A 1 30  ? -13.929 -1.543  -0.091  1.00 9.32  ? 31  MSE A N   1 
HETATM 138  C  CA  . MSE A 1 30  ? -13.238 -0.274  -0.291  1.00 9.32  ? 31  MSE A CA  1 
HETATM 139  C  C   . MSE A 1 30  ? -12.031 -0.370  -1.245  1.00 10.10 ? 31  MSE A C   1 
HETATM 140  O  O   . MSE A 1 30  ? -11.593 -1.460  -1.640  1.00 9.71  ? 31  MSE A O   1 
HETATM 141  C  CB  . MSE A 1 30  ? -12.767 0.279   1.058   1.00 9.38  ? 31  MSE A CB  1 
HETATM 142  C  CG  . MSE A 1 30  ? -13.849 0.942   1.886   1.00 10.39 ? 31  MSE A CG  1 
HETATM 143  SE SE  . MSE A 1 30  ? -13.172 1.487   3.607   1.00 17.33 ? 31  MSE A SE  1 
HETATM 144  C  CE  . MSE A 1 30  ? -11.802 2.700   3.020   1.00 15.65 ? 31  MSE A CE  1 
ATOM   145  N  N   . SER A 1 31  ? -11.510 0.790   -1.613  1.00 9.82  ? 32  SER A N   1 
ATOM   146  C  CA  . SER A 1 31  ? -10.349 0.876   -2.476  1.00 12.84 ? 32  SER A CA  1 
ATOM   147  C  C   . SER A 1 31  ? -9.463  2.010   -2.012  1.00 12.40 ? 32  SER A C   1 
ATOM   148  O  O   . SER A 1 31  ? -9.947  3.003   -1.482  1.00 11.87 ? 32  SER A O   1 
ATOM   149  C  CB  . SER A 1 31  ? -10.764 1.119   -3.930  1.00 14.36 ? 32  SER A CB  1 
ATOM   150  O  OG  . SER A 1 31  ? -11.305 -0.062  -4.503  1.00 22.32 ? 32  SER A OG  1 
ATOM   151  N  N   . VAL A 1 32  ? -8.158  1.839   -2.197  1.00 15.63 ? 33  VAL A N   1 
ATOM   152  C  CA  . VAL A 1 32  ? -7.168  2.851   -1.849  1.00 16.81 ? 33  VAL A CA  1 
ATOM   153  C  C   . VAL A 1 32  ? -6.567  3.267   -3.191  1.00 17.55 ? 33  VAL A C   1 
ATOM   154  O  O   . VAL A 1 32  ? -6.107  2.426   -3.948  1.00 19.88 ? 33  VAL A O   1 
ATOM   155  C  CB  . VAL A 1 32  ? -6.065  2.269   -0.934  1.00 17.33 ? 33  VAL A CB  1 
ATOM   156  C  CG1 . VAL A 1 32  ? -4.961  3.305   -0.703  1.00 16.64 ? 33  VAL A CG1 1 
ATOM   157  C  CG2 . VAL A 1 32  ? -6.667  1.835   0.382   1.00 17.04 ? 33  VAL A CG2 1 
ATOM   158  N  N   . TYR A 1 33  ? -6.593  4.559   -3.484  1.00 20.18 ? 34  TYR A N   1 
ATOM   159  C  CA  . TYR A 1 33  ? -6.083  5.084   -4.741  1.00 21.87 ? 34  TYR A CA  1 
ATOM   160  C  C   . TYR A 1 33  ? -4.876  5.980   -4.481  1.00 23.78 ? 34  TYR A C   1 
ATOM   161  O  O   . TYR A 1 33  ? -5.006  7.066   -3.919  1.00 23.99 ? 34  TYR A O   1 
ATOM   162  C  CB  . TYR A 1 33  ? -7.181  5.881   -5.448  1.00 22.50 ? 34  TYR A CB  1 
ATOM   163  C  CG  . TYR A 1 33  ? -7.016  5.964   -6.945  1.00 27.27 ? 34  TYR A CG  1 
ATOM   164  C  CD1 . TYR A 1 33  ? -7.977  5.423   -7.800  1.00 28.94 ? 34  TYR A CD1 1 
ATOM   165  C  CD2 . TYR A 1 33  ? -5.899  6.579   -7.510  1.00 29.91 ? 34  TYR A CD2 1 
ATOM   166  C  CE1 . TYR A 1 33  ? -7.830  5.494   -9.186  1.00 31.60 ? 34  TYR A CE1 1 
ATOM   167  C  CE2 . TYR A 1 33  ? -5.737  6.658   -8.893  1.00 31.34 ? 34  TYR A CE2 1 
ATOM   168  C  CZ  . TYR A 1 33  ? -6.704  6.115   -9.728  1.00 33.73 ? 34  TYR A CZ  1 
ATOM   169  O  OH  . TYR A 1 33  ? -6.548  6.194   -11.098 1.00 33.04 ? 34  TYR A OH  1 
ATOM   170  N  N   . ILE A 1 34  ? -3.705  5.515   -4.902  1.00 25.62 ? 35  ILE A N   1 
ATOM   171  C  CA  . ILE A 1 34  ? -2.461  6.249   -4.708  1.00 25.88 ? 35  ILE A CA  1 
ATOM   172  C  C   . ILE A 1 34  ? -1.865  6.777   -6.003  1.00 27.03 ? 35  ILE A C   1 
ATOM   173  O  O   . ILE A 1 34  ? -1.697  6.040   -6.980  1.00 27.01 ? 35  ILE A O   1 
ATOM   174  C  CB  . ILE A 1 34  ? -1.403  5.364   -4.030  1.00 26.22 ? 35  ILE A CB  1 
ATOM   175  C  CG1 . ILE A 1 34  ? -1.898  4.934   -2.648  1.00 24.64 ? 35  ILE A CG1 1 
ATOM   176  C  CG2 . ILE A 1 34  ? -0.083  6.120   -3.921  1.00 25.19 ? 35  ILE A CG2 1 
ATOM   177  C  CD1 . ILE A 1 34  ? -0.928  4.054   -1.912  1.00 23.87 ? 35  ILE A CD1 1 
ATOM   178  N  N   . GLN A 1 35  ? -1.560  8.069   -6.005  1.00 27.95 ? 36  GLN A N   1 
ATOM   179  C  CA  . GLN A 1 35  ? -0.939  8.711   -7.155  1.00 29.28 ? 36  GLN A CA  1 
ATOM   180  C  C   . GLN A 1 35  ? 0.402   9.242   -6.689  1.00 28.89 ? 36  GLN A C   1 
ATOM   181  O  O   . GLN A 1 35  ? 0.499   9.842   -5.618  1.00 28.86 ? 36  GLN A O   1 
ATOM   182  C  CB  . GLN A 1 35  ? -1.799  9.856   -7.676  1.00 30.94 ? 36  GLN A CB  1 
ATOM   183  C  CG  . GLN A 1 35  ? -2.950  9.404   -8.535  1.00 35.86 ? 36  GLN A CG  1 
ATOM   184  C  CD  . GLN A 1 35  ? -3.677  10.565  -9.167  1.00 39.93 ? 36  GLN A CD  1 
ATOM   185  O  OE1 . GLN A 1 35  ? -4.300  11.372  -8.476  1.00 43.01 ? 36  GLN A OE1 1 
ATOM   186  N  NE2 . GLN A 1 35  ? -3.594  10.665  -10.489 1.00 41.60 ? 36  GLN A NE2 1 
ATOM   187  N  N   . GLY A 1 36  ? 1.440   9.004   -7.480  1.00 27.99 ? 37  GLY A N   1 
ATOM   188  C  CA  . GLY A 1 36  ? 2.759   9.466   -7.100  1.00 26.90 ? 37  GLY A CA  1 
ATOM   189  C  C   . GLY A 1 36  ? 3.754   9.347   -8.234  1.00 28.15 ? 37  GLY A C   1 
ATOM   190  O  O   . GLY A 1 36  ? 3.377   9.208   -9.399  1.00 26.57 ? 37  GLY A O   1 
HETATM 191  N  N   . MSE A 1 37  ? 5.035   9.394   -7.893  1.00 27.88 ? 38  MSE A N   1 
HETATM 192  C  CA  . MSE A 1 37  ? 6.081   9.290   -8.890  1.00 29.17 ? 38  MSE A CA  1 
HETATM 193  C  C   . MSE A 1 37  ? 7.283   8.572   -8.322  1.00 27.26 ? 38  MSE A C   1 
HETATM 194  O  O   . MSE A 1 37  ? 7.741   8.891   -7.227  1.00 26.05 ? 38  MSE A O   1 
HETATM 195  C  CB  . MSE A 1 37  ? 6.504   10.687  -9.355  1.00 32.85 ? 38  MSE A CB  1 
HETATM 196  C  CG  . MSE A 1 37  ? 7.642   10.682  -10.365 1.00 38.93 ? 38  MSE A CG  1 
HETATM 197  SE SE  . MSE A 1 37  ? 8.384   12.449  -10.704 1.00 47.70 ? 38  MSE A SE  1 
HETATM 198  C  CE  . MSE A 1 37  ? 6.931   13.184  -11.744 1.00 43.48 ? 38  MSE A CE  1 
ATOM   199  N  N   . ALA A 1 38  ? 7.795   7.590   -9.054  1.00 26.95 ? 39  ALA A N   1 
ATOM   200  C  CA  . ALA A 1 38  ? 8.983   6.881   -8.594  1.00 27.37 ? 39  ALA A CA  1 
ATOM   201  C  C   . ALA A 1 38  ? 10.155  7.848   -8.804  1.00 28.35 ? 39  ALA A C   1 
ATOM   202  O  O   . ALA A 1 38  ? 10.194  8.567   -9.799  1.00 28.08 ? 39  ALA A O   1 
ATOM   203  C  CB  . ALA A 1 38  ? 9.193   5.610   -9.407  1.00 24.32 ? 39  ALA A CB  1 
ATOM   204  N  N   . LYS A 1 39  ? 11.089  7.897   -7.864  1.00 30.70 ? 40  LYS A N   1 
ATOM   205  C  CA  . LYS A 1 39  ? 12.234  8.787   -8.023  1.00 33.60 ? 40  LYS A CA  1 
ATOM   206  C  C   . LYS A 1 39  ? 13.133  8.258   -9.139  1.00 35.00 ? 40  LYS A C   1 
ATOM   207  O  O   . LYS A 1 39  ? 13.174  7.051   -9.388  1.00 35.58 ? 40  LYS A O   1 
ATOM   208  C  CB  . LYS A 1 39  ? 13.026  8.881   -6.719  1.00 34.13 ? 40  LYS A CB  1 
ATOM   209  C  CG  . LYS A 1 39  ? 12.394  9.786   -5.670  1.00 36.32 ? 40  LYS A CG  1 
ATOM   210  C  CD  . LYS A 1 39  ? 13.245  9.837   -4.409  1.00 38.77 ? 40  LYS A CD  1 
ATOM   211  C  CE  . LYS A 1 39  ? 12.694  10.833  -3.389  1.00 40.03 ? 40  LYS A CE  1 
ATOM   212  N  NZ  . LYS A 1 39  ? 13.487  10.809  -2.121  1.00 40.37 ? 40  LYS A NZ  1 
ATOM   213  N  N   . GLU A 1 40  ? 13.841  9.162   -9.813  1.00 35.74 ? 41  GLU A N   1 
ATOM   214  C  CA  . GLU A 1 40  ? 14.737  8.779   -10.907 1.00 36.76 ? 41  GLU A CA  1 
ATOM   215  C  C   . GLU A 1 40  ? 15.861  7.860   -10.438 1.00 35.34 ? 41  GLU A C   1 
ATOM   216  O  O   . GLU A 1 40  ? 16.483  7.171   -11.238 1.00 35.16 ? 41  GLU A O   1 
ATOM   217  C  CB  . GLU A 1 40  ? 15.335  10.025  -11.561 1.00 38.96 ? 41  GLU A CB  1 
ATOM   218  C  CG  . GLU A 1 40  ? 14.311  10.883  -12.273 1.00 45.77 ? 41  GLU A CG  1 
ATOM   219  C  CD  . GLU A 1 40  ? 14.901  12.164  -12.834 1.00 50.26 ? 41  GLU A CD  1 
ATOM   220  O  OE1 . GLU A 1 40  ? 15.466  12.958  -12.048 1.00 52.31 ? 41  GLU A OE1 1 
ATOM   221  O  OE2 . GLU A 1 40  ? 14.796  12.381  -14.062 1.00 52.97 ? 41  GLU A OE2 1 
ATOM   222  N  N   . ASN A 1 41  ? 16.112  7.843   -9.137  1.00 34.62 ? 42  ASN A N   1 
ATOM   223  C  CA  . ASN A 1 41  ? 17.168  7.008   -8.588  1.00 34.99 ? 42  ASN A CA  1 
ATOM   224  C  C   . ASN A 1 41  ? 16.612  6.021   -7.563  1.00 33.78 ? 42  ASN A C   1 
ATOM   225  O  O   . ASN A 1 41  ? 17.327  5.547   -6.683  1.00 33.22 ? 42  ASN A O   1 
ATOM   226  C  CB  . ASN A 1 41  ? 18.225  7.900   -7.944  1.00 37.15 ? 42  ASN A CB  1 
ATOM   227  C  CG  . ASN A 1 41  ? 17.670  8.718   -6.795  1.00 39.90 ? 42  ASN A CG  1 
ATOM   228  O  OD1 . ASN A 1 41  ? 16.575  9.284   -6.884  1.00 40.12 ? 42  ASN A OD1 1 
ATOM   229  N  ND2 . ASN A 1 41  ? 18.430  8.792   -5.708  1.00 40.00 ? 42  ASN A ND2 1 
HETATM 230  N  N   . MSE A 1 42  ? 15.332  5.706   -7.711  1.00 33.63 ? 43  MSE A N   1 
HETATM 231  C  CA  . MSE A 1 42  ? 14.625  4.800   -6.810  1.00 33.72 ? 43  MSE A CA  1 
HETATM 232  C  C   . MSE A 1 42  ? 15.229  3.407   -6.633  1.00 33.41 ? 43  MSE A C   1 
HETATM 233  O  O   . MSE A 1 42  ? 15.637  2.754   -7.594  1.00 31.31 ? 43  MSE A O   1 
HETATM 234  C  CB  . MSE A 1 42  ? 13.170  4.655   -7.277  1.00 33.94 ? 43  MSE A CB  1 
HETATM 235  C  CG  . MSE A 1 42  ? 12.327  3.690   -6.445  1.00 34.73 ? 43  MSE A CG  1 
HETATM 236  SE SE  . MSE A 1 42  ? 10.645  3.202   -7.295  1.00 34.91 ? 43  MSE A SE  1 
HETATM 237  C  CE  . MSE A 1 42  ? 10.551  1.378   -6.660  1.00 30.59 ? 43  MSE A CE  1 
ATOM   238  N  N   . ARG A 1 43  ? 15.281  2.963   -5.382  1.00 33.91 ? 44  ARG A N   1 
ATOM   239  C  CA  . ARG A 1 43  ? 15.769  1.632   -5.062  1.00 36.11 ? 44  ARG A CA  1 
ATOM   240  C  C   . ARG A 1 43  ? 14.569  0.829   -4.569  1.00 35.95 ? 44  ARG A C   1 
ATOM   241  O  O   . ARG A 1 43  ? 14.425  -0.351  -4.885  1.00 35.46 ? 44  ARG A O   1 
ATOM   242  C  CB  . ARG A 1 43  ? 16.844  1.675   -3.974  1.00 37.82 ? 44  ARG A CB  1 
ATOM   243  C  CG  . ARG A 1 43  ? 18.190  2.173   -4.464  1.00 42.57 ? 44  ARG A CG  1 
ATOM   244  C  CD  . ARG A 1 43  ? 19.261  2.099   -3.386  1.00 45.58 ? 44  ARG A CD  1 
ATOM   245  N  NE  . ARG A 1 43  ? 20.523  2.676   -3.847  1.00 48.91 ? 44  ARG A NE  1 
ATOM   246  C  CZ  . ARG A 1 43  ? 21.312  2.128   -4.770  1.00 51.20 ? 44  ARG A CZ  1 
ATOM   247  N  NH1 . ARG A 1 43  ? 20.983  0.974   -5.339  1.00 52.59 ? 44  ARG A NH1 1 
ATOM   248  N  NH2 . ARG A 1 43  ? 22.430  2.745   -5.134  1.00 51.30 ? 44  ARG A NH2 1 
ATOM   249  N  N   . ARG A 1 44  ? 13.696  1.490   -3.811  1.00 35.54 ? 45  ARG A N   1 
ATOM   250  C  CA  . ARG A 1 44  ? 12.508  0.841   -3.258  1.00 35.07 ? 45  ARG A CA  1 
ATOM   251  C  C   . ARG A 1 44  ? 11.631  1.826   -2.480  1.00 33.02 ? 45  ARG A C   1 
ATOM   252  O  O   . ARG A 1 44  ? 12.061  2.931   -2.139  1.00 32.18 ? 45  ARG A O   1 
ATOM   253  C  CB  . ARG A 1 44  ? 12.931  -0.283  -2.304  1.00 36.60 ? 45  ARG A CB  1 
ATOM   254  C  CG  . ARG A 1 44  ? 13.379  0.240   -0.951  1.00 41.06 ? 45  ARG A CG  1 
ATOM   255  C  CD  . ARG A 1 44  ? 14.694  -0.363  -0.479  1.00 45.87 ? 45  ARG A CD  1 
ATOM   256  N  NE  . ARG A 1 44  ? 14.563  -1.727  0.028   1.00 49.85 ? 45  ARG A NE  1 
ATOM   257  C  CZ  . ARG A 1 44  ? 14.837  -2.824  -0.672  1.00 51.44 ? 45  ARG A CZ  1 
ATOM   258  N  NH1 . ARG A 1 44  ? 15.261  -2.730  -1.928  1.00 52.81 ? 45  ARG A NH1 1 
ATOM   259  N  NH2 . ARG A 1 44  ? 14.712  -4.016  -0.105  1.00 52.83 ? 45  ARG A NH2 1 
ATOM   260  N  N   . PHE A 1 45  ? 10.397  1.408   -2.213  1.00 30.49 ? 46  PHE A N   1 
ATOM   261  C  CA  . PHE A 1 45  ? 9.449   2.189   -1.423  1.00 28.69 ? 46  PHE A CA  1 
ATOM   262  C  C   . PHE A 1 45  ? 8.359   1.230   -0.970  1.00 28.34 ? 46  PHE A C   1 
ATOM   263  O  O   . PHE A 1 45  ? 8.282   0.105   -1.468  1.00 28.02 ? 46  PHE A O   1 
ATOM   264  C  CB  . PHE A 1 45  ? 8.875   3.378   -2.222  1.00 25.89 ? 46  PHE A CB  1 
ATOM   265  C  CG  . PHE A 1 45  ? 7.791   3.021   -3.211  1.00 24.71 ? 46  PHE A CG  1 
ATOM   266  C  CD1 . PHE A 1 45  ? 6.493   2.744   -2.783  1.00 22.81 ? 46  PHE A CD1 1 
ATOM   267  C  CD2 . PHE A 1 45  ? 8.054   3.032   -4.583  1.00 23.70 ? 46  PHE A CD2 1 
ATOM   268  C  CE1 . PHE A 1 45  ? 5.472   2.489   -3.704  1.00 22.06 ? 46  PHE A CE1 1 
ATOM   269  C  CE2 . PHE A 1 45  ? 7.046   2.779   -5.512  1.00 23.15 ? 46  PHE A CE2 1 
ATOM   270  C  CZ  . PHE A 1 45  ? 5.748   2.508   -5.070  1.00 23.41 ? 46  PHE A CZ  1 
ATOM   271  N  N   . HIS A 1 46  ? 7.540   1.637   -0.005  1.00 26.57 ? 47  HIS A N   1 
ATOM   272  C  CA  . HIS A 1 46  ? 6.485   0.748   0.442   1.00 25.50 ? 47  HIS A CA  1 
ATOM   273  C  C   . HIS A 1 46  ? 5.193   1.429   0.853   1.00 25.19 ? 47  HIS A C   1 
ATOM   274  O  O   . HIS A 1 46  ? 5.145   2.633   1.131   1.00 26.01 ? 47  HIS A O   1 
ATOM   275  C  CB  . HIS A 1 46  ? 6.975   -0.131  1.596   1.00 26.26 ? 47  HIS A CB  1 
ATOM   276  C  CG  . HIS A 1 46  ? 7.329   0.635   2.828   1.00 29.52 ? 47  HIS A CG  1 
ATOM   277  N  ND1 . HIS A 1 46  ? 8.551   1.247   2.998   1.00 31.34 ? 47  HIS A ND1 1 
ATOM   278  C  CD2 . HIS A 1 46  ? 6.601   0.936   3.929   1.00 31.02 ? 47  HIS A CD2 1 
ATOM   279  C  CE1 . HIS A 1 46  ? 8.560   1.894   4.150   1.00 32.61 ? 47  HIS A CE1 1 
ATOM   280  N  NE2 . HIS A 1 46  ? 7.388   1.722   4.735   1.00 32.58 ? 47  HIS A NE2 1 
ATOM   281  N  N   . VAL A 1 47  ? 4.134   0.632   0.862   1.00 23.05 ? 48  VAL A N   1 
ATOM   282  C  CA  . VAL A 1 47  ? 2.818   1.085   1.272   1.00 19.25 ? 48  VAL A CA  1 
ATOM   283  C  C   . VAL A 1 47  ? 2.438   0.069   2.333   1.00 20.11 ? 48  VAL A C   1 
ATOM   284  O  O   . VAL A 1 47  ? 2.508   -1.138  2.094   1.00 21.86 ? 48  VAL A O   1 
ATOM   285  C  CB  . VAL A 1 47  ? 1.796   1.024   0.124   1.00 16.97 ? 48  VAL A CB  1 
ATOM   286  C  CG1 . VAL A 1 47  ? 0.420   1.415   0.637   1.00 14.50 ? 48  VAL A CG1 1 
ATOM   287  C  CG2 . VAL A 1 47  ? 2.226   1.950   -1.007  1.00 14.21 ? 48  VAL A CG2 1 
ATOM   288  N  N   . ASN A 1 48  ? 2.073   0.557   3.510   1.00 17.36 ? 49  ASN A N   1 
ATOM   289  C  CA  . ASN A 1 48  ? 1.687   -0.310  4.601   1.00 17.38 ? 49  ASN A CA  1 
ATOM   290  C  C   . ASN A 1 48  ? 0.242   -0.113  5.024   1.00 16.92 ? 49  ASN A C   1 
ATOM   291  O  O   . ASN A 1 48  ? -0.224  1.014   5.205   1.00 14.34 ? 49  ASN A O   1 
ATOM   292  C  CB  . ASN A 1 48  ? 2.569   -0.072  5.832   1.00 19.36 ? 49  ASN A CB  1 
ATOM   293  C  CG  . ASN A 1 48  ? 3.927   -0.720  5.714   1.00 21.06 ? 49  ASN A CG  1 
ATOM   294  O  OD1 . ASN A 1 48  ? 4.160   -1.533  4.824   1.00 24.00 ? 49  ASN A OD1 1 
ATOM   295  N  ND2 . ASN A 1 48  ? 4.828   -0.377  6.628   1.00 18.78 ? 49  ASN A ND2 1 
ATOM   296  N  N   . PHE A 1 49  ? -0.463  -1.228  5.155   1.00 16.09 ? 50  PHE A N   1 
ATOM   297  C  CA  . PHE A 1 49  ? -1.828  -1.221  5.650   1.00 17.36 ? 50  PHE A CA  1 
ATOM   298  C  C   . PHE A 1 49  ? -1.535  -1.592  7.099   1.00 17.50 ? 50  PHE A C   1 
ATOM   299  O  O   . PHE A 1 49  ? -1.465  -2.765  7.450   1.00 17.45 ? 50  PHE A O   1 
ATOM   300  C  CB  . PHE A 1 49  ? -2.662  -2.294  4.943   1.00 15.75 ? 50  PHE A CB  1 
ATOM   301  C  CG  . PHE A 1 49  ? -3.194  -1.854  3.603   1.00 15.13 ? 50  PHE A CG  1 
ATOM   302  C  CD1 . PHE A 1 49  ? -4.479  -1.340  3.486   1.00 14.49 ? 50  PHE A CD1 1 
ATOM   303  C  CD2 . PHE A 1 49  ? -2.400  -1.921  2.463   1.00 14.06 ? 50  PHE A CD2 1 
ATOM   304  C  CE1 . PHE A 1 49  ? -4.966  -0.899  2.254   1.00 13.83 ? 50  PHE A CE1 1 
ATOM   305  C  CE2 . PHE A 1 49  ? -2.880  -1.482  1.226   1.00 12.86 ? 50  PHE A CE2 1 
ATOM   306  C  CZ  . PHE A 1 49  ? -4.167  -0.971  1.125   1.00 11.77 ? 50  PHE A CZ  1 
ATOM   307  N  N   . ALA A 1 50  ? -1.312  -0.569  7.918   1.00 19.58 ? 51  ALA A N   1 
ATOM   308  C  CA  . ALA A 1 50  ? -0.956  -0.751  9.316   1.00 22.88 ? 51  ALA A CA  1 
ATOM   309  C  C   . ALA A 1 50  ? -2.133  -0.766  10.284  1.00 27.09 ? 51  ALA A C   1 
ATOM   310  O  O   . ALA A 1 50  ? -3.168  -0.137  10.041  1.00 28.12 ? 51  ALA A O   1 
ATOM   311  C  CB  . ALA A 1 50  ? 0.035   0.326   9.719   1.00 21.00 ? 51  ALA A CB  1 
ATOM   312  N  N   . VAL A 1 51  ? -1.959  -1.478  11.395  1.00 30.78 ? 52  VAL A N   1 
ATOM   313  C  CA  . VAL A 1 51  ? -3.006  -1.593  12.403  1.00 34.62 ? 52  VAL A CA  1 
ATOM   314  C  C   . VAL A 1 51  ? -2.857  -0.604  13.566  1.00 38.94 ? 52  VAL A C   1 
ATOM   315  O  O   . VAL A 1 51  ? -3.568  -0.713  14.561  1.00 41.18 ? 52  VAL A O   1 
ATOM   316  C  CB  . VAL A 1 51  ? -3.061  -3.027  12.988  1.00 33.09 ? 52  VAL A CB  1 
ATOM   317  C  CG1 . VAL A 1 51  ? -2.833  -4.051  11.884  1.00 29.81 ? 52  VAL A CG1 1 
ATOM   318  C  CG2 . VAL A 1 51  ? -2.037  -3.181  14.101  1.00 33.03 ? 52  VAL A CG2 1 
ATOM   319  N  N   . GLY A 1 52  ? -1.947  0.358   13.446  1.00 43.11 ? 53  GLY A N   1 
ATOM   320  C  CA  . GLY A 1 52  ? -1.761  1.321   14.520  1.00 47.64 ? 53  GLY A CA  1 
ATOM   321  C  C   . GLY A 1 52  ? -1.108  2.612   14.065  1.00 51.98 ? 53  GLY A C   1 
ATOM   322  O  O   . GLY A 1 52  ? -0.550  2.673   12.969  1.00 52.94 ? 53  GLY A O   1 
ATOM   323  N  N   . GLN A 1 53  ? -1.169  3.642   14.907  1.00 55.59 ? 54  GLN A N   1 
ATOM   324  C  CA  . GLN A 1 53  ? -0.589  4.945   14.579  1.00 59.27 ? 54  GLN A CA  1 
ATOM   325  C  C   . GLN A 1 53  ? 0.935   4.936   14.636  1.00 60.11 ? 54  GLN A C   1 
ATOM   326  O  O   . GLN A 1 53  ? 1.600   5.508   13.773  1.00 60.38 ? 54  GLN A O   1 
ATOM   327  C  CB  . GLN A 1 53  ? -1.104  6.019   15.547  1.00 61.57 ? 54  GLN A CB  1 
ATOM   328  C  CG  . GLN A 1 53  ? -2.612  6.045   15.728  1.00 65.25 ? 54  GLN A CG  1 
ATOM   329  C  CD  . GLN A 1 53  ? -3.069  7.110   16.715  1.00 68.23 ? 54  GLN A CD  1 
ATOM   330  O  OE1 . GLN A 1 53  ? -2.592  7.168   17.852  1.00 68.99 ? 54  GLN A OE1 1 
ATOM   331  N  NE2 . GLN A 1 53  ? -4.004  7.956   16.285  1.00 69.35 ? 54  GLN A NE2 1 
ATOM   332  N  N   . ASP A 1 54  ? 1.479   4.285   15.658  1.00 61.87 ? 55  ASP A N   1 
ATOM   333  C  CA  . ASP A 1 54  ? 2.925   4.218   15.863  1.00 63.25 ? 55  ASP A CA  1 
ATOM   334  C  C   . ASP A 1 54  ? 3.704   3.444   14.803  1.00 62.63 ? 55  ASP A C   1 
ATOM   335  O  O   . ASP A 1 54  ? 3.154   2.590   14.107  1.00 62.29 ? 55  ASP A O   1 
ATOM   336  C  CB  . ASP A 1 54  ? 3.214   3.646   17.250  1.00 66.07 ? 55  ASP A CB  1 
ATOM   337  C  CG  . ASP A 1 54  ? 2.444   2.373   17.521  1.00 68.89 ? 55  ASP A CG  1 
ATOM   338  O  OD1 . ASP A 1 54  ? 2.789   1.331   16.925  1.00 70.70 ? 55  ASP A OD1 1 
ATOM   339  O  OD2 . ASP A 1 54  ? 1.486   2.420   18.324  1.00 70.36 ? 55  ASP A OD2 1 
ATOM   340  N  N   . ASP A 1 55  ? 4.996   3.753   14.706  1.00 61.96 ? 56  ASP A N   1 
ATOM   341  C  CA  . ASP A 1 55  ? 5.901   3.137   13.736  1.00 60.26 ? 56  ASP A CA  1 
ATOM   342  C  C   . ASP A 1 55  ? 6.151   1.643   13.902  1.00 56.74 ? 56  ASP A C   1 
ATOM   343  O  O   . ASP A 1 55  ? 6.522   0.974   12.942  1.00 57.11 ? 56  ASP A O   1 
ATOM   344  C  CB  . ASP A 1 55  ? 7.250   3.866   13.742  1.00 63.39 ? 56  ASP A CB  1 
ATOM   345  C  CG  . ASP A 1 55  ? 7.166   5.259   13.142  1.00 66.75 ? 56  ASP A CG  1 
ATOM   346  O  OD1 . ASP A 1 55  ? 6.907   5.369   11.921  1.00 67.53 ? 56  ASP A OD1 1 
ATOM   347  O  OD2 . ASP A 1 55  ? 7.354   6.244   13.894  1.00 67.90 ? 56  ASP A OD2 1 
ATOM   348  N  N   . GLY A 1 56  ? 5.961   1.117   15.106  1.00 52.95 ? 57  GLY A N   1 
ATOM   349  C  CA  . GLY A 1 56  ? 6.190   -0.305  15.313  1.00 48.27 ? 57  GLY A CA  1 
ATOM   350  C  C   . GLY A 1 56  ? 4.951   -1.163  15.106  1.00 45.02 ? 57  GLY A C   1 
ATOM   351  O  O   . GLY A 1 56  ? 4.993   -2.388  15.257  1.00 43.77 ? 57  GLY A O   1 
ATOM   352  N  N   . ALA A 1 57  ? 3.848   -0.513  14.752  1.00 40.87 ? 58  ALA A N   1 
ATOM   353  C  CA  . ALA A 1 57  ? 2.573   -1.186  14.537  1.00 36.91 ? 58  ALA A CA  1 
ATOM   354  C  C   . ALA A 1 57  ? 2.643   -2.357  13.571  1.00 34.02 ? 58  ALA A C   1 
ATOM   355  O  O   . ALA A 1 57  ? 3.394   -2.332  12.595  1.00 34.51 ? 58  ALA A O   1 
ATOM   356  C  CB  . ALA A 1 57  ? 1.543   -0.178  14.040  1.00 37.43 ? 58  ALA A CB  1 
ATOM   357  N  N   . ASP A 1 58  ? 1.856   -3.391  13.850  1.00 30.71 ? 59  ASP A N   1 
ATOM   358  C  CA  . ASP A 1 58  ? 1.805   -4.549  12.971  1.00 27.33 ? 59  ASP A CA  1 
ATOM   359  C  C   . ASP A 1 58  ? 1.324   -4.064  11.609  1.00 24.27 ? 59  ASP A C   1 
ATOM   360  O  O   . ASP A 1 58  ? 0.739   -2.985  11.493  1.00 23.54 ? 59  ASP A O   1 
ATOM   361  C  CB  . ASP A 1 58  ? 0.841   -5.608  13.514  1.00 30.12 ? 59  ASP A CB  1 
ATOM   362  C  CG  . ASP A 1 58  ? 1.458   -6.446  14.618  1.00 31.32 ? 59  ASP A CG  1 
ATOM   363  O  OD1 . ASP A 1 58  ? 2.708   -6.544  14.660  1.00 30.19 ? 59  ASP A OD1 1 
ATOM   364  O  OD2 . ASP A 1 58  ? 0.694   -7.019  15.428  1.00 31.14 ? 59  ASP A OD2 1 
ATOM   365  N  N   . VAL A 1 59  ? 1.572   -4.855  10.578  1.00 19.76 ? 60  VAL A N   1 
ATOM   366  C  CA  . VAL A 1 59  ? 1.174   -4.478  9.234   1.00 18.79 ? 60  VAL A CA  1 
ATOM   367  C  C   . VAL A 1 59  ? 0.440   -5.638  8.567   1.00 19.00 ? 60  VAL A C   1 
ATOM   368  O  O   . VAL A 1 59  ? 0.989   -6.728  8.427   1.00 18.43 ? 60  VAL A O   1 
ATOM   369  C  CB  . VAL A 1 59  ? 2.416   -4.087  8.400   1.00 18.38 ? 60  VAL A CB  1 
ATOM   370  C  CG1 . VAL A 1 59  ? 2.003   -3.616  7.029   1.00 16.66 ? 60  VAL A CG1 1 
ATOM   371  C  CG2 . VAL A 1 59  ? 3.200   -2.988  9.127   1.00 16.93 ? 60  VAL A CG2 1 
ATOM   372  N  N   . ALA A 1 60  ? -0.805  -5.399  8.161   1.00 17.52 ? 61  ALA A N   1 
ATOM   373  C  CA  . ALA A 1 60  ? -1.608  -6.439  7.527   1.00 17.56 ? 61  ALA A CA  1 
ATOM   374  C  C   . ALA A 1 60  ? -1.142  -6.744  6.101   1.00 18.10 ? 61  ALA A C   1 
ATOM   375  O  O   . ALA A 1 60  ? -1.145  -7.904  5.664   1.00 18.70 ? 61  ALA A O   1 
ATOM   376  C  CB  . ALA A 1 60  ? -3.078  -6.025  7.525   1.00 15.95 ? 61  ALA A CB  1 
ATOM   377  N  N   . PHE A 1 61  ? -0.729  -5.707  5.379   1.00 17.23 ? 62  PHE A N   1 
ATOM   378  C  CA  . PHE A 1 61  ? -0.275  -5.874  4.007   1.00 17.73 ? 62  PHE A CA  1 
ATOM   379  C  C   . PHE A 1 61  ? 0.824   -4.872  3.681   1.00 17.83 ? 62  PHE A C   1 
ATOM   380  O  O   . PHE A 1 61  ? 0.602   -3.664  3.686   1.00 18.56 ? 62  PHE A O   1 
ATOM   381  C  CB  . PHE A 1 61  ? -1.464  -5.719  3.047   1.00 16.33 ? 62  PHE A CB  1 
ATOM   382  C  CG  . PHE A 1 61  ? -1.099  -5.787  1.587   1.00 17.77 ? 62  PHE A CG  1 
ATOM   383  C  CD1 . PHE A 1 61  ? -0.017  -6.546  1.151   1.00 18.70 ? 62  PHE A CD1 1 
ATOM   384  C  CD2 . PHE A 1 61  ? -1.874  -5.122  0.638   1.00 17.44 ? 62  PHE A CD2 1 
ATOM   385  C  CE1 . PHE A 1 61  ? 0.291   -6.647  -0.212  1.00 18.64 ? 62  PHE A CE1 1 
ATOM   386  C  CE2 . PHE A 1 61  ? -1.582  -5.213  -0.724  1.00 16.70 ? 62  PHE A CE2 1 
ATOM   387  C  CZ  . PHE A 1 61  ? -0.497  -5.978  -1.152  1.00 19.64 ? 62  PHE A CZ  1 
ATOM   388  N  N   . HIS A 1 62  ? 2.010   -5.405  3.406   1.00 18.34 ? 63  HIS A N   1 
ATOM   389  C  CA  . HIS A 1 62  ? 3.204   -4.625  3.073   1.00 18.07 ? 63  HIS A CA  1 
ATOM   390  C  C   . HIS A 1 62  ? 3.511   -4.797  1.573   1.00 17.48 ? 63  HIS A C   1 
ATOM   391  O  O   . HIS A 1 62  ? 3.873   -5.886  1.128   1.00 16.00 ? 63  HIS A O   1 
ATOM   392  C  CB  . HIS A 1 62  ? 4.368   -5.138  3.941   1.00 20.08 ? 63  HIS A CB  1 
ATOM   393  C  CG  . HIS A 1 62  ? 5.696   -4.502  3.658   1.00 22.89 ? 63  HIS A CG  1 
ATOM   394  N  ND1 . HIS A 1 62  ? 5.961   -3.170  3.908   1.00 24.20 ? 63  HIS A ND1 1 
ATOM   395  C  CD2 . HIS A 1 62  ? 6.859   -5.036  3.210   1.00 23.83 ? 63  HIS A CD2 1 
ATOM   396  C  CE1 . HIS A 1 62  ? 7.227   -2.914  3.632   1.00 24.92 ? 63  HIS A CE1 1 
ATOM   397  N  NE2 . HIS A 1 62  ? 7.795   -4.029  3.206   1.00 23.70 ? 63  HIS A NE2 1 
ATOM   398  N  N   . PHE A 1 63  ? 3.332   -3.720  0.805   1.00 17.70 ? 64  PHE A N   1 
ATOM   399  C  CA  . PHE A 1 63  ? 3.579   -3.699  -0.647  1.00 17.69 ? 64  PHE A CA  1 
ATOM   400  C  C   . PHE A 1 63  ? 4.949   -3.048  -0.845  1.00 17.67 ? 64  PHE A C   1 
ATOM   401  O  O   . PHE A 1 63  ? 5.101   -1.842  -0.643  1.00 16.33 ? 64  PHE A O   1 
ATOM   402  C  CB  . PHE A 1 63  ? 2.504   -2.858  -1.335  1.00 16.38 ? 64  PHE A CB  1 
ATOM   403  C  CG  . PHE A 1 63  ? 2.650   -2.781  -2.823  1.00 13.69 ? 64  PHE A CG  1 
ATOM   404  C  CD1 . PHE A 1 63  ? 2.363   -3.885  -3.622  1.00 13.05 ? 64  PHE A CD1 1 
ATOM   405  C  CD2 . PHE A 1 63  ? 3.023   -1.588  -3.435  1.00 12.72 ? 64  PHE A CD2 1 
ATOM   406  C  CE1 . PHE A 1 63  ? 2.437   -3.796  -5.016  1.00 11.26 ? 64  PHE A CE1 1 
ATOM   407  C  CE2 . PHE A 1 63  ? 3.099   -1.493  -4.821  1.00 11.56 ? 64  PHE A CE2 1 
ATOM   408  C  CZ  . PHE A 1 63  ? 2.803   -2.601  -5.610  1.00 8.00  ? 64  PHE A CZ  1 
ATOM   409  N  N   . ASN A 1 64  ? 5.930   -3.831  -1.284  1.00 18.61 ? 65  ASN A N   1 
ATOM   410  C  CA  . ASN A 1 64  ? 7.292   -3.322  -1.396  1.00 19.07 ? 65  ASN A CA  1 
ATOM   411  C  C   . ASN A 1 64  ? 8.059   -3.513  -2.719  1.00 20.81 ? 65  ASN A C   1 
ATOM   412  O  O   . ASN A 1 64  ? 8.742   -4.522  -2.917  1.00 19.08 ? 65  ASN A O   1 
ATOM   413  C  CB  . ASN A 1 64  ? 8.081   -3.949  -0.241  1.00 19.36 ? 65  ASN A CB  1 
ATOM   414  C  CG  . ASN A 1 64  ? 9.461   -3.354  -0.052  1.00 19.98 ? 65  ASN A CG  1 
ATOM   415  O  OD1 . ASN A 1 64  ? 10.319  -3.993  0.549   1.00 20.73 ? 65  ASN A OD1 1 
ATOM   416  N  ND2 . ASN A 1 64  ? 9.678   -2.132  -0.538  1.00 17.88 ? 65  ASN A ND2 1 
ATOM   417  N  N   . PRO A 1 65  ? 7.956   -2.547  -3.641  1.00 22.37 ? 66  PRO A N   1 
ATOM   418  C  CA  . PRO A 1 65  ? 8.674   -2.659  -4.918  1.00 25.06 ? 66  PRO A CA  1 
ATOM   419  C  C   . PRO A 1 65  ? 10.186  -2.533  -4.635  1.00 26.61 ? 66  PRO A C   1 
ATOM   420  O  O   . PRO A 1 65  ? 10.587  -1.684  -3.838  1.00 26.80 ? 66  PRO A O   1 
ATOM   421  C  CB  . PRO A 1 65  ? 8.163   -1.458  -5.715  1.00 22.30 ? 66  PRO A CB  1 
ATOM   422  C  CG  . PRO A 1 65  ? 6.838   -1.152  -5.097  1.00 24.34 ? 66  PRO A CG  1 
ATOM   423  C  CD  . PRO A 1 65  ? 7.070   -1.372  -3.637  1.00 22.02 ? 66  PRO A CD  1 
ATOM   424  N  N   . ARG A 1 66  ? 11.010  -3.364  -5.275  1.00 27.60 ? 67  ARG A N   1 
ATOM   425  C  CA  . ARG A 1 66  ? 12.468  -3.318  -5.074  1.00 28.92 ? 67  ARG A CA  1 
ATOM   426  C  C   . ARG A 1 66  ? 13.241  -3.328  -6.404  1.00 30.23 ? 67  ARG A C   1 
ATOM   427  O  O   . ARG A 1 66  ? 13.108  -4.256  -7.198  1.00 28.69 ? 67  ARG A O   1 
ATOM   428  C  CB  . ARG A 1 66  ? 12.922  -4.497  -4.202  1.00 28.37 ? 67  ARG A CB  1 
ATOM   429  C  CG  . ARG A 1 66  ? 12.377  -4.474  -2.777  1.00 29.53 ? 67  ARG A CG  1 
ATOM   430  C  CD  . ARG A 1 66  ? 12.855  -5.669  -1.949  1.00 30.58 ? 67  ARG A CD  1 
ATOM   431  N  NE  . ARG A 1 66  ? 12.259  -5.686  -0.612  1.00 32.39 ? 67  ARG A NE  1 
ATOM   432  C  CZ  . ARG A 1 66  ? 12.464  -6.640  0.296   1.00 33.89 ? 67  ARG A CZ  1 
ATOM   433  N  NH1 . ARG A 1 66  ? 13.263  -7.665  0.015   1.00 33.89 ? 67  ARG A NH1 1 
ATOM   434  N  NH2 . ARG A 1 66  ? 11.856  -6.582  1.481   1.00 32.09 ? 67  ARG A NH2 1 
ATOM   435  N  N   . PHE A 1 67  ? 14.049  -2.290  -6.627  1.00 33.71 ? 68  PHE A N   1 
ATOM   436  C  CA  . PHE A 1 67  ? 14.852  -2.125  -7.850  1.00 37.22 ? 68  PHE A CA  1 
ATOM   437  C  C   . PHE A 1 67  ? 16.318  -2.542  -7.707  1.00 40.40 ? 68  PHE A C   1 
ATOM   438  O  O   . PHE A 1 67  ? 17.208  -1.699  -7.855  1.00 44.46 ? 68  PHE A O   1 
ATOM   439  C  CB  . PHE A 1 67  ? 14.838  -0.657  -8.293  1.00 35.62 ? 68  PHE A CB  1 
ATOM   440  C  CG  . PHE A 1 67  ? 13.866  -0.350  -9.390  1.00 34.41 ? 68  PHE A CG  1 
ATOM   441  C  CD1 . PHE A 1 67  ? 12.896  0.635   -9.217  1.00 32.72 ? 68  PHE A CD1 1 
ATOM   442  C  CD2 . PHE A 1 67  ? 13.947  -1.007  -10.613 1.00 32.69 ? 68  PHE A CD2 1 
ATOM   443  C  CE1 . PHE A 1 67  ? 12.020  0.967   -10.248 1.00 32.60 ? 68  PHE A CE1 1 
ATOM   444  C  CE2 . PHE A 1 67  ? 13.073  -0.683  -11.655 1.00 32.42 ? 68  PHE A CE2 1 
ATOM   445  C  CZ  . PHE A 1 67  ? 12.110  0.306   -11.472 1.00 31.83 ? 68  PHE A CZ  1 
ATOM   446  N  N   . ASP A 1 68  ? 16.587  -3.812  -7.429  1.00 41.31 ? 69  ASP A N   1 
ATOM   447  C  CA  . ASP A 1 68  ? 17.970  -4.268  -7.287  1.00 42.72 ? 69  ASP A CA  1 
ATOM   448  C  C   . ASP A 1 68  ? 18.092  -5.742  -7.649  1.00 41.44 ? 69  ASP A C   1 
ATOM   449  O  O   . ASP A 1 68  ? 17.477  -6.602  -7.013  1.00 39.80 ? 69  ASP A O   1 
ATOM   450  C  CB  . ASP A 1 68  ? 18.465  -4.049  -5.852  1.00 48.14 ? 69  ASP A CB  1 
ATOM   451  C  CG  . ASP A 1 68  ? 18.415  -2.585  -5.428  1.00 52.66 ? 69  ASP A CG  1 
ATOM   452  O  OD1 . ASP A 1 68  ? 19.100  -1.747  -6.061  1.00 54.51 ? 69  ASP A OD1 1 
ATOM   453  O  OD2 . ASP A 1 68  ? 17.687  -2.274  -4.456  1.00 56.39 ? 69  ASP A OD2 1 
ATOM   454  N  N   . GLY A 1 69  ? 18.897  -6.029  -8.667  1.00 39.38 ? 70  GLY A N   1 
ATOM   455  C  CA  . GLY A 1 69  ? 19.066  -7.401  -9.111  1.00 39.11 ? 70  GLY A CA  1 
ATOM   456  C  C   . GLY A 1 69  ? 17.859  -7.754  -9.955  1.00 38.33 ? 70  GLY A C   1 
ATOM   457  O  O   . GLY A 1 69  ? 17.732  -7.298  -11.095 1.00 37.57 ? 70  GLY A O   1 
ATOM   458  N  N   . TRP A 1 70  ? 16.976  -8.578  -9.402  1.00 37.32 ? 71  TRP A N   1 
ATOM   459  C  CA  . TRP A 1 70  ? 15.750  -8.947  -10.091 1.00 36.22 ? 71  TRP A CA  1 
ATOM   460  C  C   . TRP A 1 70  ? 14.748  -7.859  -9.742  1.00 35.47 ? 71  TRP A C   1 
ATOM   461  O  O   . TRP A 1 70  ? 14.319  -7.786  -8.598  1.00 38.06 ? 71  TRP A O   1 
ATOM   462  C  CB  . TRP A 1 70  ? 15.194  -10.273 -9.570  1.00 35.51 ? 71  TRP A CB  1 
ATOM   463  C  CG  . TRP A 1 70  ? 15.795  -11.503 -10.146 1.00 33.69 ? 71  TRP A CG  1 
ATOM   464  C  CD1 . TRP A 1 70  ? 16.755  -12.290 -9.582  1.00 33.22 ? 71  TRP A CD1 1 
ATOM   465  C  CD2 . TRP A 1 70  ? 15.443  -12.121 -11.390 1.00 33.20 ? 71  TRP A CD2 1 
ATOM   466  N  NE1 . TRP A 1 70  ? 17.021  -13.369 -10.397 1.00 33.58 ? 71  TRP A NE1 1 
ATOM   467  C  CE2 . TRP A 1 70  ? 16.231  -13.289 -11.514 1.00 32.62 ? 71  TRP A CE2 1 
ATOM   468  C  CE3 . TRP A 1 70  ? 14.537  -11.803 -12.414 1.00 33.53 ? 71  TRP A CE3 1 
ATOM   469  C  CZ2 . TRP A 1 70  ? 16.140  -14.145 -12.622 1.00 32.59 ? 71  TRP A CZ2 1 
ATOM   470  C  CZ3 . TRP A 1 70  ? 14.445  -12.654 -13.517 1.00 32.99 ? 71  TRP A CZ3 1 
ATOM   471  C  CH2 . TRP A 1 70  ? 15.246  -13.813 -13.610 1.00 32.57 ? 71  TRP A CH2 1 
ATOM   472  N  N   . ASP A 1 71  ? 14.384  -7.004  -10.691 1.00 34.47 ? 72  ASP A N   1 
ATOM   473  C  CA  . ASP A 1 71  ? 13.400  -5.974  -10.382 1.00 34.77 ? 72  ASP A CA  1 
ATOM   474  C  C   . ASP A 1 71  ? 12.157  -6.747  -9.969  1.00 33.95 ? 72  ASP A C   1 
ATOM   475  O  O   . ASP A 1 71  ? 11.688  -7.613  -10.707 1.00 33.74 ? 72  ASP A O   1 
ATOM   476  C  CB  . ASP A 1 71  ? 13.102  -5.105  -11.605 1.00 35.58 ? 72  ASP A CB  1 
ATOM   477  C  CG  . ASP A 1 71  ? 14.333  -4.383  -12.118 1.00 37.62 ? 72  ASP A CG  1 
ATOM   478  O  OD1 . ASP A 1 71  ? 15.250  -4.128  -11.303 1.00 36.96 ? 72  ASP A OD1 1 
ATOM   479  O  OD2 . ASP A 1 71  ? 14.378  -4.064  -13.329 1.00 37.90 ? 72  ASP A OD2 1 
ATOM   480  N  N   . LYS A 1 72  ? 11.631  -6.453  -8.787  1.00 32.00 ? 73  LYS A N   1 
ATOM   481  C  CA  . LYS A 1 72  ? 10.471  -7.181  -8.315  1.00 31.41 ? 73  LYS A CA  1 
ATOM   482  C  C   . LYS A 1 72  ? 9.632   -6.417  -7.310  1.00 30.00 ? 73  LYS A C   1 
ATOM   483  O  O   . LYS A 1 72  ? 9.878   -5.244  -7.021  1.00 29.36 ? 73  LYS A O   1 
ATOM   484  C  CB  . LYS A 1 72  ? 10.932  -8.484  -7.670  1.00 32.10 ? 73  LYS A CB  1 
ATOM   485  C  CG  . LYS A 1 72  ? 11.806  -8.270  -6.446  1.00 35.85 ? 73  LYS A CG  1 
ATOM   486  C  CD  . LYS A 1 72  ? 12.254  -9.596  -5.853  1.00 39.52 ? 73  LYS A CD  1 
ATOM   487  C  CE  . LYS A 1 72  ? 13.182  -9.396  -4.670  1.00 42.96 ? 73  LYS A CE  1 
ATOM   488  N  NZ  . LYS A 1 72  ? 13.673  -10.698 -4.117  1.00 46.61 ? 73  LYS A NZ  1 
ATOM   489  N  N   . VAL A 1 73  ? 8.626   -7.104  -6.785  1.00 26.37 ? 74  VAL A N   1 
ATOM   490  C  CA  . VAL A 1 73  ? 7.769   -6.531  -5.767  1.00 24.98 ? 74  VAL A CA  1 
ATOM   491  C  C   . VAL A 1 73  ? 7.605   -7.594  -4.695  1.00 23.98 ? 74  VAL A C   1 
ATOM   492  O  O   . VAL A 1 73  ? 7.356   -8.768  -4.990  1.00 22.73 ? 74  VAL A O   1 
ATOM   493  C  CB  . VAL A 1 73  ? 6.385   -6.118  -6.314  1.00 24.33 ? 74  VAL A CB  1 
ATOM   494  C  CG1 . VAL A 1 73  ? 5.528   -5.583  -5.177  1.00 23.84 ? 74  VAL A CG1 1 
ATOM   495  C  CG2 . VAL A 1 73  ? 6.546   -5.054  -7.383  1.00 21.58 ? 74  VAL A CG2 1 
ATOM   496  N  N   . VAL A 1 74  ? 7.776   -7.176  -3.450  1.00 22.02 ? 75  VAL A N   1 
ATOM   497  C  CA  . VAL A 1 74  ? 7.668   -8.077  -2.323  1.00 22.01 ? 75  VAL A CA  1 
ATOM   498  C  C   . VAL A 1 74  ? 6.384   -7.801  -1.544  1.00 20.78 ? 75  VAL A C   1 
ATOM   499  O  O   . VAL A 1 74  ? 5.952   -6.656  -1.436  1.00 20.25 ? 75  VAL A O   1 
ATOM   500  C  CB  . VAL A 1 74  ? 8.915   -7.926  -1.421  1.00 23.26 ? 75  VAL A CB  1 
ATOM   501  C  CG1 . VAL A 1 74  ? 8.681   -8.555  -0.064  1.00 24.42 ? 75  VAL A CG1 1 
ATOM   502  C  CG2 . VAL A 1 74  ? 10.108  -8.596  -2.106  1.00 25.56 ? 75  VAL A CG2 1 
ATOM   503  N  N   . PHE A 1 75  ? 5.778   -8.861  -1.019  1.00 19.29 ? 76  PHE A N   1 
ATOM   504  C  CA  . PHE A 1 75  ? 4.539   -8.751  -0.255  1.00 18.29 ? 76  PHE A CA  1 
ATOM   505  C  C   . PHE A 1 75  ? 4.697   -9.543  1.028   1.00 17.99 ? 76  PHE A C   1 
ATOM   506  O  O   . PHE A 1 75  ? 5.180   -10.679 1.007   1.00 19.88 ? 76  PHE A O   1 
ATOM   507  C  CB  . PHE A 1 75  ? 3.368   -9.344  -1.038  1.00 17.30 ? 76  PHE A CB  1 
ATOM   508  C  CG  . PHE A 1 75  ? 3.306   -8.913  -2.471  1.00 18.71 ? 76  PHE A CG  1 
ATOM   509  C  CD1 . PHE A 1 75  ? 2.691   -7.716  -2.832  1.00 19.17 ? 76  PHE A CD1 1 
ATOM   510  C  CD2 . PHE A 1 75  ? 3.837   -9.724  -3.474  1.00 16.30 ? 76  PHE A CD2 1 
ATOM   511  C  CE1 . PHE A 1 75  ? 2.601   -7.339  -4.179  1.00 20.27 ? 76  PHE A CE1 1 
ATOM   512  C  CE2 . PHE A 1 75  ? 3.751   -9.356  -4.815  1.00 15.13 ? 76  PHE A CE2 1 
ATOM   513  C  CZ  . PHE A 1 75  ? 3.133   -8.165  -5.171  1.00 16.59 ? 76  PHE A CZ  1 
ATOM   514  N  N   . ASN A 1 76  ? 4.294   -8.961  2.149   1.00 16.41 ? 77  ASN A N   1 
ATOM   515  C  CA  . ASN A 1 76  ? 4.408   -9.686  3.402   1.00 17.52 ? 77  ASN A CA  1 
ATOM   516  C  C   . ASN A 1 76  ? 3.505   -9.086  4.463   1.00 16.71 ? 77  ASN A C   1 
ATOM   517  O  O   . ASN A 1 76  ? 2.912   -8.029  4.257   1.00 17.88 ? 77  ASN A O   1 
ATOM   518  C  CB  . ASN A 1 76  ? 5.864   -9.686  3.897   1.00 16.17 ? 77  ASN A CB  1 
ATOM   519  C  CG  . ASN A 1 76  ? 6.198   -10.922 4.725   1.00 17.89 ? 77  ASN A CG  1 
ATOM   520  O  OD1 . ASN A 1 76  ? 5.307   -11.594 5.255   1.00 15.79 ? 77  ASN A OD1 1 
ATOM   521  N  ND2 . ASN A 1 76  ? 7.488   -11.223 4.844   1.00 16.83 ? 77  ASN A ND2 1 
ATOM   522  N  N   . THR A 1 77  ? 3.412   -9.775  5.596   1.00 17.14 ? 78  THR A N   1 
ATOM   523  C  CA  . THR A 1 77  ? 2.603   -9.338  6.733   1.00 18.44 ? 78  THR A CA  1 
ATOM   524  C  C   . THR A 1 77  ? 3.460   -9.371  7.999   1.00 20.39 ? 78  THR A C   1 
ATOM   525  O  O   . THR A 1 77  ? 4.251   -10.293 8.185   1.00 21.68 ? 78  THR A O   1 
ATOM   526  C  CB  . THR A 1 77  ? 1.388   -10.286 6.961   1.00 16.56 ? 78  THR A CB  1 
ATOM   527  O  OG1 . THR A 1 77  ? 0.421   -10.092 5.927   1.00 15.90 ? 78  THR A OG1 1 
ATOM   528  C  CG2 . THR A 1 77  ? 0.736   -10.021 8.316   1.00 15.30 ? 78  THR A CG2 1 
HETATM 529  N  N   . MSE A 1 78  ? 3.319   -8.369  8.860   1.00 21.22 ? 79  MSE A N   1 
HETATM 530  C  CA  . MSE A 1 78  ? 4.062   -8.364  10.111  1.00 25.08 ? 79  MSE A CA  1 
HETATM 531  C  C   . MSE A 1 78  ? 3.072   -8.465  11.267  1.00 25.32 ? 79  MSE A C   1 
HETATM 532  O  O   . MSE A 1 78  ? 2.235   -7.577  11.471  1.00 23.62 ? 79  MSE A O   1 
HETATM 533  C  CB  . MSE A 1 78  ? 4.905   -7.098  10.271  1.00 27.61 ? 79  MSE A CB  1 
HETATM 534  C  CG  . MSE A 1 78  ? 5.653   -7.069  11.607  1.00 33.42 ? 79  MSE A CG  1 
HETATM 535  SE SE  . MSE A 1 78  ? 6.636   -5.436  12.010  1.00 41.60 ? 79  MSE A SE  1 
HETATM 536  C  CE  . MSE A 1 78  ? 8.280   -5.896  11.138  1.00 34.91 ? 79  MSE A CE  1 
ATOM   537  N  N   . GLN A 1 79  ? 3.169   -9.557  12.017  1.00 25.85 ? 80  GLN A N   1 
ATOM   538  C  CA  . GLN A 1 79  ? 2.284   -9.795  13.150  1.00 28.12 ? 80  GLN A CA  1 
ATOM   539  C  C   . GLN A 1 79  ? 3.148   -10.020 14.388  1.00 29.27 ? 80  GLN A C   1 
ATOM   540  O  O   . GLN A 1 79  ? 4.066   -10.848 14.374  1.00 27.32 ? 80  GLN A O   1 
ATOM   541  C  CB  . GLN A 1 79  ? 1.405   -11.023 12.876  1.00 28.39 ? 80  GLN A CB  1 
ATOM   542  C  CG  . GLN A 1 79  ? 0.128   -11.088 13.708  1.00 30.39 ? 80  GLN A CG  1 
ATOM   543  C  CD  . GLN A 1 79  ? -0.707  -12.317 13.384  1.00 32.06 ? 80  GLN A CD  1 
ATOM   544  O  OE1 . GLN A 1 79  ? -1.016  -12.585 12.217  1.00 31.76 ? 80  GLN A OE1 1 
ATOM   545  N  NE2 . GLN A 1 79  ? -1.080  -13.070 14.414  1.00 30.55 ? 80  GLN A NE2 1 
ATOM   546  N  N   . SER A 1 80  ? 2.854   -9.268  15.447  1.00 31.01 ? 81  SER A N   1 
ATOM   547  C  CA  . SER A 1 80  ? 3.609   -9.348  16.698  1.00 33.30 ? 81  SER A CA  1 
ATOM   548  C  C   . SER A 1 80  ? 5.099   -9.083  16.467  1.00 34.06 ? 81  SER A C   1 
ATOM   549  O  O   . SER A 1 80  ? 5.955   -9.758  17.035  1.00 34.65 ? 81  SER A O   1 
ATOM   550  C  CB  . SER A 1 80  ? 3.421   -10.719 17.348  1.00 32.60 ? 81  SER A CB  1 
ATOM   551  O  OG  . SER A 1 80  ? 2.062   -10.933 17.684  1.00 34.49 ? 81  SER A OG  1 
ATOM   552  N  N   . GLY A 1 81  ? 5.393   -8.100  15.621  1.00 36.40 ? 82  GLY A N   1 
ATOM   553  C  CA  . GLY A 1 81  ? 6.769   -7.740  15.319  1.00 36.53 ? 82  GLY A CA  1 
ATOM   554  C  C   . GLY A 1 81  ? 7.511   -8.698  14.401  1.00 36.87 ? 82  GLY A C   1 
ATOM   555  O  O   . GLY A 1 81  ? 8.676   -8.467  14.067  1.00 37.83 ? 82  GLY A O   1 
ATOM   556  N  N   . GLN A 1 82  ? 6.849   -9.770  13.986  1.00 36.27 ? 83  GLN A N   1 
ATOM   557  C  CA  . GLN A 1 82  ? 7.486   -10.754 13.119  1.00 36.53 ? 83  GLN A CA  1 
ATOM   558  C  C   . GLN A 1 82  ? 6.976   -10.729 11.681  1.00 34.41 ? 83  GLN A C   1 
ATOM   559  O  O   . GLN A 1 82  ? 5.767   -10.759 11.451  1.00 34.49 ? 83  GLN A O   1 
ATOM   560  C  CB  . GLN A 1 82  ? 7.271   -12.161 13.688  1.00 39.74 ? 83  GLN A CB  1 
ATOM   561  C  CG  . GLN A 1 82  ? 8.007   -12.468 14.982  1.00 44.91 ? 83  GLN A CG  1 
ATOM   562  C  CD  . GLN A 1 82  ? 9.495   -12.676 14.770  1.00 47.77 ? 83  GLN A CD  1 
ATOM   563  O  OE1 . GLN A 1 82  ? 10.248  -11.720 14.579  1.00 49.56 ? 83  GLN A OE1 1 
ATOM   564  N  NE2 . GLN A 1 82  ? 9.924   -13.936 14.791  1.00 48.26 ? 83  GLN A NE2 1 
ATOM   565  N  N   . TRP A 1 83  ? 7.891   -10.666 10.715  1.00 31.38 ? 84  TRP A N   1 
ATOM   566  C  CA  . TRP A 1 83  ? 7.492   -10.700 9.314   1.00 28.77 ? 84  TRP A CA  1 
ATOM   567  C  C   . TRP A 1 83  ? 7.207   -12.167 9.008   1.00 27.68 ? 84  TRP A C   1 
ATOM   568  O  O   . TRP A 1 83  ? 7.879   -13.051 9.536   1.00 28.40 ? 84  TRP A O   1 
ATOM   569  C  CB  . TRP A 1 83  ? 8.610   -10.193 8.393   1.00 27.65 ? 84  TRP A CB  1 
ATOM   570  C  CG  . TRP A 1 83  ? 8.764   -8.694  8.347   1.00 28.26 ? 84  TRP A CG  1 
ATOM   571  C  CD1 . TRP A 1 83  ? 9.780   -7.960  8.884   1.00 26.68 ? 84  TRP A CD1 1 
ATOM   572  C  CD2 . TRP A 1 83  ? 7.874   -7.749  7.723   1.00 28.55 ? 84  TRP A CD2 1 
ATOM   573  N  NE1 . TRP A 1 83  ? 9.586   -6.623  8.632   1.00 27.30 ? 84  TRP A NE1 1 
ATOM   574  C  CE2 . TRP A 1 83  ? 8.425   -6.463  7.924   1.00 28.54 ? 84  TRP A CE2 1 
ATOM   575  C  CE3 . TRP A 1 83  ? 6.669   -7.867  7.016   1.00 29.18 ? 84  TRP A CE3 1 
ATOM   576  C  CZ2 . TRP A 1 83  ? 7.810   -5.298  7.444   1.00 29.40 ? 84  TRP A CZ2 1 
ATOM   577  C  CZ3 . TRP A 1 83  ? 6.057   -6.709  6.539   1.00 31.04 ? 84  TRP A CZ3 1 
ATOM   578  C  CH2 . TRP A 1 83  ? 6.632   -5.439  6.756   1.00 30.48 ? 84  TRP A CH2 1 
ATOM   579  N  N   . GLY A 1 84  ? 6.211   -12.432 8.170   1.00 26.41 ? 85  GLY A N   1 
ATOM   580  C  CA  . GLY A 1 84  ? 5.886   -13.809 7.840   1.00 26.05 ? 85  GLY A CA  1 
ATOM   581  C  C   . GLY A 1 84  ? 6.521   -14.275 6.541   1.00 26.74 ? 85  GLY A C   1 
ATOM   582  O  O   . GLY A 1 84  ? 7.541   -13.739 6.104   1.00 26.24 ? 85  GLY A O   1 
ATOM   583  N  N   . LYS A 1 85  ? 5.918   -15.289 5.930   1.00 27.22 ? 86  LYS A N   1 
ATOM   584  C  CA  . LYS A 1 85  ? 6.412   -15.822 4.669   1.00 27.66 ? 86  LYS A CA  1 
ATOM   585  C  C   . LYS A 1 85  ? 6.312   -14.754 3.589   1.00 27.34 ? 86  LYS A C   1 
ATOM   586  O  O   . LYS A 1 85  ? 5.232   -14.271 3.266   1.00 25.87 ? 86  LYS A O   1 
ATOM   587  C  CB  . LYS A 1 85  ? 5.610   -17.058 4.257   1.00 29.45 ? 86  LYS A CB  1 
ATOM   588  C  CG  . LYS A 1 85  ? 5.730   -18.220 5.238   1.00 34.54 ? 86  LYS A CG  1 
ATOM   589  C  CD  . LYS A 1 85  ? 4.899   -19.415 4.787   1.00 39.18 ? 86  LYS A CD  1 
ATOM   590  C  CE  . LYS A 1 85  ? 5.004   -20.572 5.766   1.00 41.40 ? 86  LYS A CE  1 
ATOM   591  N  NZ  . LYS A 1 85  ? 4.222   -21.749 5.292   1.00 43.87 ? 86  LYS A NZ  1 
ATOM   592  N  N   . GLU A 1 86  ? 7.458   -14.385 3.035   1.00 27.55 ? 87  GLU A N   1 
ATOM   593  C  CA  . GLU A 1 86  ? 7.514   -13.371 1.999   1.00 26.45 ? 87  GLU A CA  1 
ATOM   594  C  C   . GLU A 1 86  ? 7.039   -13.921 0.659   1.00 25.37 ? 87  GLU A C   1 
ATOM   595  O  O   . GLU A 1 86  ? 7.389   -15.032 0.271   1.00 24.66 ? 87  GLU A O   1 
ATOM   596  C  CB  . GLU A 1 86  ? 8.947   -12.858 1.899   1.00 28.87 ? 87  GLU A CB  1 
ATOM   597  C  CG  . GLU A 1 86  ? 9.238   -11.913 0.770   1.00 33.09 ? 87  GLU A CG  1 
ATOM   598  C  CD  . GLU A 1 86  ? 10.675  -11.432 0.814   1.00 36.18 ? 87  GLU A CD  1 
ATOM   599  O  OE1 . GLU A 1 86  ? 11.036  -10.740 1.791   1.00 36.58 ? 87  GLU A OE1 1 
ATOM   600  O  OE2 . GLU A 1 86  ? 11.445  -11.757 -0.119  1.00 39.45 ? 87  GLU A OE2 1 
ATOM   601  N  N   . GLU A 1 87  ? 6.206   -13.145 -0.024  1.00 22.97 ? 88  GLU A N   1 
ATOM   602  C  CA  . GLU A 1 87  ? 5.694   -13.521 -1.333  1.00 22.06 ? 88  GLU A CA  1 
ATOM   603  C  C   . GLU A 1 87  ? 6.344   -12.515 -2.267  1.00 22.36 ? 88  GLU A C   1 
ATOM   604  O  O   . GLU A 1 87  ? 6.827   -11.480 -1.812  1.00 20.42 ? 88  GLU A O   1 
ATOM   605  C  CB  . GLU A 1 87  ? 4.161   -13.374 -1.384  1.00 21.80 ? 88  GLU A CB  1 
ATOM   606  C  CG  . GLU A 1 87  ? 3.377   -14.533 -0.759  1.00 21.70 ? 88  GLU A CG  1 
ATOM   607  C  CD  . GLU A 1 87  ? 1.883   -14.238 -0.592  1.00 23.75 ? 88  GLU A CD  1 
ATOM   608  O  OE1 . GLU A 1 87  ? 1.246   -13.761 -1.551  1.00 20.96 ? 88  GLU A OE1 1 
ATOM   609  O  OE2 . GLU A 1 87  ? 1.338   -14.497 0.505   1.00 25.02 ? 88  GLU A OE2 1 
ATOM   610  N  N   . LYS A 1 88  ? 6.365   -12.799 -3.563  1.00 23.07 ? 89  LYS A N   1 
ATOM   611  C  CA  . LYS A 1 88  ? 6.970   -11.854 -4.489  1.00 25.51 ? 89  LYS A CA  1 
ATOM   612  C  C   . LYS A 1 88  ? 6.657   -12.131 -5.945  1.00 25.24 ? 89  LYS A C   1 
ATOM   613  O  O   . LYS A 1 88  ? 6.432   -13.268 -6.347  1.00 26.84 ? 89  LYS A O   1 
ATOM   614  C  CB  . LYS A 1 88  ? 8.490   -11.827 -4.304  1.00 28.49 ? 89  LYS A CB  1 
ATOM   615  C  CG  . LYS A 1 88  ? 9.197   -13.119 -4.705  1.00 32.84 ? 89  LYS A CG  1 
ATOM   616  C  CD  . LYS A 1 88  ? 10.718  -12.967 -4.674  1.00 37.22 ? 89  LYS A CD  1 
ATOM   617  C  CE  . LYS A 1 88  ? 11.410  -14.259 -5.099  1.00 40.16 ? 89  LYS A CE  1 
ATOM   618  N  NZ  . LYS A 1 88  ? 12.898  -14.163 -5.027  1.00 43.10 ? 89  LYS A NZ  1 
ATOM   619  N  N   . LYS A 1 89  ? 6.634   -11.071 -6.734  1.00 25.41 ? 90  LYS A N   1 
ATOM   620  C  CA  . LYS A 1 89  ? 6.394   -11.199 -8.155  1.00 24.90 ? 90  LYS A CA  1 
ATOM   621  C  C   . LYS A 1 89  ? 7.608   -10.559 -8.812  1.00 25.84 ? 90  LYS A C   1 
ATOM   622  O  O   . LYS A 1 89  ? 7.886   -9.377  -8.585  1.00 25.16 ? 90  LYS A O   1 
ATOM   623  C  CB  . LYS A 1 89  ? 5.109   -10.468 -8.558  1.00 23.17 ? 90  LYS A CB  1 
ATOM   624  C  CG  . LYS A 1 89  ? 4.792   -10.615 -10.036 1.00 22.79 ? 90  LYS A CG  1 
ATOM   625  C  CD  . LYS A 1 89  ? 3.387   -10.143 -10.382 1.00 22.31 ? 90  LYS A CD  1 
ATOM   626  C  CE  . LYS A 1 89  ? 3.094   -10.406 -11.851 1.00 21.99 ? 90  LYS A CE  1 
ATOM   627  N  NZ  . LYS A 1 89  ? 1.664   -10.178 -12.209 1.00 24.13 ? 90  LYS A NZ  1 
ATOM   628  N  N   . LYS A 1 90  ? 8.346   -11.348 -9.593  1.00 27.45 ? 91  LYS A N   1 
ATOM   629  C  CA  . LYS A 1 90  ? 9.542   -10.854 -10.275 1.00 27.42 ? 91  LYS A CA  1 
ATOM   630  C  C   . LYS A 1 90  ? 9.168   -10.042 -11.496 1.00 27.12 ? 91  LYS A C   1 
ATOM   631  O  O   . LYS A 1 90  ? 9.484   -10.412 -12.624 1.00 25.63 ? 91  LYS A O   1 
ATOM   632  C  CB  . LYS A 1 90  ? 10.444  -12.009 -10.698 1.00 28.35 ? 91  LYS A CB  1 
ATOM   633  C  CG  . LYS A 1 90  ? 11.107  -12.731 -9.548  1.00 32.38 ? 91  LYS A CG  1 
ATOM   634  C  CD  . LYS A 1 90  ? 12.185  -13.671 -10.049 1.00 34.80 ? 91  LYS A CD  1 
ATOM   635  C  CE  . LYS A 1 90  ? 12.988  -14.234 -8.891  1.00 39.84 ? 91  LYS A CE  1 
ATOM   636  N  NZ  . LYS A 1 90  ? 14.193  -14.981 -9.353  1.00 40.27 ? 91  LYS A NZ  1 
ATOM   637  N  N   . SER A 1 91  ? 8.483   -8.933  -11.258 1.00 27.00 ? 92  SER A N   1 
ATOM   638  C  CA  . SER A 1 91  ? 8.056   -8.041  -12.319 1.00 26.80 ? 92  SER A CA  1 
ATOM   639  C  C   . SER A 1 91  ? 8.002   -6.655  -11.692 1.00 28.29 ? 92  SER A C   1 
ATOM   640  O  O   . SER A 1 91  ? 7.688   -6.520  -10.504 1.00 29.48 ? 92  SER A O   1 
ATOM   641  C  CB  . SER A 1 91  ? 6.680   -8.466  -12.828 1.00 25.89 ? 92  SER A CB  1 
ATOM   642  O  OG  . SER A 1 91  ? 6.269   -7.677  -13.924 1.00 30.67 ? 92  SER A OG  1 
HETATM 643  N  N   . MSE A 1 92  ? 8.320   -5.632  -12.481 1.00 28.00 ? 93  MSE A N   1 
HETATM 644  C  CA  . MSE A 1 92  ? 8.332   -4.260  -11.991 1.00 27.54 ? 93  MSE A CA  1 
HETATM 645  C  C   . MSE A 1 92  ? 7.401   -3.392  -12.816 1.00 27.74 ? 93  MSE A C   1 
HETATM 646  O  O   . MSE A 1 92  ? 7.703   -3.063  -13.961 1.00 28.80 ? 93  MSE A O   1 
HETATM 647  C  CB  . MSE A 1 92  ? 9.759   -3.705  -12.056 1.00 29.47 ? 93  MSE A CB  1 
HETATM 648  C  CG  . MSE A 1 92  ? 9.918   -2.242  -11.640 1.00 30.80 ? 93  MSE A CG  1 
HETATM 649  SE SE  . MSE A 1 92  ? 9.389   -1.857  -9.815  1.00 34.54 ? 93  MSE A SE  1 
HETATM 650  C  CE  . MSE A 1 92  ? 10.796  -2.762  -8.852  1.00 31.89 ? 93  MSE A CE  1 
ATOM   651  N  N   . PRO A 1 93  ? 6.246   -3.012  -12.246 1.00 27.36 ? 94  PRO A N   1 
ATOM   652  C  CA  . PRO A 1 93  ? 5.277   -2.175  -12.959 1.00 28.40 ? 94  PRO A CA  1 
ATOM   653  C  C   . PRO A 1 93  ? 5.536   -0.671  -12.821 1.00 28.49 ? 94  PRO A C   1 
ATOM   654  O  O   . PRO A 1 93  ? 4.849   0.137   -13.439 1.00 29.24 ? 94  PRO A O   1 
ATOM   655  C  CB  . PRO A 1 93  ? 3.947   -2.600  -12.342 1.00 27.47 ? 94  PRO A CB  1 
ATOM   656  C  CG  . PRO A 1 93  ? 4.326   -2.842  -10.918 1.00 26.80 ? 94  PRO A CG  1 
ATOM   657  C  CD  . PRO A 1 93  ? 5.647   -3.583  -11.024 1.00 28.30 ? 94  PRO A CD  1 
ATOM   658  N  N   . PHE A 1 94  ? 6.516   -0.308  -11.998 1.00 29.35 ? 95  PHE A N   1 
ATOM   659  C  CA  . PHE A 1 94  ? 6.882   1.093   -11.788 1.00 30.74 ? 95  PHE A CA  1 
ATOM   660  C  C   . PHE A 1 94  ? 8.107   1.426   -12.642 1.00 33.25 ? 95  PHE A C   1 
ATOM   661  O  O   . PHE A 1 94  ? 8.876   0.536   -13.001 1.00 34.41 ? 95  PHE A O   1 
ATOM   662  C  CB  . PHE A 1 94  ? 7.209   1.339   -10.310 1.00 28.03 ? 95  PHE A CB  1 
ATOM   663  C  CG  . PHE A 1 94  ? 6.067   1.046   -9.382  1.00 27.47 ? 95  PHE A CG  1 
ATOM   664  C  CD1 . PHE A 1 94  ? 4.932   1.849   -9.380  1.00 27.85 ? 95  PHE A CD1 1 
ATOM   665  C  CD2 . PHE A 1 94  ? 6.103   -0.059  -8.548  1.00 24.69 ? 95  PHE A CD2 1 
ATOM   666  C  CE1 . PHE A 1 94  ? 3.848   1.546   -8.560  1.00 27.74 ? 95  PHE A CE1 1 
ATOM   667  C  CE2 . PHE A 1 94  ? 5.027   -0.368  -7.730  1.00 25.80 ? 95  PHE A CE2 1 
ATOM   668  C  CZ  . PHE A 1 94  ? 3.899   0.432   -7.736  1.00 25.23 ? 95  PHE A CZ  1 
ATOM   669  N  N   . GLN A 1 95  ? 8.281   2.704   -12.964 1.00 35.49 ? 96  GLN A N   1 
ATOM   670  C  CA  . GLN A 1 95  ? 9.419   3.158   -13.768 1.00 37.07 ? 96  GLN A CA  1 
ATOM   671  C  C   . GLN A 1 95  ? 10.096  4.362   -13.127 1.00 36.04 ? 96  GLN A C   1 
ATOM   672  O  O   . GLN A 1 95  ? 9.435   5.334   -12.760 1.00 34.52 ? 96  GLN A O   1 
ATOM   673  C  CB  . GLN A 1 95  ? 8.970   3.551   -15.176 1.00 40.77 ? 96  GLN A CB  1 
ATOM   674  C  CG  . GLN A 1 95  ? 8.664   2.393   -16.105 1.00 46.47 ? 96  GLN A CG  1 
ATOM   675  C  CD  . GLN A 1 95  ? 8.369   2.859   -17.526 1.00 50.39 ? 96  GLN A CD  1 
ATOM   676  O  OE1 . GLN A 1 95  ? 9.167   3.578   -18.137 1.00 51.64 ? 96  GLN A OE1 1 
ATOM   677  N  NE2 . GLN A 1 95  ? 7.220   2.449   -18.057 1.00 51.19 ? 96  GLN A NE2 1 
ATOM   678  N  N   . LYS A 1 96  ? 11.419  4.303   -13.012 1.00 34.35 ? 97  LYS A N   1 
ATOM   679  C  CA  . LYS A 1 96  ? 12.169  5.396   -12.412 1.00 32.96 ? 97  LYS A CA  1 
ATOM   680  C  C   . LYS A 1 96  ? 11.819  6.743   -13.037 1.00 32.26 ? 97  LYS A C   1 
ATOM   681  O  O   . LYS A 1 96  ? 11.781  6.885   -14.254 1.00 32.72 ? 97  LYS A O   1 
ATOM   682  C  CB  . LYS A 1 96  ? 13.670  5.114   -12.518 1.00 31.23 ? 97  LYS A CB  1 
ATOM   683  C  CG  . LYS A 1 96  ? 14.079  3.872   -11.740 1.00 31.57 ? 97  LYS A CG  1 
ATOM   684  C  CD  . LYS A 1 96  ? 15.577  3.676   -11.659 1.00 31.31 ? 97  LYS A CD  1 
ATOM   685  C  CE  . LYS A 1 96  ? 15.906  2.423   -10.843 1.00 33.16 ? 97  LYS A CE  1 
ATOM   686  N  NZ  . LYS A 1 96  ? 17.371  2.117   -10.749 1.00 34.15 ? 97  LYS A NZ  1 
ATOM   687  N  N   . GLY A 1 97  ? 11.529  7.723   -12.184 1.00 32.53 ? 98  GLY A N   1 
ATOM   688  C  CA  . GLY A 1 97  ? 11.187  9.056   -12.649 1.00 32.07 ? 98  GLY A CA  1 
ATOM   689  C  C   . GLY A 1 97  ? 9.834   9.191   -13.318 1.00 32.33 ? 98  GLY A C   1 
ATOM   690  O  O   . GLY A 1 97  ? 9.500   10.256  -13.837 1.00 31.92 ? 98  GLY A O   1 
ATOM   691  N  N   . LYS A 1 98  ? 9.041   8.125   -13.300 1.00 33.91 ? 99  LYS A N   1 
ATOM   692  C  CA  . LYS A 1 98  ? 7.725   8.145   -13.933 1.00 33.62 ? 99  LYS A CA  1 
ATOM   693  C  C   . LYS A 1 98  ? 6.536   8.191   -12.973 1.00 32.45 ? 99  LYS A C   1 
ATOM   694  O  O   . LYS A 1 98  ? 6.569   7.616   -11.885 1.00 31.23 ? 99  LYS A O   1 
ATOM   695  C  CB  . LYS A 1 98  ? 7.586   6.937   -14.865 1.00 36.04 ? 99  LYS A CB  1 
ATOM   696  C  CG  . LYS A 1 98  ? 8.460   7.020   -16.110 1.00 40.20 ? 99  LYS A CG  1 
ATOM   697  C  CD  . LYS A 1 98  ? 8.017   8.179   -16.998 1.00 43.72 ? 99  LYS A CD  1 
ATOM   698  C  CE  . LYS A 1 98  ? 8.972   8.413   -18.159 1.00 45.91 ? 99  LYS A CE  1 
ATOM   699  N  NZ  . LYS A 1 98  ? 8.498   9.532   -19.031 1.00 46.86 ? 99  LYS A NZ  1 
ATOM   700  N  N   . HIS A 1 99  ? 5.487   8.894   -13.391 1.00 32.54 ? 100 HIS A N   1 
ATOM   701  C  CA  . HIS A 1 99  ? 4.266   9.014   -12.603 1.00 32.21 ? 100 HIS A CA  1 
ATOM   702  C  C   . HIS A 1 99  ? 3.536   7.682   -12.687 1.00 30.97 ? 100 HIS A C   1 
ATOM   703  O  O   . HIS A 1 99  ? 3.541   7.025   -13.729 1.00 30.84 ? 100 HIS A O   1 
ATOM   704  C  CB  . HIS A 1 99  ? 3.360   10.114  -13.168 1.00 34.25 ? 100 HIS A CB  1 
ATOM   705  C  CG  . HIS A 1 99  ? 2.023   10.209  -12.493 1.00 39.89 ? 100 HIS A CG  1 
ATOM   706  N  ND1 . HIS A 1 99  ? 1.857   10.743  -11.231 1.00 42.09 ? 100 HIS A ND1 1 
ATOM   707  C  CD2 . HIS A 1 99  ? 0.787   9.825   -12.900 1.00 40.66 ? 100 HIS A CD2 1 
ATOM   708  C  CE1 . HIS A 1 99  ? 0.581   10.685  -10.892 1.00 41.67 ? 100 HIS A CE1 1 
ATOM   709  N  NE2 . HIS A 1 99  ? -0.090  10.133  -11.887 1.00 41.01 ? 100 HIS A NE2 1 
ATOM   710  N  N   . PHE A 1 100 ? 2.905   7.286   -11.589 1.00 28.68 ? 101 PHE A N   1 
ATOM   711  C  CA  . PHE A 1 100 ? 2.177   6.032   -11.562 1.00 26.59 ? 101 PHE A CA  1 
ATOM   712  C  C   . PHE A 1 100 ? 0.860   6.165   -10.812 1.00 27.35 ? 101 PHE A C   1 
ATOM   713  O  O   . PHE A 1 100 ? 0.611   7.154   -10.114 1.00 26.47 ? 101 PHE A O   1 
ATOM   714  C  CB  . PHE A 1 100 ? 3.037   4.942   -10.917 1.00 23.14 ? 101 PHE A CB  1 
ATOM   715  C  CG  . PHE A 1 100 ? 3.380   5.205   -9.472  1.00 21.40 ? 101 PHE A CG  1 
ATOM   716  C  CD1 . PHE A 1 100 ? 2.453   4.955   -8.466  1.00 18.20 ? 101 PHE A CD1 1 
ATOM   717  C  CD2 . PHE A 1 100 ? 4.635   5.701   -9.119  1.00 18.86 ? 101 PHE A CD2 1 
ATOM   718  C  CE1 . PHE A 1 100 ? 2.771   5.191   -7.128  1.00 20.10 ? 101 PHE A CE1 1 
ATOM   719  C  CE2 . PHE A 1 100 ? 4.967   5.942   -7.792  1.00 17.23 ? 101 PHE A CE2 1 
ATOM   720  C  CZ  . PHE A 1 100 ? 4.033   5.687   -6.791  1.00 19.17 ? 101 PHE A CZ  1 
ATOM   721  N  N   . GLU A 1 101 ? 0.009   5.165   -10.983 1.00 27.55 ? 102 GLU A N   1 
ATOM   722  C  CA  . GLU A 1 101 ? -1.272  5.131   -10.302 1.00 26.87 ? 102 GLU A CA  1 
ATOM   723  C  C   . GLU A 1 101 ? -1.407  3.749   -9.690  1.00 24.80 ? 102 GLU A C   1 
ATOM   724  O  O   . GLU A 1 101 ? -1.530  2.753   -10.400 1.00 25.99 ? 102 GLU A O   1 
ATOM   725  C  CB  . GLU A 1 101 ? -2.405  5.422   -11.281 1.00 28.21 ? 102 GLU A CB  1 
ATOM   726  C  CG  . GLU A 1 101 ? -2.319  6.824   -11.855 1.00 33.49 ? 102 GLU A CG  1 
ATOM   727  C  CD  . GLU A 1 101 ? -3.484  7.170   -12.750 1.00 35.93 ? 102 GLU A CD  1 
ATOM   728  O  OE1 . GLU A 1 101 ? -3.640  6.533   -13.809 1.00 39.30 ? 102 GLU A OE1 1 
ATOM   729  O  OE2 . GLU A 1 101 ? -4.249  8.087   -12.394 1.00 40.63 ? 102 GLU A OE2 1 
ATOM   730  N  N   . LEU A 1 102 ? -1.356  3.704   -8.362  1.00 21.16 ? 103 LEU A N   1 
ATOM   731  C  CA  . LEU A 1 102 ? -1.452  2.461   -7.617  1.00 17.60 ? 103 LEU A CA  1 
ATOM   732  C  C   . LEU A 1 102 ? -2.824  2.342   -6.965  1.00 17.37 ? 103 LEU A C   1 
ATOM   733  O  O   . LEU A 1 102 ? -3.226  3.187   -6.165  1.00 16.86 ? 103 LEU A O   1 
ATOM   734  C  CB  . LEU A 1 102 ? -0.346  2.417   -6.557  1.00 14.65 ? 103 LEU A CB  1 
ATOM   735  C  CG  . LEU A 1 102 ? -0.187  1.192   -5.651  1.00 13.88 ? 103 LEU A CG  1 
ATOM   736  C  CD1 . LEU A 1 102 ? 0.082   -0.071  -6.468  1.00 9.55  ? 103 LEU A CD1 1 
ATOM   737  C  CD2 . LEU A 1 102 ? 0.966   1.451   -4.695  1.00 12.89 ? 103 LEU A CD2 1 
ATOM   738  N  N   . VAL A 1 103 ? -3.537  1.279   -7.317  1.00 16.24 ? 104 VAL A N   1 
ATOM   739  C  CA  . VAL A 1 103 ? -4.868  1.035   -6.789  1.00 13.67 ? 104 VAL A CA  1 
ATOM   740  C  C   . VAL A 1 103 ? -4.967  -0.305  -6.056  1.00 13.80 ? 104 VAL A C   1 
ATOM   741  O  O   . VAL A 1 103 ? -4.615  -1.349  -6.595  1.00 10.46 ? 104 VAL A O   1 
ATOM   742  C  CB  . VAL A 1 103 ? -5.920  1.068   -7.932  1.00 14.64 ? 104 VAL A CB  1 
ATOM   743  C  CG1 . VAL A 1 103 ? -7.302  0.642   -7.410  1.00 12.56 ? 104 VAL A CG1 1 
ATOM   744  C  CG2 . VAL A 1 103 ? -6.003  2.472   -8.520  1.00 13.91 ? 104 VAL A CG2 1 
ATOM   745  N  N   . PHE A 1 104 ? -5.444  -0.254  -4.815  1.00 14.25 ? 105 PHE A N   1 
ATOM   746  C  CA  . PHE A 1 104 ? -5.639  -1.452  -4.005  1.00 15.22 ? 105 PHE A CA  1 
ATOM   747  C  C   . PHE A 1 104 ? -7.143  -1.600  -3.795  1.00 15.58 ? 105 PHE A C   1 
ATOM   748  O  O   . PHE A 1 104 ? -7.788  -0.676  -3.318  1.00 17.37 ? 105 PHE A O   1 
ATOM   749  C  CB  . PHE A 1 104 ? -4.979  -1.300  -2.632  1.00 14.54 ? 105 PHE A CB  1 
ATOM   750  C  CG  . PHE A 1 104 ? -3.488  -1.147  -2.680  1.00 16.20 ? 105 PHE A CG  1 
ATOM   751  C  CD1 . PHE A 1 104 ? -2.662  -2.264  -2.717  1.00 16.88 ? 105 PHE A CD1 1 
ATOM   752  C  CD2 . PHE A 1 104 ? -2.910  0.114   -2.680  1.00 15.88 ? 105 PHE A CD2 1 
ATOM   753  C  CE1 . PHE A 1 104 ? -1.278  -2.131  -2.751  1.00 17.11 ? 105 PHE A CE1 1 
ATOM   754  C  CE2 . PHE A 1 104 ? -1.535  0.260   -2.715  1.00 17.41 ? 105 PHE A CE2 1 
ATOM   755  C  CZ  . PHE A 1 104 ? -0.713  -0.872  -2.750  1.00 18.01 ? 105 PHE A CZ  1 
HETATM 756  N  N   . MSE A 1 105 ? -7.706  -2.744  -4.165  1.00 16.02 ? 106 MSE A N   1 
HETATM 757  C  CA  . MSE A 1 105 ? -9.141  -2.986  -3.962  1.00 15.25 ? 106 MSE A CA  1 
HETATM 758  C  C   . MSE A 1 105 ? -9.244  -4.062  -2.890  1.00 12.93 ? 106 MSE A C   1 
HETATM 759  O  O   . MSE A 1 105 ? -8.496  -5.040  -2.925  1.00 15.35 ? 106 MSE A O   1 
HETATM 760  C  CB  . MSE A 1 105 ? -9.813  -3.468  -5.254  1.00 16.67 ? 106 MSE A CB  1 
HETATM 761  C  CG  . MSE A 1 105 ? -9.945  -2.401  -6.349  1.00 22.46 ? 106 MSE A CG  1 
HETATM 762  SE SE  . MSE A 1 105 ? -10.624 -3.089  -8.057  1.00 25.58 ? 106 MSE A SE  1 
HETATM 763  C  CE  . MSE A 1 105 ? -8.948  -3.645  -8.792  1.00 25.37 ? 106 MSE A CE  1 
ATOM   764  N  N   . VAL A 1 106 ? -10.150 -3.887  -1.937  1.00 10.79 ? 107 VAL A N   1 
ATOM   765  C  CA  . VAL A 1 106 ? -10.299 -4.858  -0.861  1.00 11.18 ? 107 VAL A CA  1 
ATOM   766  C  C   . VAL A 1 106 ? -11.462 -5.771  -1.157  1.00 12.59 ? 107 VAL A C   1 
ATOM   767  O  O   . VAL A 1 106 ? -12.623 -5.361  -1.196  1.00 14.16 ? 107 VAL A O   1 
ATOM   768  C  CB  . VAL A 1 106 ? -10.533 -4.190  0.504   1.00 10.34 ? 107 VAL A CB  1 
ATOM   769  C  CG1 . VAL A 1 106 ? -10.534 -5.253  1.597   1.00 11.45 ? 107 VAL A CG1 1 
ATOM   770  C  CG2 . VAL A 1 106 ? -9.452  -3.149  0.773   1.00 9.01  ? 107 VAL A CG2 1 
HETATM 771  N  N   . MSE A 1 107 ? -11.134 -7.028  -1.370  1.00 13.44 ? 108 MSE A N   1 
HETATM 772  C  CA  . MSE A 1 107 ? -12.126 -8.021  -1.693  1.00 15.39 ? 108 MSE A CA  1 
HETATM 773  C  C   . MSE A 1 107 ? -12.168 -8.983  -0.524  1.00 15.78 ? 108 MSE A C   1 
HETATM 774  O  O   . MSE A 1 107 ? -11.275 -8.973  0.315   1.00 16.56 ? 108 MSE A O   1 
HETATM 775  C  CB  . MSE A 1 107 ? -11.716 -8.676  -3.012  1.00 17.68 ? 108 MSE A CB  1 
HETATM 776  C  CG  . MSE A 1 107 ? -11.394 -7.567  -4.033  1.00 24.19 ? 108 MSE A CG  1 
HETATM 777  SE SE  . MSE A 1 107 ? -10.861 -8.120  -5.741  1.00 37.27 ? 108 MSE A SE  1 
HETATM 778  C  CE  . MSE A 1 107 ? -11.767 -6.792  -6.811  1.00 30.68 ? 108 MSE A CE  1 
ATOM   779  N  N   . PRO A 1 108 ? -13.216 -9.806  -0.432  1.00 17.39 ? 109 PRO A N   1 
ATOM   780  C  CA  . PRO A 1 108 ? -13.298 -10.745 0.693   1.00 17.87 ? 109 PRO A CA  1 
ATOM   781  C  C   . PRO A 1 108 ? -12.083 -11.665 0.880   1.00 17.22 ? 109 PRO A C   1 
ATOM   782  O  O   . PRO A 1 108 ? -11.681 -11.943 2.005   1.00 17.90 ? 109 PRO A O   1 
ATOM   783  C  CB  . PRO A 1 108 ? -14.586 -11.516 0.397   1.00 17.52 ? 109 PRO A CB  1 
ATOM   784  C  CG  . PRO A 1 108 ? -15.435 -10.485 -0.307  1.00 16.78 ? 109 PRO A CG  1 
ATOM   785  C  CD  . PRO A 1 108 ? -14.435 -9.868  -1.259  1.00 15.36 ? 109 PRO A CD  1 
ATOM   786  N  N   . GLU A 1 109 ? -11.485 -12.120 -0.207  1.00 16.06 ? 110 GLU A N   1 
ATOM   787  C  CA  . GLU A 1 109 ? -10.349 -13.020 -0.069  1.00 19.50 ? 110 GLU A CA  1 
ATOM   788  C  C   . GLU A 1 109 ? -8.970  -12.383 -0.154  1.00 18.18 ? 110 GLU A C   1 
ATOM   789  O  O   . GLU A 1 109 ? -7.996  -12.952 0.338   1.00 16.67 ? 110 GLU A O   1 
ATOM   790  C  CB  . GLU A 1 109 ? -10.437 -14.148 -1.101  1.00 22.43 ? 110 GLU A CB  1 
ATOM   791  C  CG  . GLU A 1 109 ? -11.430 -15.244 -0.750  1.00 27.90 ? 110 GLU A CG  1 
ATOM   792  C  CD  . GLU A 1 109 ? -11.597 -16.257 -1.867  1.00 33.83 ? 110 GLU A CD  1 
ATOM   793  O  OE1 . GLU A 1 109 ? -10.588 -16.614 -2.520  1.00 36.26 ? 110 GLU A OE1 1 
ATOM   794  O  OE2 . GLU A 1 109 ? -12.738 -16.710 -2.088  1.00 37.65 ? 110 GLU A OE2 1 
ATOM   795  N  N   . HIS A 1 110 ? -8.875  -11.197 -0.741  1.00 16.95 ? 111 HIS A N   1 
ATOM   796  C  CA  . HIS A 1 110 ? -7.561  -10.595 -0.895  1.00 15.63 ? 111 HIS A CA  1 
ATOM   797  C  C   . HIS A 1 110 ? -7.604  -9.151  -1.328  1.00 13.63 ? 111 HIS A C   1 
ATOM   798  O  O   . HIS A 1 110 ? -8.656  -8.613  -1.650  1.00 11.23 ? 111 HIS A O   1 
ATOM   799  C  CB  . HIS A 1 110 ? -6.788  -11.375 -1.965  1.00 16.14 ? 111 HIS A CB  1 
ATOM   800  C  CG  . HIS A 1 110 ? -7.581  -11.600 -3.214  1.00 15.82 ? 111 HIS A CG  1 
ATOM   801  N  ND1 . HIS A 1 110 ? -7.962  -12.857 -3.640  1.00 18.83 ? 111 HIS A ND1 1 
ATOM   802  C  CD2 . HIS A 1 110 ? -8.146  -10.725 -4.081  1.00 16.66 ? 111 HIS A CD2 1 
ATOM   803  C  CE1 . HIS A 1 110 ? -8.728  -12.744 -4.711  1.00 17.30 ? 111 HIS A CE1 1 
ATOM   804  N  NE2 . HIS A 1 110 ? -8.857  -11.461 -4.999  1.00 15.16 ? 111 HIS A NE2 1 
ATOM   805  N  N   . TYR A 1 111 ? -6.423  -8.544  -1.343  1.00 11.66 ? 112 TYR A N   1 
ATOM   806  C  CA  . TYR A 1 111 ? -6.254  -7.187  -1.812  1.00 10.94 ? 112 TYR A CA  1 
ATOM   807  C  C   . TYR A 1 111 ? -5.886  -7.385  -3.284  1.00 11.70 ? 112 TYR A C   1 
ATOM   808  O  O   . TYR A 1 111 ? -5.049  -8.232  -3.596  1.00 12.83 ? 112 TYR A O   1 
ATOM   809  C  CB  . TYR A 1 111 ? -5.056  -6.518  -1.149  1.00 9.26  ? 112 TYR A CB  1 
ATOM   810  C  CG  . TYR A 1 111 ? -5.165  -6.252  0.326   1.00 11.99 ? 112 TYR A CG  1 
ATOM   811  C  CD1 . TYR A 1 111 ? -5.748  -5.076  0.797   1.00 13.26 ? 112 TYR A CD1 1 
ATOM   812  C  CD2 . TYR A 1 111 ? -4.651  -7.156  1.254   1.00 8.93  ? 112 TYR A CD2 1 
ATOM   813  C  CE1 . TYR A 1 111 ? -5.815  -4.804  2.158   1.00 14.92 ? 112 TYR A CE1 1 
ATOM   814  C  CE2 . TYR A 1 111 ? -4.710  -6.898  2.604   1.00 13.10 ? 112 TYR A CE2 1 
ATOM   815  C  CZ  . TYR A 1 111 ? -5.295  -5.717  3.055   1.00 15.74 ? 112 TYR A CZ  1 
ATOM   816  O  OH  . TYR A 1 111 ? -5.362  -5.457  4.399   1.00 16.47 ? 112 TYR A OH  1 
ATOM   817  N  N   . LYS A 1 112 ? -6.508  -6.646  -4.194  1.00 11.24 ? 113 LYS A N   1 
ATOM   818  C  CA  . LYS A 1 112 ? -6.115  -6.761  -5.592  1.00 11.99 ? 113 LYS A CA  1 
ATOM   819  C  C   . LYS A 1 112 ? -5.338  -5.491  -5.924  1.00 12.38 ? 113 LYS A C   1 
ATOM   820  O  O   . LYS A 1 112 ? -5.815  -4.384  -5.676  1.00 12.83 ? 113 LYS A O   1 
ATOM   821  C  CB  . LYS A 1 112 ? -7.318  -6.885  -6.535  1.00 12.05 ? 113 LYS A CB  1 
ATOM   822  C  CG  . LYS A 1 112 ? -6.890  -7.096  -7.989  1.00 13.43 ? 113 LYS A CG  1 
ATOM   823  C  CD  . LYS A 1 112 ? -8.058  -7.303  -8.944  1.00 17.71 ? 113 LYS A CD  1 
ATOM   824  C  CE  . LYS A 1 112 ? -7.543  -7.695  -10.330 1.00 16.04 ? 113 LYS A CE  1 
ATOM   825  N  NZ  . LYS A 1 112 ? -8.629  -7.845  -11.337 1.00 14.55 ? 113 LYS A NZ  1 
ATOM   826  N  N   . VAL A 1 113 ? -4.137  -5.657  -6.463  1.00 13.19 ? 114 VAL A N   1 
ATOM   827  C  CA  . VAL A 1 113 ? -3.300  -4.521  -6.819  1.00 13.73 ? 114 VAL A CA  1 
ATOM   828  C  C   . VAL A 1 113 ? -3.328  -4.299  -8.324  1.00 15.03 ? 114 VAL A C   1 
ATOM   829  O  O   . VAL A 1 113 ? -3.136  -5.232  -9.104  1.00 14.47 ? 114 VAL A O   1 
ATOM   830  C  CB  . VAL A 1 113 ? -1.830  -4.753  -6.374  1.00 15.77 ? 114 VAL A CB  1 
ATOM   831  C  CG1 . VAL A 1 113 ? -0.974  -3.531  -6.710  1.00 12.43 ? 114 VAL A CG1 1 
ATOM   832  C  CG2 . VAL A 1 113 ? -1.785  -5.035  -4.888  1.00 13.57 ? 114 VAL A CG2 1 
ATOM   833  N  N   . VAL A 1 114 ? -3.583  -3.055  -8.720  1.00 15.02 ? 115 VAL A N   1 
ATOM   834  C  CA  . VAL A 1 114 ? -3.624  -2.674  -10.123 1.00 13.42 ? 115 VAL A CA  1 
ATOM   835  C  C   . VAL A 1 114 ? -2.717  -1.458  -10.287 1.00 16.83 ? 115 VAL A C   1 
ATOM   836  O  O   . VAL A 1 114 ? -2.932  -0.430  -9.651  1.00 17.06 ? 115 VAL A O   1 
ATOM   837  C  CB  . VAL A 1 114 ? -5.059  -2.283  -10.573 1.00 13.90 ? 115 VAL A CB  1 
ATOM   838  C  CG1 . VAL A 1 114 ? -5.081  -2.006  -12.073 1.00 8.38  ? 115 VAL A CG1 1 
ATOM   839  C  CG2 . VAL A 1 114 ? -6.044  -3.392  -10.217 1.00 9.21  ? 115 VAL A CG2 1 
ATOM   840  N  N   . VAL A 1 115 ? -1.698  -1.584  -11.133 1.00 16.20 ? 116 VAL A N   1 
ATOM   841  C  CA  . VAL A 1 115 ? -0.769  -0.490  -11.370 1.00 17.44 ? 116 VAL A CA  1 
ATOM   842  C  C   . VAL A 1 115 ? -0.955  0.063   -12.780 1.00 19.52 ? 116 VAL A C   1 
ATOM   843  O  O   . VAL A 1 115 ? -0.793  -0.654  -13.773 1.00 20.86 ? 116 VAL A O   1 
ATOM   844  C  CB  . VAL A 1 115 ? 0.697   -0.944  -11.205 1.00 16.54 ? 116 VAL A CB  1 
ATOM   845  C  CG1 . VAL A 1 115 ? 1.621   0.261   -11.274 1.00 14.11 ? 116 VAL A CG1 1 
ATOM   846  C  CG2 . VAL A 1 115 ? 0.871   -1.688  -9.887  1.00 13.57 ? 116 VAL A CG2 1 
ATOM   847  N  N   . ASN A 1 116 ? -1.299  1.344   -12.848 1.00 19.53 ? 117 ASN A N   1 
ATOM   848  C  CA  . ASN A 1 116 ? -1.534  2.031   -14.104 1.00 21.14 ? 117 ASN A CA  1 
ATOM   849  C  C   . ASN A 1 116 ? -2.571  1.326   -14.972 1.00 21.40 ? 117 ASN A C   1 
ATOM   850  O  O   . ASN A 1 116 ? -2.448  1.283   -16.194 1.00 22.94 ? 117 ASN A O   1 
ATOM   851  C  CB  . ASN A 1 116 ? -0.222  2.196   -14.873 1.00 21.97 ? 117 ASN A CB  1 
ATOM   852  C  CG  . ASN A 1 116 ? 0.788   3.052   -14.123 1.00 21.09 ? 117 ASN A CG  1 
ATOM   853  O  OD1 . ASN A 1 116 ? 0.432   4.055   -13.503 1.00 20.24 ? 117 ASN A OD1 1 
ATOM   854  N  ND2 . ASN A 1 116 ? 2.053   2.665   -14.189 1.00 23.99 ? 117 ASN A ND2 1 
ATOM   855  N  N   . GLY A 1 117 ? -3.602  0.783   -14.330 1.00 21.48 ? 118 GLY A N   1 
ATOM   856  C  CA  . GLY A 1 117 ? -4.661  0.102   -15.056 1.00 18.56 ? 118 GLY A CA  1 
ATOM   857  C  C   . GLY A 1 117 ? -4.401  -1.372  -15.300 1.00 17.89 ? 118 GLY A C   1 
ATOM   858  O  O   . GLY A 1 117 ? -5.301  -2.098  -15.716 1.00 18.63 ? 118 GLY A O   1 
ATOM   859  N  N   . ASN A 1 118 ? -3.179  -1.820  -15.035 1.00 15.30 ? 119 ASN A N   1 
ATOM   860  C  CA  . ASN A 1 118 ? -2.829  -3.213  -15.250 1.00 17.16 ? 119 ASN A CA  1 
ATOM   861  C  C   . ASN A 1 118 ? -2.897  -4.055  -13.977 1.00 16.85 ? 119 ASN A C   1 
ATOM   862  O  O   . ASN A 1 118 ? -2.176  -3.804  -13.009 1.00 16.33 ? 119 ASN A O   1 
ATOM   863  C  CB  . ASN A 1 118 ? -1.423  -3.301  -15.861 1.00 18.51 ? 119 ASN A CB  1 
ATOM   864  C  CG  . ASN A 1 118 ? -1.309  -2.539  -17.174 1.00 22.28 ? 119 ASN A CG  1 
ATOM   865  O  OD1 . ASN A 1 118 ? -0.353  -1.788  -17.392 1.00 24.27 ? 119 ASN A OD1 1 
ATOM   866  N  ND2 . ASN A 1 118 ? -2.283  -2.730  -18.057 1.00 20.61 ? 119 ASN A ND2 1 
ATOM   867  N  N   . SER A 1 119 ? -3.773  -5.053  -13.983 1.00 16.49 ? 120 SER A N   1 
ATOM   868  C  CA  . SER A 1 119 ? -3.906  -5.944  -12.843 1.00 17.68 ? 120 SER A CA  1 
ATOM   869  C  C   . SER A 1 119 ? -2.508  -6.477  -12.563 1.00 18.40 ? 120 SER A C   1 
ATOM   870  O  O   . SER A 1 119 ? -1.814  -6.932  -13.467 1.00 18.92 ? 120 SER A O   1 
ATOM   871  C  CB  . SER A 1 119 ? -4.872  -7.083  -13.174 1.00 18.51 ? 120 SER A CB  1 
ATOM   872  O  OG  . SER A 1 119 ? -6.186  -6.576  -13.350 1.00 18.75 ? 120 SER A OG  1 
ATOM   873  N  N   . PHE A 1 120 ? -2.096  -6.419  -11.307 1.00 18.39 ? 121 PHE A N   1 
ATOM   874  C  CA  . PHE A 1 120 ? -0.755  -6.839  -10.946 1.00 16.05 ? 121 PHE A CA  1 
ATOM   875  C  C   . PHE A 1 120 ? -0.635  -8.010  -9.969  1.00 15.66 ? 121 PHE A C   1 
ATOM   876  O  O   . PHE A 1 120 ? 0.153   -8.920  -10.204 1.00 13.35 ? 121 PHE A O   1 
ATOM   877  C  CB  . PHE A 1 120 ? -0.001  -5.631  -10.381 1.00 16.35 ? 121 PHE A CB  1 
ATOM   878  C  CG  . PHE A 1 120 ? 1.442   -5.910  -10.063 1.00 17.71 ? 121 PHE A CG  1 
ATOM   879  C  CD1 . PHE A 1 120 ? 2.359   -6.150  -11.083 1.00 17.29 ? 121 PHE A CD1 1 
ATOM   880  C  CD2 . PHE A 1 120 ? 1.880   -5.965  -8.747  1.00 17.61 ? 121 PHE A CD2 1 
ATOM   881  C  CE1 . PHE A 1 120 ? 3.683   -6.439  -10.793 1.00 16.15 ? 121 PHE A CE1 1 
ATOM   882  C  CE2 . PHE A 1 120 ? 3.209   -6.255  -8.450  1.00 17.82 ? 121 PHE A CE2 1 
ATOM   883  C  CZ  . PHE A 1 120 ? 4.107   -6.492  -9.475  1.00 17.48 ? 121 PHE A CZ  1 
ATOM   884  N  N   . TYR A 1 121 ? -1.405  -7.998  -8.879  1.00 13.62 ? 122 TYR A N   1 
ATOM   885  C  CA  . TYR A 1 121 ? -1.286  -9.065  -7.894  1.00 12.90 ? 122 TYR A CA  1 
ATOM   886  C  C   . TYR A 1 121 ? -2.490  -9.178  -6.958  1.00 11.82 ? 122 TYR A C   1 
ATOM   887  O  O   . TYR A 1 121 ? -3.272  -8.239  -6.809  1.00 12.58 ? 122 TYR A O   1 
ATOM   888  C  CB  . TYR A 1 121 ? -0.011  -8.836  -7.064  1.00 13.12 ? 122 TYR A CB  1 
ATOM   889  C  CG  . TYR A 1 121 ? 0.516   -10.065 -6.345  1.00 14.32 ? 122 TYR A CG  1 
ATOM   890  C  CD1 . TYR A 1 121 ? 1.140   -11.088 -7.048  1.00 15.44 ? 122 TYR A CD1 1 
ATOM   891  C  CD2 . TYR A 1 121 ? 0.388   -10.201 -4.957  1.00 16.20 ? 122 TYR A CD2 1 
ATOM   892  C  CE1 . TYR A 1 121 ? 1.630   -12.226 -6.397  1.00 17.65 ? 122 TYR A CE1 1 
ATOM   893  C  CE2 . TYR A 1 121 ? 0.874   -11.333 -4.288  1.00 16.07 ? 122 TYR A CE2 1 
ATOM   894  C  CZ  . TYR A 1 121 ? 1.494   -12.342 -5.017  1.00 19.60 ? 122 TYR A CZ  1 
ATOM   895  O  OH  . TYR A 1 121 ? 1.980   -13.469 -4.377  1.00 20.67 ? 122 TYR A OH  1 
ATOM   896  N  N   . GLU A 1 122 ? -2.629  -10.341 -6.333  1.00 11.24 ? 123 GLU A N   1 
ATOM   897  C  CA  . GLU A 1 122 ? -3.710  -10.597 -5.386  1.00 14.48 ? 123 GLU A CA  1 
ATOM   898  C  C   . GLU A 1 122 ? -3.094  -11.192 -4.133  1.00 13.25 ? 123 GLU A C   1 
ATOM   899  O  O   . GLU A 1 122 ? -2.635  -12.324 -4.136  1.00 15.21 ? 123 GLU A O   1 
ATOM   900  C  CB  . GLU A 1 122 ? -4.743  -11.561 -5.979  1.00 15.36 ? 123 GLU A CB  1 
ATOM   901  C  CG  . GLU A 1 122 ? -5.397  -11.015 -7.230  1.00 19.88 ? 123 GLU A CG  1 
ATOM   902  C  CD  . GLU A 1 122 ? -6.626  -11.802 -7.638  1.00 24.96 ? 123 GLU A CD  1 
ATOM   903  O  OE1 . GLU A 1 122 ? -6.554  -13.053 -7.647  1.00 24.15 ? 123 GLU A OE1 1 
ATOM   904  O  OE2 . GLU A 1 122 ? -7.657  -11.161 -7.952  1.00 25.43 ? 123 GLU A OE2 1 
ATOM   905  N  N   . TYR A 1 123 ? -3.076  -10.412 -3.064  1.00 11.13 ? 124 TYR A N   1 
ATOM   906  C  CA  . TYR A 1 123 ? -2.475  -10.847 -1.824  1.00 12.48 ? 124 TYR A CA  1 
ATOM   907  C  C   . TYR A 1 123 ? -3.551  -11.301 -0.845  1.00 13.03 ? 124 TYR A C   1 
ATOM   908  O  O   . TYR A 1 123 ? -4.352  -10.492 -0.383  1.00 15.06 ? 124 TYR A O   1 
ATOM   909  C  CB  . TYR A 1 123 ? -1.662  -9.692  -1.239  1.00 10.66 ? 124 TYR A CB  1 
ATOM   910  C  CG  . TYR A 1 123 ? -0.893  -10.040 0.014   1.00 13.10 ? 124 TYR A CG  1 
ATOM   911  C  CD1 . TYR A 1 123 ? 0.324   -10.700 -0.054  1.00 13.72 ? 124 TYR A CD1 1 
ATOM   912  C  CD2 . TYR A 1 123 ? -1.377  -9.682  1.270   1.00 14.70 ? 124 TYR A CD2 1 
ATOM   913  C  CE1 . TYR A 1 123 ? 1.047   -10.994 1.100   1.00 16.69 ? 124 TYR A CE1 1 
ATOM   914  C  CE2 . TYR A 1 123 ? -0.666  -9.974  2.427   1.00 15.05 ? 124 TYR A CE2 1 
ATOM   915  C  CZ  . TYR A 1 123 ? 0.545   -10.626 2.337   1.00 14.67 ? 124 TYR A CZ  1 
ATOM   916  O  OH  . TYR A 1 123 ? 1.263   -10.894 3.479   1.00 15.19 ? 124 TYR A OH  1 
ATOM   917  N  N   . GLY A 1 124 ? -3.577  -12.596 -0.551  1.00 12.60 ? 125 GLY A N   1 
ATOM   918  C  CA  . GLY A 1 124 ? -4.563  -13.132 0.373   1.00 13.47 ? 125 GLY A CA  1 
ATOM   919  C  C   . GLY A 1 124 ? -4.442  -12.553 1.778   1.00 13.97 ? 125 GLY A C   1 
ATOM   920  O  O   . GLY A 1 124 ? -3.336  -12.289 2.253   1.00 15.38 ? 125 GLY A O   1 
ATOM   921  N  N   . HIS A 1 125 ? -5.576  -12.362 2.447   1.00 11.65 ? 126 HIS A N   1 
ATOM   922  C  CA  . HIS A 1 125 ? -5.596  -11.808 3.802   1.00 11.81 ? 126 HIS A CA  1 
ATOM   923  C  C   . HIS A 1 125 ? -5.009  -12.730 4.851   1.00 11.48 ? 126 HIS A C   1 
ATOM   924  O  O   . HIS A 1 125 ? -5.326  -13.924 4.897   1.00 10.92 ? 126 HIS A O   1 
ATOM   925  C  CB  . HIS A 1 125 ? -7.028  -11.465 4.214   1.00 8.68  ? 126 HIS A CB  1 
ATOM   926  C  CG  . HIS A 1 125 ? -7.664  -10.448 3.330   1.00 9.13  ? 126 HIS A CG  1 
ATOM   927  N  ND1 . HIS A 1 125 ? -7.097  -9.214  3.101   1.00 7.07  ? 126 HIS A ND1 1 
ATOM   928  C  CD2 . HIS A 1 125 ? -8.783  -10.500 2.571   1.00 8.30  ? 126 HIS A CD2 1 
ATOM   929  C  CE1 . HIS A 1 125 ? -7.838  -8.549  2.235   1.00 8.97  ? 126 HIS A CE1 1 
ATOM   930  N  NE2 . HIS A 1 125 ? -8.867  -9.307  1.898   1.00 12.02 ? 126 HIS A NE2 1 
ATOM   931  N  N   . ARG A 1 126 ? -4.169  -12.162 5.706   1.00 12.60 ? 127 ARG A N   1 
ATOM   932  C  CA  . ARG A 1 126 ? -3.546  -12.929 6.783   1.00 16.33 ? 127 ARG A CA  1 
ATOM   933  C  C   . ARG A 1 126 ? -4.023  -12.340 8.101   1.00 15.70 ? 127 ARG A C   1 
ATOM   934  O  O   . ARG A 1 126 ? -4.204  -13.054 9.073   1.00 16.01 ? 127 ARG A O   1 
ATOM   935  C  CB  . ARG A 1 126 ? -2.021  -12.858 6.691   1.00 16.43 ? 127 ARG A CB  1 
ATOM   936  C  CG  . ARG A 1 126 ? -1.458  -13.404 5.398   1.00 17.32 ? 127 ARG A CG  1 
ATOM   937  C  CD  . ARG A 1 126 ? 0.048   -13.534 5.504   1.00 18.99 ? 127 ARG A CD  1 
ATOM   938  N  NE  . ARG A 1 126 ? 0.682   -13.713 4.207   1.00 18.58 ? 127 ARG A NE  1 
ATOM   939  C  CZ  . ARG A 1 126 ? 1.998   -13.684 4.024   1.00 20.03 ? 127 ARG A CZ  1 
ATOM   940  N  NH1 . ARG A 1 126 ? 2.801   -13.489 5.062   1.00 17.23 ? 127 ARG A NH1 1 
ATOM   941  N  NH2 . ARG A 1 126 ? 2.512   -13.829 2.807   1.00 15.69 ? 127 ARG A NH2 1 
ATOM   942  N  N   . LEU A 1 127 ? -4.207  -11.021 8.111   1.00 16.81 ? 128 LEU A N   1 
ATOM   943  C  CA  . LEU A 1 127 ? -4.725  -10.307 9.277   1.00 16.83 ? 128 LEU A CA  1 
ATOM   944  C  C   . LEU A 1 127 ? -6.106  -9.813  8.848   1.00 15.48 ? 128 LEU A C   1 
ATOM   945  O  O   . LEU A 1 127 ? -6.297  -9.454  7.686   1.00 13.33 ? 128 LEU A O   1 
ATOM   946  C  CB  . LEU A 1 127 ? -3.861  -9.092  9.619   1.00 18.30 ? 128 LEU A CB  1 
ATOM   947  C  CG  . LEU A 1 127 ? -3.001  -9.139  10.875  1.00 20.76 ? 128 LEU A CG  1 
ATOM   948  C  CD1 . LEU A 1 127 ? -2.032  -10.270 10.761  1.00 24.56 ? 128 LEU A CD1 1 
ATOM   949  C  CD2 . LEU A 1 127 ? -2.253  -7.832  11.045  1.00 23.50 ? 128 LEU A CD2 1 
ATOM   950  N  N   . PRO A 1 128 ? -7.086  -9.801  9.770   1.00 13.42 ? 129 PRO A N   1 
ATOM   951  C  CA  . PRO A 1 128 ? -8.421  -9.329  9.397   1.00 12.90 ? 129 PRO A CA  1 
ATOM   952  C  C   . PRO A 1 128 ? -8.346  -7.915  8.819   1.00 12.99 ? 129 PRO A C   1 
ATOM   953  O  O   . PRO A 1 128 ? -7.688  -7.039  9.374   1.00 12.68 ? 129 PRO A O   1 
ATOM   954  C  CB  . PRO A 1 128 ? -9.183  -9.367  10.720  1.00 12.29 ? 129 PRO A CB  1 
ATOM   955  C  CG  . PRO A 1 128 ? -8.528  -10.509 11.440  1.00 12.30 ? 129 PRO A CG  1 
ATOM   956  C  CD  . PRO A 1 128 ? -7.065  -10.260 11.169  1.00 11.50 ? 129 PRO A CD  1 
ATOM   957  N  N   . VAL A 1 129 ? -9.022  -7.713  7.696   1.00 14.47 ? 130 VAL A N   1 
ATOM   958  C  CA  . VAL A 1 129 ? -9.057  -6.426  7.027   1.00 15.88 ? 130 VAL A CA  1 
ATOM   959  C  C   . VAL A 1 129 ? -9.416  -5.270  7.954   1.00 17.99 ? 130 VAL A C   1 
ATOM   960  O  O   . VAL A 1 129 ? -8.829  -4.195  7.856   1.00 19.00 ? 130 VAL A O   1 
ATOM   961  C  CB  . VAL A 1 129 ? -10.071 -6.460  5.856   1.00 16.20 ? 130 VAL A CB  1 
ATOM   962  C  CG1 . VAL A 1 129 ? -10.492 -5.055  5.478   1.00 15.40 ? 130 VAL A CG1 1 
ATOM   963  C  CG2 . VAL A 1 129 ? -9.445  -7.152  4.661   1.00 14.27 ? 130 VAL A CG2 1 
ATOM   964  N  N   . GLN A 1 130 ? -10.368 -5.498  8.860   1.00 21.18 ? 131 GLN A N   1 
ATOM   965  C  CA  . GLN A 1 130 ? -10.843 -4.464  9.786   1.00 20.65 ? 131 GLN A CA  1 
ATOM   966  C  C   . GLN A 1 130 ? -9.907  -3.995  10.885  1.00 19.69 ? 131 GLN A C   1 
ATOM   967  O  O   . GLN A 1 130 ? -10.227 -3.053  11.612  1.00 20.02 ? 131 GLN A O   1 
ATOM   968  C  CB  . GLN A 1 130 ? -12.161 -4.893  10.426  1.00 23.69 ? 131 GLN A CB  1 
ATOM   969  C  CG  . GLN A 1 130 ? -13.291 -5.043  9.432   1.00 27.32 ? 131 GLN A CG  1 
ATOM   970  C  CD  . GLN A 1 130 ? -13.530 -6.482  9.068   1.00 31.95 ? 131 GLN A CD  1 
ATOM   971  O  OE1 . GLN A 1 130 ? -12.589 -7.235  8.782   1.00 33.18 ? 131 GLN A OE1 1 
ATOM   972  N  NE2 . GLN A 1 130 ? -14.798 -6.882  9.071   1.00 34.51 ? 131 GLN A NE2 1 
HETATM 973  N  N   . MSE A 1 131 ? -8.758  -4.637  11.025  1.00 18.89 ? 132 MSE A N   1 
HETATM 974  C  CA  . MSE A 1 131 ? -7.812  -4.216  12.044  1.00 18.34 ? 132 MSE A CA  1 
HETATM 975  C  C   . MSE A 1 131 ? -6.957  -3.090  11.484  1.00 16.75 ? 132 MSE A C   1 
HETATM 976  O  O   . MSE A 1 131 ? -6.243  -2.422  12.222  1.00 17.17 ? 132 MSE A O   1 
HETATM 977  C  CB  . MSE A 1 131 ? -6.920  -5.383  12.475  1.00 21.53 ? 132 MSE A CB  1 
HETATM 978  C  CG  . MSE A 1 131 ? -7.594  -6.389  13.396  1.00 26.98 ? 132 MSE A CG  1 
HETATM 979  SE SE  . MSE A 1 131 ? -6.379  -7.811  13.906  1.00 36.19 ? 132 MSE A SE  1 
HETATM 980  C  CE  . MSE A 1 131 ? -5.272  -6.799  15.131  1.00 32.90 ? 132 MSE A CE  1 
ATOM   981  N  N   . VAL A 1 132 ? -7.036  -2.877  10.174  1.00 15.89 ? 133 VAL A N   1 
ATOM   982  C  CA  . VAL A 1 132 ? -6.247  -1.828  9.534   1.00 16.49 ? 133 VAL A CA  1 
ATOM   983  C  C   . VAL A 1 132 ? -6.829  -0.449  9.826   1.00 15.48 ? 133 VAL A C   1 
ATOM   984  O  O   . VAL A 1 132 ? -7.971  -0.167  9.486   1.00 16.28 ? 133 VAL A O   1 
ATOM   985  C  CB  . VAL A 1 132 ? -6.154  -2.035  7.987   1.00 14.67 ? 133 VAL A CB  1 
ATOM   986  C  CG1 . VAL A 1 132 ? -5.323  -0.914  7.359   1.00 13.27 ? 133 VAL A CG1 1 
ATOM   987  C  CG2 . VAL A 1 132 ? -5.521  -3.383  7.670   1.00 10.61 ? 133 VAL A CG2 1 
ATOM   988  N  N   . THR A 1 133 ? -6.026  0.408   10.448  1.00 16.22 ? 134 THR A N   1 
ATOM   989  C  CA  . THR A 1 133 ? -6.450  1.759   10.812  1.00 15.79 ? 134 THR A CA  1 
ATOM   990  C  C   . THR A 1 133 ? -5.668  2.851   10.090  1.00 17.54 ? 134 THR A C   1 
ATOM   991  O  O   . THR A 1 133 ? -6.129  3.992   10.005  1.00 18.56 ? 134 THR A O   1 
ATOM   992  C  CB  . THR A 1 133 ? -6.268  2.003   12.316  1.00 15.17 ? 134 THR A CB  1 
ATOM   993  O  OG1 . THR A 1 133 ? -4.878  1.885   12.641  1.00 15.54 ? 134 THR A OG1 1 
ATOM   994  C  CG2 . THR A 1 133 ? -7.056  0.977   13.128  1.00 14.13 ? 134 THR A CG2 1 
ATOM   995  N  N   . HIS A 1 134 ? -4.488  2.514   9.575   1.00 18.18 ? 135 HIS A N   1 
ATOM   996  C  CA  . HIS A 1 134 ? -3.667  3.512   8.890   1.00 20.44 ? 135 HIS A CA  1 
ATOM   997  C  C   . HIS A 1 134 ? -2.993  3.035   7.612   1.00 21.31 ? 135 HIS A C   1 
ATOM   998  O  O   . HIS A 1 134 ? -2.639  1.858   7.475   1.00 21.45 ? 135 HIS A O   1 
ATOM   999  C  CB  . HIS A 1 134 ? -2.559  4.037   9.822   1.00 21.12 ? 135 HIS A CB  1 
ATOM   1000 C  CG  . HIS A 1 134 ? -3.065  4.757   11.032  1.00 23.46 ? 135 HIS A CG  1 
ATOM   1001 N  ND1 . HIS A 1 134 ? -3.724  4.117   12.060  1.00 22.64 ? 135 HIS A ND1 1 
ATOM   1002 C  CD2 . HIS A 1 134 ? -3.028  6.070   11.366  1.00 22.04 ? 135 HIS A CD2 1 
ATOM   1003 C  CE1 . HIS A 1 134 ? -4.075  5.005   12.972  1.00 22.72 ? 135 HIS A CE1 1 
ATOM   1004 N  NE2 . HIS A 1 134 ? -3.665  6.197   12.574  1.00 22.91 ? 135 HIS A NE2 1 
ATOM   1005 N  N   . LEU A 1 135 ? -2.809  3.972   6.689   1.00 21.00 ? 136 LEU A N   1 
ATOM   1006 C  CA  . LEU A 1 135 ? -2.124  3.701   5.442   1.00 22.92 ? 136 LEU A CA  1 
ATOM   1007 C  C   . LEU A 1 135 ? -0.806  4.461   5.556   1.00 25.20 ? 136 LEU A C   1 
ATOM   1008 O  O   . LEU A 1 135 ? -0.790  5.686   5.722   1.00 24.89 ? 136 LEU A O   1 
ATOM   1009 C  CB  . LEU A 1 135 ? -2.915  4.216   4.248   1.00 23.51 ? 136 LEU A CB  1 
ATOM   1010 C  CG  . LEU A 1 135 ? -2.354  3.625   2.950   1.00 27.26 ? 136 LEU A CG  1 
ATOM   1011 C  CD1 . LEU A 1 135 ? -2.872  2.201   2.770   1.00 24.24 ? 136 LEU A CD1 1 
ATOM   1012 C  CD2 . LEU A 1 135 ? -2.759  4.488   1.776   1.00 29.09 ? 136 LEU A CD2 1 
ATOM   1013 N  N   . GLN A 1 136 ? 0.301   3.733   5.479   1.00 25.47 ? 137 GLN A N   1 
ATOM   1014 C  CA  . GLN A 1 136 ? 1.613   4.344   5.611   1.00 26.18 ? 137 GLN A CA  1 
ATOM   1015 C  C   . GLN A 1 136 ? 2.440   4.201   4.332   1.00 25.66 ? 137 GLN A C   1 
ATOM   1016 O  O   . GLN A 1 136 ? 2.534   3.115   3.758   1.00 23.77 ? 137 GLN A O   1 
ATOM   1017 C  CB  . GLN A 1 136 ? 2.334   3.702   6.797   1.00 28.93 ? 137 GLN A CB  1 
ATOM   1018 C  CG  . GLN A 1 136 ? 3.474   4.517   7.381   1.00 35.64 ? 137 GLN A CG  1 
ATOM   1019 C  CD  . GLN A 1 136 ? 4.834   3.919   7.084   1.00 38.55 ? 137 GLN A CD  1 
ATOM   1020 O  OE1 . GLN A 1 136 ? 5.041   2.715   7.230   1.00 42.70 ? 137 GLN A OE1 1 
ATOM   1021 N  NE2 . GLN A 1 136 ? 5.775   4.762   6.682   1.00 41.17 ? 137 GLN A NE2 1 
ATOM   1022 N  N   . VAL A 1 137 ? 3.031   5.308   3.891   1.00 25.26 ? 138 VAL A N   1 
ATOM   1023 C  CA  . VAL A 1 137 ? 3.853   5.327   2.682   1.00 25.86 ? 138 VAL A CA  1 
ATOM   1024 C  C   . VAL A 1 137 ? 5.229   5.948   2.934   1.00 29.00 ? 138 VAL A C   1 
ATOM   1025 O  O   . VAL A 1 137 ? 5.350   6.972   3.615   1.00 28.09 ? 138 VAL A O   1 
ATOM   1026 C  CB  . VAL A 1 137 ? 3.169   6.122   1.563   1.00 24.42 ? 138 VAL A CB  1 
ATOM   1027 C  CG1 . VAL A 1 137 ? 4.043   6.120   0.310   1.00 23.53 ? 138 VAL A CG1 1 
ATOM   1028 C  CG2 . VAL A 1 137 ? 1.806   5.527   1.269   1.00 24.81 ? 138 VAL A CG2 1 
ATOM   1029 N  N   . ASP A 1 138 ? 6.266   5.333   2.375   1.00 30.06 ? 139 ASP A N   1 
ATOM   1030 C  CA  . ASP A 1 138 ? 7.616   5.850   2.549   1.00 31.04 ? 139 ASP A CA  1 
ATOM   1031 C  C   . ASP A 1 138 ? 8.579   5.220   1.551   1.00 31.15 ? 139 ASP A C   1 
ATOM   1032 O  O   . ASP A 1 138 ? 8.358   4.102   1.078   1.00 30.87 ? 139 ASP A O   1 
ATOM   1033 C  CB  . ASP A 1 138 ? 8.084   5.590   3.984   1.00 32.10 ? 139 ASP A CB  1 
ATOM   1034 C  CG  . ASP A 1 138 ? 9.346   6.361   4.343   1.00 35.45 ? 139 ASP A CG  1 
ATOM   1035 O  OD1 . ASP A 1 138 ? 9.555   7.467   3.797   1.00 34.48 ? 139 ASP A OD1 1 
ATOM   1036 O  OD2 . ASP A 1 138 ? 10.123  5.867   5.191   1.00 37.70 ? 139 ASP A OD2 1 
ATOM   1037 N  N   . GLY A 1 139 ? 9.643   5.945   1.220   1.00 30.51 ? 140 GLY A N   1 
ATOM   1038 C  CA  . GLY A 1 139 ? 10.615  5.415   0.283   1.00 28.98 ? 140 GLY A CA  1 
ATOM   1039 C  C   . GLY A 1 139 ? 10.997  6.371   -0.826  1.00 28.62 ? 140 GLY A C   1 
ATOM   1040 O  O   . GLY A 1 139 ? 10.663  7.554   -0.789  1.00 30.70 ? 140 GLY A O   1 
ATOM   1041 N  N   . ASP A 1 140 ? 11.685  5.842   -1.831  1.00 29.27 ? 141 ASP A N   1 
ATOM   1042 C  CA  . ASP A 1 140 ? 12.162  6.633   -2.957  1.00 27.15 ? 141 ASP A CA  1 
ATOM   1043 C  C   . ASP A 1 140 ? 11.086  7.003   -3.959  1.00 26.61 ? 141 ASP A C   1 
ATOM   1044 O  O   . ASP A 1 140 ? 11.081  6.538   -5.104  1.00 25.56 ? 141 ASP A O   1 
ATOM   1045 C  CB  . ASP A 1 140 ? 13.301  5.889   -3.652  1.00 27.66 ? 141 ASP A CB  1 
ATOM   1046 C  CG  . ASP A 1 140 ? 14.332  5.367   -2.661  1.00 28.05 ? 141 ASP A CG  1 
ATOM   1047 O  OD1 . ASP A 1 140 ? 14.592  6.060   -1.654  1.00 28.72 ? 141 ASP A OD1 1 
ATOM   1048 O  OD2 . ASP A 1 140 ? 14.886  4.271   -2.886  1.00 29.01 ? 141 ASP A OD2 1 
ATOM   1049 N  N   . LEU A 1 141 ? 10.173  7.859   -3.519  1.00 25.72 ? 142 LEU A N   1 
ATOM   1050 C  CA  . LEU A 1 141 ? 9.099   8.306   -4.377  1.00 26.99 ? 142 LEU A CA  1 
ATOM   1051 C  C   . LEU A 1 141 ? 8.554   9.634   -3.899  1.00 28.13 ? 142 LEU A C   1 
ATOM   1052 O  O   . LEU A 1 141 ? 8.836   10.086  -2.792  1.00 29.36 ? 142 LEU A O   1 
ATOM   1053 C  CB  . LEU A 1 141 ? 7.971   7.253   -4.423  1.00 26.78 ? 142 LEU A CB  1 
ATOM   1054 C  CG  . LEU A 1 141 ? 6.957   6.957   -3.291  1.00 27.66 ? 142 LEU A CG  1 
ATOM   1055 C  CD1 . LEU A 1 141 ? 7.637   6.851   -1.934  1.00 26.41 ? 142 LEU A CD1 1 
ATOM   1056 C  CD2 . LEU A 1 141 ? 5.903   8.034   -3.259  1.00 29.55 ? 142 LEU A CD2 1 
ATOM   1057 N  N   . GLU A 1 142 ? 7.792   10.273  -4.766  1.00 31.00 ? 143 GLU A N   1 
ATOM   1058 C  CA  . GLU A 1 142 ? 7.154   11.526  -4.429  1.00 33.16 ? 143 GLU A CA  1 
ATOM   1059 C  C   . GLU A 1 142 ? 5.669   11.192  -4.360  1.00 32.31 ? 143 GLU A C   1 
ATOM   1060 O  O   . GLU A 1 142 ? 5.086   10.694  -5.325  1.00 31.32 ? 143 GLU A O   1 
ATOM   1061 C  CB  . GLU A 1 142 ? 7.440   12.574  -5.502  1.00 35.79 ? 143 GLU A CB  1 
ATOM   1062 C  CG  . GLU A 1 142 ? 8.839   13.155  -5.396  1.00 42.49 ? 143 GLU A CG  1 
ATOM   1063 C  CD  . GLU A 1 142 ? 9.133   14.180  -6.473  1.00 46.57 ? 143 GLU A CD  1 
ATOM   1064 O  OE1 . GLU A 1 142 ? 8.301   15.095  -6.673  1.00 48.21 ? 143 GLU A OE1 1 
ATOM   1065 O  OE2 . GLU A 1 142 ? 10.204  14.076  -7.112  1.00 50.20 ? 143 GLU A OE2 1 
ATOM   1066 N  N   . LEU A 1 143 ? 5.071   11.432  -3.198  1.00 32.08 ? 144 LEU A N   1 
ATOM   1067 C  CA  . LEU A 1 143 ? 3.660   11.139  -2.997  1.00 32.08 ? 144 LEU A CA  1 
ATOM   1068 C  C   . LEU A 1 143 ? 2.791   12.326  -3.376  1.00 32.73 ? 144 LEU A C   1 
ATOM   1069 O  O   . LEU A 1 143 ? 2.986   13.431  -2.889  1.00 35.31 ? 144 LEU A O   1 
ATOM   1070 C  CB  . LEU A 1 143 ? 3.412   10.747  -1.537  1.00 30.46 ? 144 LEU A CB  1 
ATOM   1071 C  CG  . LEU A 1 143 ? 1.977   10.401  -1.131  1.00 29.49 ? 144 LEU A CG  1 
ATOM   1072 C  CD1 . LEU A 1 143 ? 1.421   9.298   -2.034  1.00 28.83 ? 144 LEU A CD1 1 
ATOM   1073 C  CD2 . LEU A 1 143 ? 1.964   9.965   0.318   1.00 27.66 ? 144 LEU A CD2 1 
ATOM   1074 N  N   . GLN A 1 144 ? 1.829   12.092  -4.256  1.00 33.96 ? 145 GLN A N   1 
ATOM   1075 C  CA  . GLN A 1 144 ? 0.933   13.151  -4.686  1.00 35.55 ? 145 GLN A CA  1 
ATOM   1076 C  C   . GLN A 1 144 ? -0.374  13.120  -3.898  1.00 35.87 ? 145 GLN A C   1 
ATOM   1077 O  O   . GLN A 1 144 ? -0.883  14.167  -3.512  1.00 36.67 ? 145 GLN A O   1 
ATOM   1078 C  CB  . GLN A 1 144 ? 0.631   13.007  -6.168  1.00 38.18 ? 145 GLN A CB  1 
ATOM   1079 C  CG  . GLN A 1 144 ? -0.350  14.023  -6.694  1.00 42.75 ? 145 GLN A CG  1 
ATOM   1080 C  CD  . GLN A 1 144 ? -0.801  13.687  -8.098  1.00 47.38 ? 145 GLN A CD  1 
ATOM   1081 O  OE1 . GLN A 1 144 ? 0.020   13.369  -8.962  1.00 49.27 ? 145 GLN A OE1 1 
ATOM   1082 N  NE2 . GLN A 1 144 ? -2.109  13.757  -8.340  1.00 49.48 ? 145 GLN A NE2 1 
ATOM   1083 N  N   . SER A 1 145 ? -0.916  11.925  -3.661  1.00 34.41 ? 146 SER A N   1 
ATOM   1084 C  CA  . SER A 1 145 ? -2.166  11.799  -2.917  1.00 32.36 ? 146 SER A CA  1 
ATOM   1085 C  C   . SER A 1 145 ? -2.574  10.370  -2.599  1.00 31.82 ? 146 SER A C   1 
ATOM   1086 O  O   . SER A 1 145 ? -2.170  9.422   -3.272  1.00 31.40 ? 146 SER A O   1 
ATOM   1087 C  CB  . SER A 1 145 ? -3.309  12.456  -3.686  1.00 32.62 ? 146 SER A CB  1 
ATOM   1088 O  OG  . SER A 1 145 ? -3.599  11.736  -4.870  1.00 34.46 ? 146 SER A OG  1 
ATOM   1089 N  N   . ILE A 1 146 ? -3.391  10.239  -1.562  1.00 28.96 ? 147 ILE A N   1 
ATOM   1090 C  CA  . ILE A 1 146 ? -3.917  8.962   -1.118  1.00 27.63 ? 147 ILE A CA  1 
ATOM   1091 C  C   . ILE A 1 146 ? -5.405  9.174   -0.902  1.00 27.27 ? 147 ILE A C   1 
ATOM   1092 O  O   . ILE A 1 146 ? -5.796  9.982   -0.068  1.00 28.50 ? 147 ILE A O   1 
ATOM   1093 C  CB  . ILE A 1 146 ? -3.290  8.524   0.204   1.00 27.40 ? 147 ILE A CB  1 
ATOM   1094 C  CG1 . ILE A 1 146 ? -1.783  8.341   0.029   1.00 25.74 ? 147 ILE A CG1 1 
ATOM   1095 C  CG2 . ILE A 1 146 ? -3.945  7.240   0.678   1.00 26.99 ? 147 ILE A CG2 1 
ATOM   1096 C  CD1 . ILE A 1 146 ? -1.103  7.740   1.238   1.00 26.32 ? 147 ILE A CD1 1 
ATOM   1097 N  N   . ASN A 1 147 ? -6.226  8.452   -1.658  1.00 26.58 ? 148 ASN A N   1 
ATOM   1098 C  CA  . ASN A 1 147 ? -7.677  8.574   -1.573  1.00 24.87 ? 148 ASN A CA  1 
ATOM   1099 C  C   . ASN A 1 147 ? -8.396  7.261   -1.273  1.00 22.75 ? 148 ASN A C   1 
ATOM   1100 O  O   . ASN A 1 147 ? -7.940  6.182   -1.648  1.00 21.82 ? 148 ASN A O   1 
ATOM   1101 C  CB  . ASN A 1 147 ? -8.219  9.154   -2.878  1.00 28.01 ? 148 ASN A CB  1 
ATOM   1102 C  CG  . ASN A 1 147 ? -7.889  10.623  -3.045  1.00 32.74 ? 148 ASN A CG  1 
ATOM   1103 O  OD1 . ASN A 1 147 ? -8.019  11.179  -4.137  1.00 34.67 ? 148 ASN A OD1 1 
ATOM   1104 N  ND2 . ASN A 1 147 ? -7.470  11.267  -1.959  1.00 34.01 ? 148 ASN A ND2 1 
ATOM   1105 N  N   . PHE A 1 148 ? -9.530  7.373   -0.595  1.00 20.13 ? 149 PHE A N   1 
ATOM   1106 C  CA  . PHE A 1 148 ? -10.335 6.210   -0.242  1.00 18.10 ? 149 PHE A CA  1 
ATOM   1107 C  C   . PHE A 1 148 ? -11.629 6.228   -1.033  1.00 15.58 ? 149 PHE A C   1 
ATOM   1108 O  O   . PHE A 1 148 ? -12.122 7.287   -1.400  1.00 15.68 ? 149 PHE A O   1 
ATOM   1109 C  CB  . PHE A 1 148 ? -10.638 6.219   1.259   1.00 16.67 ? 149 PHE A CB  1 
ATOM   1110 C  CG  . PHE A 1 148 ? -9.409  6.168   2.114   1.00 16.16 ? 149 PHE A CG  1 
ATOM   1111 C  CD1 . PHE A 1 148 ? -8.587  5.038   2.104   1.00 15.41 ? 149 PHE A CD1 1 
ATOM   1112 C  CD2 . PHE A 1 148 ? -9.033  7.266   2.883   1.00 14.08 ? 149 PHE A CD2 1 
ATOM   1113 C  CE1 . PHE A 1 148 ? -7.402  5.002   2.844   1.00 14.70 ? 149 PHE A CE1 1 
ATOM   1114 C  CE2 . PHE A 1 148 ? -7.854  7.244   3.627   1.00 16.12 ? 149 PHE A CE2 1 
ATOM   1115 C  CZ  . PHE A 1 148 ? -7.031  6.102   3.606   1.00 15.28 ? 149 PHE A CZ  1 
ATOM   1116 N  N   . LEU A 1 149 ? -12.161 5.047   -1.313  1.00 16.52 ? 150 LEU A N   1 
ATOM   1117 C  CA  . LEU A 1 149 ? -13.412 4.915   -2.046  1.00 16.75 ? 150 LEU A CA  1 
ATOM   1118 C  C   . LEU A 1 149 ? -14.210 3.782   -1.439  1.00 18.23 ? 150 LEU A C   1 
ATOM   1119 O  O   . LEU A 1 149 ? -13.643 2.756   -1.050  1.00 19.36 ? 150 LEU A O   1 
ATOM   1120 C  CB  . LEU A 1 149 ? -13.154 4.603   -3.514  1.00 17.38 ? 150 LEU A CB  1 
ATOM   1121 C  CG  . LEU A 1 149 ? -12.764 5.766   -4.422  1.00 20.23 ? 150 LEU A CG  1 
ATOM   1122 C  CD1 . LEU A 1 149 ? -12.314 5.210   -5.771  1.00 21.21 ? 150 LEU A CD1 1 
ATOM   1123 C  CD2 . LEU A 1 149 ? -13.954 6.714   -4.592  1.00 16.07 ? 150 LEU A CD2 1 
ATOM   1124 N  N   . GLY A 1 150 ? -15.525 3.969   -1.362  1.00 16.63 ? 151 GLY A N   1 
ATOM   1125 C  CA  . GLY A 1 150 ? -16.386 2.947   -0.805  1.00 14.82 ? 151 GLY A CA  1 
ATOM   1126 C  C   . GLY A 1 150 ? -16.436 2.973   0.707   1.00 13.85 ? 151 GLY A C   1 
ATOM   1127 O  O   . GLY A 1 150 ? -15.702 3.718   1.349   1.00 13.36 ? 151 GLY A O   1 
ATOM   1128 N  N   . GLY A 1 151 ? -17.304 2.141   1.275   1.00 15.79 ? 152 GLY A N   1 
ATOM   1129 C  CA  . GLY A 1 151 ? -17.443 2.063   2.719   1.00 15.59 ? 152 GLY A CA  1 
ATOM   1130 C  C   . GLY A 1 151 ? -18.123 3.272   3.328   1.00 17.98 ? 152 GLY A C   1 
ATOM   1131 O  O   . GLY A 1 151 ? -18.678 4.111   2.625   1.00 17.67 ? 152 GLY A O   1 
ATOM   1132 N  N   . GLN A 1 152 ? -18.068 3.358   4.652   1.00 20.59 ? 153 GLN A N   1 
ATOM   1133 C  CA  . GLN A 1 152 ? -18.676 4.452   5.391   1.00 20.47 ? 153 GLN A CA  1 
ATOM   1134 C  C   . GLN A 1 152 ? -17.567 5.437   5.773   1.00 17.44 ? 153 GLN A C   1 
ATOM   1135 O  O   . GLN A 1 152 ? -16.689 5.120   6.575   1.00 14.45 ? 153 GLN A O   1 
ATOM   1136 C  CB  . GLN A 1 152 ? -19.372 3.889   6.636   1.00 25.17 ? 153 GLN A CB  1 
ATOM   1137 C  CG  . GLN A 1 152 ? -20.653 4.624   7.005   1.00 30.35 ? 153 GLN A CG  1 
ATOM   1138 C  CD  . GLN A 1 152 ? -20.411 6.096   7.293   1.00 32.88 ? 153 GLN A CD  1 
ATOM   1139 O  OE1 . GLN A 1 152 ? -19.566 6.441   8.119   1.00 35.35 ? 153 GLN A OE1 1 
ATOM   1140 N  NE2 . GLN A 1 152 ? -21.154 6.969   6.616   1.00 32.19 ? 153 GLN A NE2 1 
ATOM   1141 N  N   . PRO A 1 153 ? -17.604 6.653   5.202   1.00 16.31 ? 154 PRO A N   1 
ATOM   1142 C  CA  . PRO A 1 153 ? -16.601 7.696   5.456   1.00 15.15 ? 154 PRO A CA  1 
ATOM   1143 C  C   . PRO A 1 153 ? -16.552 8.349   6.846   1.00 14.32 ? 154 PRO A C   1 
ATOM   1144 O  O   . PRO A 1 153 ? -15.636 9.125   7.137   1.00 12.66 ? 154 PRO A O   1 
ATOM   1145 C  CB  . PRO A 1 153 ? -16.868 8.702   4.330   1.00 15.39 ? 154 PRO A CB  1 
ATOM   1146 C  CG  . PRO A 1 153 ? -18.351 8.609   4.162   1.00 16.22 ? 154 PRO A CG  1 
ATOM   1147 C  CD  . PRO A 1 153 ? -18.635 7.126   4.258   1.00 14.83 ? 154 PRO A CD  1 
ATOM   1148 N  N   . ALA A 1 154 ? -17.519 8.028   7.702   1.00 15.10 ? 155 ALA A N   1 
ATOM   1149 C  CA  . ALA A 1 154 ? -17.571 8.582   9.057   1.00 14.45 ? 155 ALA A CA  1 
ATOM   1150 C  C   . ALA A 1 154 ? -17.380 10.103  9.071   1.00 15.30 ? 155 ALA A C   1 
ATOM   1151 O  O   . ALA A 1 154 ? -18.243 10.837  8.596   1.00 16.00 ? 155 ALA A O   1 
ATOM   1152 C  CB  . ALA A 1 154 ? -16.516 7.917   9.932   1.00 16.96 ? 155 ALA A CB  1 
ATOM   1153 N  N   . ALA A 1 155 ? -16.246 10.573  9.591   1.00 14.23 ? 156 ALA A N   1 
ATOM   1154 C  CA  . ALA A 1 155 ? -15.986 12.014  9.670   1.00 15.81 ? 156 ALA A CA  1 
ATOM   1155 C  C   . ALA A 1 155 ? -15.385 12.692  8.436   1.00 16.02 ? 156 ALA A C   1 
ATOM   1156 O  O   . ALA A 1 155 ? -15.303 13.917  8.392   1.00 17.80 ? 156 ALA A O   1 
ATOM   1157 C  CB  . ALA A 1 155 ? -15.110 12.309  10.876  1.00 14.44 ? 156 ALA A CB  1 
ATOM   1158 N  N   . ALA A 1 156 ? -14.965 11.918  7.443   1.00 16.25 ? 157 ALA A N   1 
ATOM   1159 C  CA  . ALA A 1 156 ? -14.365 12.499  6.243   1.00 15.60 ? 157 ALA A CA  1 
ATOM   1160 C  C   . ALA A 1 156 ? -15.387 13.088  5.278   1.00 15.94 ? 157 ALA A C   1 
ATOM   1161 O  O   . ALA A 1 156 ? -16.279 12.393  4.805   1.00 15.76 ? 157 ALA A O   1 
ATOM   1162 C  CB  . ALA A 1 156 ? -13.520 11.454  5.523   1.00 14.60 ? 157 ALA A CB  1 
ATOM   1163 N  N   . PRO A 1 157 ? -15.270 14.391  4.978   1.00 16.40 ? 158 PRO A N   1 
ATOM   1164 C  CA  . PRO A 1 157 ? -16.214 15.022  4.049   1.00 17.05 ? 158 PRO A CA  1 
ATOM   1165 C  C   . PRO A 1 157 ? -15.874 14.597  2.618   1.00 17.81 ? 158 PRO A C   1 
ATOM   1166 O  O   . PRO A 1 157 ? -14.748 14.191  2.339   1.00 18.59 ? 158 PRO A O   1 
ATOM   1167 C  CB  . PRO A 1 157 ? -15.976 16.515  4.282   1.00 15.52 ? 158 PRO A CB  1 
ATOM   1168 C  CG  . PRO A 1 157 ? -14.494 16.559  4.553   1.00 16.01 ? 158 PRO A CG  1 
ATOM   1169 C  CD  . PRO A 1 157 ? -14.298 15.373  5.493   1.00 16.19 ? 158 PRO A CD  1 
ATOM   1170 N  N   . TYR A 1 158 ? -16.843 14.682  1.715   1.00 16.99 ? 159 TYR A N   1 
ATOM   1171 C  CA  . TYR A 1 158 ? -16.609 14.305  0.328   1.00 16.50 ? 159 TYR A CA  1 
ATOM   1172 C  C   . TYR A 1 158 ? -17.421 15.171  -0.629  1.00 17.12 ? 159 TYR A C   1 
ATOM   1173 O  O   . TYR A 1 158 ? -17.283 14.960  -1.851  1.00 19.19 ? 159 TYR A O   1 
ATOM   1174 C  CB  . TYR A 1 158 ? -16.942 12.817  0.116   1.00 13.02 ? 159 TYR A CB  1 
ATOM   1175 C  CG  . TYR A 1 158 ? -18.368 12.437  0.439   1.00 11.43 ? 159 TYR A CG  1 
ATOM   1176 C  CD1 . TYR A 1 158 ? -19.366 12.486  -0.537  1.00 10.08 ? 159 TYR A CD1 1 
ATOM   1177 C  CD2 . TYR A 1 158 ? -18.724 12.026  1.726   1.00 10.30 ? 159 TYR A CD2 1 
ATOM   1178 C  CE1 . TYR A 1 158 ? -20.678 12.129  -0.239  1.00 9.89  ? 159 TYR A CE1 1 
ATOM   1179 C  CE2 . TYR A 1 158 ? -20.031 11.667  2.035   1.00 7.54  ? 159 TYR A CE2 1 
ATOM   1180 C  CZ  . TYR A 1 158 ? -21.003 11.715  1.051   1.00 10.89 ? 159 TYR A CZ  1 
ATOM   1181 O  OH  . TYR A 1 158 ? -22.290 11.317  1.349   1.00 14.47 ? 159 TYR A OH  1 
ATOM   1182 O  OXT . TYR A 1 158 ? -18.180 16.044  -0.147  1.00 18.55 ? 159 TYR A OXT 1 
HETATM 1183 O  O   . HOH B 2 .   ? 10.677  -5.176  3.831   1.00 31.02 ? 160 HOH A O   1 
HETATM 1184 O  O   . HOH B 2 .   ? -16.311 1.427   5.735   1.00 14.13 ? 161 HOH A O   1 
HETATM 1185 O  O   . HOH B 2 .   ? -1.199  -13.897 1.804   1.00 10.60 ? 162 HOH A O   1 
HETATM 1186 O  O   . HOH B 2 .   ? -4.148  1.303   -11.641 1.00 11.75 ? 163 HOH A O   1 
HETATM 1187 O  O   . HOH B 2 .   ? -12.694 -12.378 -2.958  1.00 13.40 ? 164 HOH A O   1 
HETATM 1188 O  O   . HOH B 2 .   ? -15.671 -5.477  6.193   1.00 19.31 ? 165 HOH A O   1 
HETATM 1189 O  O   . HOH B 2 .   ? -8.065  -8.522  -14.044 1.00 12.98 ? 166 HOH A O   1 
HETATM 1190 O  O   . HOH B 2 .   ? 4.757   -4.842  15.555  1.00 31.99 ? 167 HOH A O   1 
HETATM 1191 O  O   . HOH B 2 .   ? -1.517  -14.249 -1.905  1.00 17.81 ? 168 HOH A O   1 
HETATM 1192 O  O   . HOH B 2 .   ? -6.078  -2.183  14.994  1.00 18.06 ? 169 HOH A O   1 
HETATM 1193 O  O   . HOH B 2 .   ? -6.370  -1.695  -18.007 1.00 18.87 ? 170 HOH A O   1 
HETATM 1194 O  O   . HOH B 2 .   ? -5.625  -8.061  5.233   1.00 17.36 ? 171 HOH A O   1 
HETATM 1195 O  O   . HOH B 2 .   ? -18.665 11.631  6.047   1.00 8.44  ? 172 HOH A O   1 
HETATM 1196 O  O   . HOH B 2 .   ? -16.878 -1.309  2.382   1.00 24.67 ? 173 HOH A O   1 
HETATM 1197 O  O   . HOH B 2 .   ? -3.362  -9.551  5.728   1.00 15.17 ? 174 HOH A O   1 
HETATM 1198 O  O   . HOH B 2 .   ? -10.608 -0.470  10.505  1.00 25.52 ? 175 HOH A O   1 
HETATM 1199 O  O   . HOH B 2 .   ? -3.504  -13.555 11.666  1.00 17.59 ? 176 HOH A O   1 
HETATM 1200 O  O   . HOH B 2 .   ? 6.459   4.708   -11.847 1.00 27.42 ? 177 HOH A O   1 
HETATM 1201 O  O   . HOH B 2 .   ? -7.888  -15.385 -3.015  1.00 24.36 ? 178 HOH A O   1 
HETATM 1202 O  O   . HOH B 2 .   ? 11.601  -2.177  3.011   1.00 30.90 ? 179 HOH A O   1 
HETATM 1203 O  O   . HOH B 2 .   ? -13.634 9.588   10.698  1.00 25.69 ? 180 HOH A O   1 
HETATM 1204 O  O   . HOH B 2 .   ? 9.445   -8.951  3.636   1.00 26.31 ? 181 HOH A O   1 
HETATM 1205 O  O   . HOH B 2 .   ? -4.488  -3.793  -18.457 1.00 20.34 ? 182 HOH A O   1 
HETATM 1206 O  O   . HOH B 2 .   ? 7.453   -14.242 -10.243 1.00 30.83 ? 183 HOH A O   1 
HETATM 1207 O  O   . HOH B 2 .   ? 17.744  5.932   -13.334 1.00 31.48 ? 184 HOH A O   1 
HETATM 1208 O  O   . HOH B 2 .   ? -14.506 3.752   5.492   1.00 27.41 ? 185 HOH A O   1 
HETATM 1209 O  O   . HOH B 2 .   ? -7.279  -15.533 1.014   1.00 8.29  ? 186 HOH A O   1 
HETATM 1210 O  O   . HOH B 2 .   ? -12.310 13.544  3.066   1.00 23.18 ? 187 HOH A O   1 
HETATM 1211 O  O   . HOH B 2 .   ? 4.934   -5.421  -14.304 1.00 21.93 ? 188 HOH A O   1 
HETATM 1212 O  O   . HOH B 2 .   ? 4.057   -14.422 -8.517  1.00 25.19 ? 189 HOH A O   1 
HETATM 1213 O  O   . HOH B 2 .   ? -17.312 -6.068  8.881   1.00 45.77 ? 190 HOH A O   1 
HETATM 1214 O  O   . HOH B 2 .   ? 7.775   -1.491  6.750   1.00 21.21 ? 191 HOH A O   1 
HETATM 1215 O  O   . HOH B 2 .   ? 5.773   -15.764 -3.868  1.00 28.26 ? 192 HOH A O   1 
HETATM 1216 O  O   . HOH B 2 .   ? -2.740  4.579   -15.736 1.00 32.44 ? 193 HOH A O   1 
HETATM 1217 O  O   . HOH B 2 .   ? 4.464   4.358   -13.813 1.00 26.31 ? 194 HOH A O   1 
HETATM 1218 O  O   . HOH B 2 .   ? -12.598 6.874   11.926  1.00 32.67 ? 195 HOH A O   1 
HETATM 1219 O  O   . HOH B 2 .   ? -3.437  9.071   13.910  1.00 41.86 ? 196 HOH A O   1 
HETATM 1220 O  O   . HOH B 2 .   ? -13.726 -1.880  9.566   1.00 30.64 ? 197 HOH A O   1 
HETATM 1221 O  O   . HOH B 2 .   ? 4.121   12.352  -11.571 1.00 47.56 ? 198 HOH A O   1 
HETATM 1222 O  O   . HOH B 2 .   ? -1.478  9.507   12.114  1.00 36.90 ? 199 HOH A O   1 
HETATM 1223 O  O   . HOH B 2 .   ? 10.415  -13.391 11.186  1.00 38.27 ? 200 HOH A O   1 
HETATM 1224 O  O   . HOH B 2 .   ? 3.440   16.677  5.426   1.00 45.55 ? 201 HOH A O   1 
HETATM 1225 O  O   . HOH B 2 .   ? -1.919  -7.687  15.447  1.00 37.43 ? 202 HOH A O   1 
HETATM 1226 O  O   . HOH B 2 .   ? -5.178  -14.851 -3.219  1.00 48.16 ? 203 HOH A O   1 
HETATM 1227 O  O   . HOH B 2 .   ? 8.538   3.437   7.164   1.00 40.38 ? 204 HOH A O   1 
HETATM 1228 O  O   . HOH B 2 .   ? -20.743 9.218   8.415   1.00 36.59 ? 205 HOH A O   1 
HETATM 1229 O  O   . HOH B 2 .   ? 12.833  1.975   -14.460 1.00 33.54 ? 206 HOH A O   1 
HETATM 1230 O  O   . HOH B 2 .   ? -8.058  11.199  7.157   1.00 39.24 ? 207 HOH A O   1 
HETATM 1231 O  O   . HOH B 2 .   ? -2.085  -6.976  -16.204 1.00 30.59 ? 208 HOH A O   1 
HETATM 1232 O  O   . HOH B 2 .   ? -15.469 16.169  9.831   1.00 25.74 ? 209 HOH A O   1 
HETATM 1233 O  O   . HOH B 2 .   ? -15.421 -0.053  8.713   1.00 30.76 ? 210 HOH A O   1 
HETATM 1234 O  O   . HOH B 2 .   ? -1.484  -12.724 -7.736  1.00 29.94 ? 211 HOH A O   1 
HETATM 1235 O  O   . HOH B 2 .   ? -9.911  -11.348 -8.190  1.00 32.57 ? 212 HOH A O   1 
HETATM 1236 O  O   . HOH B 2 .   ? 10.805  -7.406  4.596   1.00 30.09 ? 213 HOH A O   1 
HETATM 1237 O  O   . HOH B 2 .   ? -6.197  0.878   -18.764 1.00 26.13 ? 214 HOH A O   1 
HETATM 1238 O  O   . HOH B 2 .   ? 5.429   7.069   9.411   1.00 44.53 ? 215 HOH A O   1 
HETATM 1239 O  O   . HOH B 2 .   ? -4.520  -5.826  -16.861 1.00 12.62 ? 216 HOH A O   1 
HETATM 1240 O  O   . HOH B 2 .   ? 11.020  0.458   1.226   1.00 25.57 ? 217 HOH A O   1 
HETATM 1241 O  O   . HOH B 2 .   ? -16.516 -3.820  8.194   1.00 23.18 ? 218 HOH A O   1 
HETATM 1242 O  O   . HOH B 2 .   ? -17.480 -7.399  5.489   1.00 25.45 ? 219 HOH A O   1 
HETATM 1243 O  O   . HOH B 2 .   ? 13.889  -9.776  1.543   1.00 48.43 ? 220 HOH A O   1 
HETATM 1244 O  O   . HOH B 2 .   ? -6.009  -16.170 -1.250  1.00 31.93 ? 221 HOH A O   1 
HETATM 1245 O  O   . HOH B 2 .   ? 0.676   -13.477 -9.562  1.00 35.77 ? 222 HOH A O   1 
HETATM 1246 O  O   . HOH B 2 .   ? 10.833  -10.411 11.319  1.00 30.79 ? 223 HOH A O   1 
HETATM 1247 O  O   . HOH B 2 .   ? 9.778   -6.356  -15.498 1.00 38.26 ? 224 HOH A O   1 
HETATM 1248 O  O   . HOH B 2 .   ? 10.167  -2.041  5.815   1.00 34.53 ? 225 HOH A O   1 
HETATM 1249 O  O   . HOH B 2 .   ? -10.826 -16.018 -5.099  1.00 41.86 ? 226 HOH A O   1 
HETATM 1250 O  O   . HOH B 2 .   ? -5.232  9.590   -4.985  1.00 37.49 ? 227 HOH A O   1 
HETATM 1251 O  O   . HOH B 2 .   ? -3.641  1.160   -18.697 1.00 41.88 ? 228 HOH A O   1 
HETATM 1252 O  O   . HOH B 2 .   ? 15.515  0.414   -13.594 1.00 44.51 ? 229 HOH A O   1 
HETATM 1253 O  O   . HOH B 2 .   ? -12.843 8.059   15.042  1.00 34.65 ? 230 HOH A O   1 
HETATM 1254 O  O   . HOH B 2 .   ? 4.105   -13.379 14.042  1.00 30.28 ? 231 HOH A O   1 
HETATM 1255 O  O   . HOH B 2 .   ? 3.583   1.440   9.550   1.00 41.74 ? 232 HOH A O   1 
HETATM 1256 O  O   . HOH B 2 .   ? 10.169  -16.122 3.944   1.00 32.89 ? 233 HOH A O   1 
HETATM 1257 O  O   . HOH B 2 .   ? 0.164   1.373   -18.466 1.00 31.60 ? 234 HOH A O   1 
HETATM 1258 O  O   . HOH B 2 .   ? -11.060 -9.786  6.856   1.00 12.67 ? 235 HOH A O   1 
HETATM 1259 O  O   . HOH B 2 .   ? -14.982 -6.318  -2.981  1.00 17.48 ? 236 HOH A O   1 
HETATM 1260 O  O   . HOH B 2 .   ? -14.636 -4.741  -5.350  1.00 22.70 ? 237 HOH A O   1 
HETATM 1261 O  O   . HOH B 2 .   ? -17.241 -6.470  -1.894  1.00 22.30 ? 238 HOH A O   1 
HETATM 1262 O  O   . HOH B 2 .   ? 5.640   -1.354  10.917  1.00 29.72 ? 239 HOH A O   1 
HETATM 1263 O  O   . HOH B 2 .   ? -6.041  -8.423  -17.059 1.00 37.70 ? 240 HOH A O   1 
# 
